data_6IE8
# 
_entry.id   6IE8 
# 
_audit_conform.dict_name       mmcif_pdbx.dic 
_audit_conform.dict_version    5.380 
_audit_conform.dict_location   http://mmcif.pdb.org/dictionaries/ascii/mmcif_pdbx.dic 
# 
loop_
_database_2.database_id 
_database_2.database_code 
_database_2.pdbx_database_accession 
_database_2.pdbx_DOI 
PDB   6IE8         pdb_00006ie8 10.2210/pdb6ie8/pdb 
WWPDB D_1300009046 ?            ?                   
# 
_pdbx_database_status.status_code                     REL 
_pdbx_database_status.status_code_sf                  REL 
_pdbx_database_status.status_code_mr                  ? 
_pdbx_database_status.entry_id                        6IE8 
_pdbx_database_status.recvd_initial_deposition_date   2018-09-13 
_pdbx_database_status.SG_entry                        N 
_pdbx_database_status.deposit_site                    PDBJ 
_pdbx_database_status.process_site                    PDBJ 
_pdbx_database_status.status_code_cs                  ? 
_pdbx_database_status.methods_development_category    ? 
_pdbx_database_status.pdb_format_compatible           Y 
_pdbx_database_status.status_code_nmr_data            ? 
# 
loop_
_audit_author.name 
_audit_author.pdbx_ordinal 
_audit_author.identifier_ORCID 
'Nakashima, R.' 1 ? 
'Sakurai, K.'   2 ? 
'Yamasaki, S.'  3 ? 
'Nishino, K.'   4 ? 
# 
_citation.abstract                  ? 
_citation.abstract_id_CAS           ? 
_citation.book_id_ISBN              ? 
_citation.book_publisher            ? 
_citation.book_publisher_city       ? 
_citation.book_title                ? 
_citation.coordinate_linkage        ? 
_citation.country                   UK 
_citation.database_id_Medline       ? 
_citation.details                   ? 
_citation.id                        primary 
_citation.journal_abbrev            'Sci Rep' 
_citation.journal_id_ASTM           ? 
_citation.journal_id_CSD            ? 
_citation.journal_id_ISSN           2045-2322 
_citation.journal_full              ? 
_citation.journal_issue             ? 
_citation.journal_volume            9 
_citation.language                  ? 
_citation.page_first                177 
_citation.page_last                 177 
_citation.title                     'Crystal structure of the multidrug resistance regulator RamR complexed with bile acids.' 
_citation.year                      2019 
_citation.database_id_CSD           ? 
_citation.pdbx_database_id_DOI      10.1038/s41598-018-36025-8 
_citation.pdbx_database_id_PubMed   30655545 
_citation.unpublished_flag          ? 
# 
loop_
_citation_author.citation_id 
_citation_author.name 
_citation_author.ordinal 
_citation_author.identifier_ORCID 
primary 'Yamasaki, S.'   1 0000-0003-3370-5851 
primary 'Nakashima, R.'  2 ?                   
primary 'Sakurai, K.'    3 0000-0002-6948-1899 
primary 'Baucheron, S.'  4 ?                   
primary 'Giraud, E.'     5 0000-0002-2534-4040 
primary 'Doublet, B.'    6 0000-0003-0531-0967 
primary 'Cloeckaert, A.' 7 ?                   
primary 'Nishino, K.'    8 0000-0003-3349-1769 
# 
_cell.angle_alpha                  90.000 
_cell.angle_alpha_esd              ? 
_cell.angle_beta                   93.220 
_cell.angle_beta_esd               ? 
_cell.angle_gamma                  90.000 
_cell.angle_gamma_esd              ? 
_cell.entry_id                     6IE8 
_cell.details                      ? 
_cell.formula_units_Z              ? 
_cell.length_a                     87.207 
_cell.length_a_esd                 ? 
_cell.length_b                     53.613 
_cell.length_b_esd                 ? 
_cell.length_c                     43.941 
_cell.length_c_esd                 ? 
_cell.volume                       ? 
_cell.volume_esd                   ? 
_cell.Z_PDB                        4 
_cell.reciprocal_angle_alpha       ? 
_cell.reciprocal_angle_beta        ? 
_cell.reciprocal_angle_gamma       ? 
_cell.reciprocal_angle_alpha_esd   ? 
_cell.reciprocal_angle_beta_esd    ? 
_cell.reciprocal_angle_gamma_esd   ? 
_cell.reciprocal_length_a          ? 
_cell.reciprocal_length_b          ? 
_cell.reciprocal_length_c          ? 
_cell.reciprocal_length_a_esd      ? 
_cell.reciprocal_length_b_esd      ? 
_cell.reciprocal_length_c_esd      ? 
_cell.pdbx_unique_axis             ? 
# 
_symmetry.entry_id                         6IE8 
_symmetry.cell_setting                     ? 
_symmetry.Int_Tables_number                5 
_symmetry.space_group_name_Hall            ? 
_symmetry.space_group_name_H-M             'C 1 2 1' 
_symmetry.pdbx_full_space_group_name_H-M   ? 
# 
loop_
_entity.id 
_entity.type 
_entity.src_method 
_entity.pdbx_description 
_entity.formula_weight 
_entity.pdbx_number_of_molecules 
_entity.pdbx_ec 
_entity.pdbx_mutation 
_entity.pdbx_fragment 
_entity.details 
1 polymer     man 'Regulatory protein' 22044.262 1  ? ? ? ? 
2 non-polymer syn 'SULFATE ION'        96.063    1  ? ? ? ? 
3 non-polymer syn 'CHOLIC ACID'        408.571   1  ? ? ? ? 
4 water       nat water                18.015    23 ? ? ? ? 
# 
_entity_poly.entity_id                      1 
_entity_poly.type                           'polypeptide(L)' 
_entity_poly.nstd_linkage                   no 
_entity_poly.nstd_monomer                   no 
_entity_poly.pdbx_seq_one_letter_code       
;MVARPKSEDKKQALLEAATQAIAQSGIAASTAVIARNAGVAEGTLFRYFATKDELINTLYLHLKQDLCQSMIMELDRSIT
DAKMMTRFIWNSYISWGLNHPARHRAIRQLAVSEKLTKETEQRADDMFPELRDLCHRSVLMVFMSDEYRAFGDGLFLALA
ETTMDFAARDPARAGEYIALGFEAMWRALTREEQ
;
_entity_poly.pdbx_seq_one_letter_code_can   
;MVARPKSEDKKQALLEAATQAIAQSGIAASTAVIARNAGVAEGTLFRYFATKDELINTLYLHLKQDLCQSMIMELDRSIT
DAKMMTRFIWNSYISWGLNHPARHRAIRQLAVSEKLTKETEQRADDMFPELRDLCHRSVLMVFMSDEYRAFGDGLFLALA
ETTMDFAARDPARAGEYIALGFEAMWRALTREEQ
;
_entity_poly.pdbx_strand_id                 A 
_entity_poly.pdbx_target_identifier         ? 
# 
loop_
_entity_poly_seq.entity_id 
_entity_poly_seq.num 
_entity_poly_seq.mon_id 
_entity_poly_seq.hetero 
1 1   MET n 
1 2   VAL n 
1 3   ALA n 
1 4   ARG n 
1 5   PRO n 
1 6   LYS n 
1 7   SER n 
1 8   GLU n 
1 9   ASP n 
1 10  LYS n 
1 11  LYS n 
1 12  GLN n 
1 13  ALA n 
1 14  LEU n 
1 15  LEU n 
1 16  GLU n 
1 17  ALA n 
1 18  ALA n 
1 19  THR n 
1 20  GLN n 
1 21  ALA n 
1 22  ILE n 
1 23  ALA n 
1 24  GLN n 
1 25  SER n 
1 26  GLY n 
1 27  ILE n 
1 28  ALA n 
1 29  ALA n 
1 30  SER n 
1 31  THR n 
1 32  ALA n 
1 33  VAL n 
1 34  ILE n 
1 35  ALA n 
1 36  ARG n 
1 37  ASN n 
1 38  ALA n 
1 39  GLY n 
1 40  VAL n 
1 41  ALA n 
1 42  GLU n 
1 43  GLY n 
1 44  THR n 
1 45  LEU n 
1 46  PHE n 
1 47  ARG n 
1 48  TYR n 
1 49  PHE n 
1 50  ALA n 
1 51  THR n 
1 52  LYS n 
1 53  ASP n 
1 54  GLU n 
1 55  LEU n 
1 56  ILE n 
1 57  ASN n 
1 58  THR n 
1 59  LEU n 
1 60  TYR n 
1 61  LEU n 
1 62  HIS n 
1 63  LEU n 
1 64  LYS n 
1 65  GLN n 
1 66  ASP n 
1 67  LEU n 
1 68  CYS n 
1 69  GLN n 
1 70  SER n 
1 71  MET n 
1 72  ILE n 
1 73  MET n 
1 74  GLU n 
1 75  LEU n 
1 76  ASP n 
1 77  ARG n 
1 78  SER n 
1 79  ILE n 
1 80  THR n 
1 81  ASP n 
1 82  ALA n 
1 83  LYS n 
1 84  MET n 
1 85  MET n 
1 86  THR n 
1 87  ARG n 
1 88  PHE n 
1 89  ILE n 
1 90  TRP n 
1 91  ASN n 
1 92  SER n 
1 93  TYR n 
1 94  ILE n 
1 95  SER n 
1 96  TRP n 
1 97  GLY n 
1 98  LEU n 
1 99  ASN n 
1 100 HIS n 
1 101 PRO n 
1 102 ALA n 
1 103 ARG n 
1 104 HIS n 
1 105 ARG n 
1 106 ALA n 
1 107 ILE n 
1 108 ARG n 
1 109 GLN n 
1 110 LEU n 
1 111 ALA n 
1 112 VAL n 
1 113 SER n 
1 114 GLU n 
1 115 LYS n 
1 116 LEU n 
1 117 THR n 
1 118 LYS n 
1 119 GLU n 
1 120 THR n 
1 121 GLU n 
1 122 GLN n 
1 123 ARG n 
1 124 ALA n 
1 125 ASP n 
1 126 ASP n 
1 127 MET n 
1 128 PHE n 
1 129 PRO n 
1 130 GLU n 
1 131 LEU n 
1 132 ARG n 
1 133 ASP n 
1 134 LEU n 
1 135 CYS n 
1 136 HIS n 
1 137 ARG n 
1 138 SER n 
1 139 VAL n 
1 140 LEU n 
1 141 MET n 
1 142 VAL n 
1 143 PHE n 
1 144 MET n 
1 145 SER n 
1 146 ASP n 
1 147 GLU n 
1 148 TYR n 
1 149 ARG n 
1 150 ALA n 
1 151 PHE n 
1 152 GLY n 
1 153 ASP n 
1 154 GLY n 
1 155 LEU n 
1 156 PHE n 
1 157 LEU n 
1 158 ALA n 
1 159 LEU n 
1 160 ALA n 
1 161 GLU n 
1 162 THR n 
1 163 THR n 
1 164 MET n 
1 165 ASP n 
1 166 PHE n 
1 167 ALA n 
1 168 ALA n 
1 169 ARG n 
1 170 ASP n 
1 171 PRO n 
1 172 ALA n 
1 173 ARG n 
1 174 ALA n 
1 175 GLY n 
1 176 GLU n 
1 177 TYR n 
1 178 ILE n 
1 179 ALA n 
1 180 LEU n 
1 181 GLY n 
1 182 PHE n 
1 183 GLU n 
1 184 ALA n 
1 185 MET n 
1 186 TRP n 
1 187 ARG n 
1 188 ALA n 
1 189 LEU n 
1 190 THR n 
1 191 ARG n 
1 192 GLU n 
1 193 GLU n 
1 194 GLN n 
# 
_entity_src_gen.entity_id                          1 
_entity_src_gen.pdbx_src_id                        1 
_entity_src_gen.pdbx_alt_source_flag               sample 
_entity_src_gen.pdbx_seq_type                      'Biological sequence' 
_entity_src_gen.pdbx_beg_seq_num                   1 
_entity_src_gen.pdbx_end_seq_num                   194 
_entity_src_gen.gene_src_common_name               ? 
_entity_src_gen.gene_src_genus                     ? 
_entity_src_gen.pdbx_gene_src_gene                 STM14_0676 
_entity_src_gen.gene_src_species                   ? 
_entity_src_gen.gene_src_strain                    '14028s / SGSC 2262' 
_entity_src_gen.gene_src_tissue                    ? 
_entity_src_gen.gene_src_tissue_fraction           ? 
_entity_src_gen.gene_src_details                   ? 
_entity_src_gen.pdbx_gene_src_fragment             ? 
_entity_src_gen.pdbx_gene_src_scientific_name      'Salmonella typhimurium (strain 14028s / SGSC 2262)' 
_entity_src_gen.pdbx_gene_src_ncbi_taxonomy_id     588858 
_entity_src_gen.pdbx_gene_src_variant              ? 
_entity_src_gen.pdbx_gene_src_cell_line            ? 
_entity_src_gen.pdbx_gene_src_atcc                 ? 
_entity_src_gen.pdbx_gene_src_organ                ? 
_entity_src_gen.pdbx_gene_src_organelle            ? 
_entity_src_gen.pdbx_gene_src_cell                 ? 
_entity_src_gen.pdbx_gene_src_cellular_location    ? 
_entity_src_gen.host_org_common_name               ? 
_entity_src_gen.pdbx_host_org_scientific_name      'Escherichia coli' 
_entity_src_gen.pdbx_host_org_ncbi_taxonomy_id     562 
_entity_src_gen.host_org_genus                     ? 
_entity_src_gen.pdbx_host_org_gene                 ? 
_entity_src_gen.pdbx_host_org_organ                ? 
_entity_src_gen.host_org_species                   ? 
_entity_src_gen.pdbx_host_org_tissue               ? 
_entity_src_gen.pdbx_host_org_tissue_fraction      ? 
_entity_src_gen.pdbx_host_org_strain               ? 
_entity_src_gen.pdbx_host_org_variant              ? 
_entity_src_gen.pdbx_host_org_cell_line            ? 
_entity_src_gen.pdbx_host_org_atcc                 ? 
_entity_src_gen.pdbx_host_org_culture_collection   ? 
_entity_src_gen.pdbx_host_org_cell                 ? 
_entity_src_gen.pdbx_host_org_organelle            ? 
_entity_src_gen.pdbx_host_org_cellular_location    ? 
_entity_src_gen.pdbx_host_org_vector_type          ? 
_entity_src_gen.pdbx_host_org_vector               ? 
_entity_src_gen.host_org_details                   ? 
_entity_src_gen.expression_system_id               ? 
_entity_src_gen.plasmid_name                       ? 
_entity_src_gen.plasmid_details                    ? 
_entity_src_gen.pdbx_description                   ? 
# 
_struct_ref.id                         1 
_struct_ref.db_name                    UNP 
_struct_ref.db_code                    A0A0F6AY66_SALT1 
_struct_ref.pdbx_db_accession          A0A0F6AY66 
_struct_ref.pdbx_db_isoform            ? 
_struct_ref.entity_id                  1 
_struct_ref.pdbx_seq_one_letter_code   
;MARPKSEDKKQALLEAATQAIAQSGIAASTAVIARNAGVAEGTLFRYFATKDELINTLYLHLKQDLCQSMIMELDRSITD
AKMMTRFIWNSYISWGLNHPARHRAIRQLAVSEKLTKETEQRADDMFPELRDLCHRSVLMVFMSDEYRAFGDGLFLALAE
TTMDFAARDPARAGEYIALGFEAMWRALTREEQ
;
_struct_ref.pdbx_align_begin           1 
# 
_struct_ref_seq.align_id                      1 
_struct_ref_seq.ref_id                        1 
_struct_ref_seq.pdbx_PDB_id_code              6IE8 
_struct_ref_seq.pdbx_strand_id                A 
_struct_ref_seq.seq_align_beg                 1 
_struct_ref_seq.pdbx_seq_align_beg_ins_code   ? 
_struct_ref_seq.seq_align_end                 194 
_struct_ref_seq.pdbx_seq_align_end_ins_code   ? 
_struct_ref_seq.pdbx_db_accession             A0A0F6AY66 
_struct_ref_seq.db_align_beg                  1 
_struct_ref_seq.pdbx_db_align_beg_ins_code    ? 
_struct_ref_seq.db_align_end                  193 
_struct_ref_seq.pdbx_db_align_end_ins_code    ? 
_struct_ref_seq.pdbx_auth_seq_align_beg       0 
_struct_ref_seq.pdbx_auth_seq_align_end       193 
# 
_struct_ref_seq_dif.align_id                     1 
_struct_ref_seq_dif.pdbx_pdb_id_code             6IE8 
_struct_ref_seq_dif.mon_id                       VAL 
_struct_ref_seq_dif.pdbx_pdb_strand_id           A 
_struct_ref_seq_dif.seq_num                      2 
_struct_ref_seq_dif.pdbx_pdb_ins_code            ? 
_struct_ref_seq_dif.pdbx_seq_db_name             UNP 
_struct_ref_seq_dif.pdbx_seq_db_accession_code   A0A0F6AY66 
_struct_ref_seq_dif.db_mon_id                    ? 
_struct_ref_seq_dif.pdbx_seq_db_seq_num          ? 
_struct_ref_seq_dif.details                      insertion 
_struct_ref_seq_dif.pdbx_auth_seq_num            1 
_struct_ref_seq_dif.pdbx_ordinal                 1 
# 
loop_
_chem_comp.id 
_chem_comp.type 
_chem_comp.mon_nstd_flag 
_chem_comp.name 
_chem_comp.pdbx_synonyms 
_chem_comp.formula 
_chem_comp.formula_weight 
ALA 'L-peptide linking' y ALANINE         ? 'C3 H7 N O2'     89.093  
ARG 'L-peptide linking' y ARGININE        ? 'C6 H15 N4 O2 1' 175.209 
ASN 'L-peptide linking' y ASPARAGINE      ? 'C4 H8 N2 O3'    132.118 
ASP 'L-peptide linking' y 'ASPARTIC ACID' ? 'C4 H7 N O4'     133.103 
CHD non-polymer         . 'CHOLIC ACID'   ? 'C24 H40 O5'     408.571 
CYS 'L-peptide linking' y CYSTEINE        ? 'C3 H7 N O2 S'   121.158 
GLN 'L-peptide linking' y GLUTAMINE       ? 'C5 H10 N2 O3'   146.144 
GLU 'L-peptide linking' y 'GLUTAMIC ACID' ? 'C5 H9 N O4'     147.129 
GLY 'peptide linking'   y GLYCINE         ? 'C2 H5 N O2'     75.067  
HIS 'L-peptide linking' y HISTIDINE       ? 'C6 H10 N3 O2 1' 156.162 
HOH non-polymer         . WATER           ? 'H2 O'           18.015  
ILE 'L-peptide linking' y ISOLEUCINE      ? 'C6 H13 N O2'    131.173 
LEU 'L-peptide linking' y LEUCINE         ? 'C6 H13 N O2'    131.173 
LYS 'L-peptide linking' y LYSINE          ? 'C6 H15 N2 O2 1' 147.195 
MET 'L-peptide linking' y METHIONINE      ? 'C5 H11 N O2 S'  149.211 
PHE 'L-peptide linking' y PHENYLALANINE   ? 'C9 H11 N O2'    165.189 
PRO 'L-peptide linking' y PROLINE         ? 'C5 H9 N O2'     115.130 
SER 'L-peptide linking' y SERINE          ? 'C3 H7 N O3'     105.093 
SO4 non-polymer         . 'SULFATE ION'   ? 'O4 S -2'        96.063  
THR 'L-peptide linking' y THREONINE       ? 'C4 H9 N O3'     119.119 
TRP 'L-peptide linking' y TRYPTOPHAN      ? 'C11 H12 N2 O2'  204.225 
TYR 'L-peptide linking' y TYROSINE        ? 'C9 H11 N O3'    181.189 
VAL 'L-peptide linking' y VALINE          ? 'C5 H11 N O2'    117.146 
# 
_exptl.absorpt_coefficient_mu     ? 
_exptl.absorpt_correction_T_max   ? 
_exptl.absorpt_correction_T_min   ? 
_exptl.absorpt_correction_type    ? 
_exptl.absorpt_process_details    ? 
_exptl.entry_id                   6IE8 
_exptl.crystals_number            1 
_exptl.details                    ? 
_exptl.method                     'X-RAY DIFFRACTION' 
_exptl.method_details             ? 
# 
_exptl_crystal.colour                      ? 
_exptl_crystal.density_diffrn              ? 
_exptl_crystal.density_Matthews            2.46 
_exptl_crystal.density_method              ? 
_exptl_crystal.density_percent_sol         49.90 
_exptl_crystal.description                 ? 
_exptl_crystal.F_000                       ? 
_exptl_crystal.id                          1 
_exptl_crystal.preparation                 ? 
_exptl_crystal.size_max                    ? 
_exptl_crystal.size_mid                    ? 
_exptl_crystal.size_min                    ? 
_exptl_crystal.size_rad                    ? 
_exptl_crystal.colour_lustre               ? 
_exptl_crystal.colour_modifier             ? 
_exptl_crystal.colour_primary              ? 
_exptl_crystal.density_meas                ? 
_exptl_crystal.density_meas_esd            ? 
_exptl_crystal.density_meas_gt             ? 
_exptl_crystal.density_meas_lt             ? 
_exptl_crystal.density_meas_temp           ? 
_exptl_crystal.density_meas_temp_esd       ? 
_exptl_crystal.density_meas_temp_gt        ? 
_exptl_crystal.density_meas_temp_lt        ? 
_exptl_crystal.pdbx_crystal_image_url      ? 
_exptl_crystal.pdbx_crystal_image_format   ? 
_exptl_crystal.pdbx_mosaicity              ? 
_exptl_crystal.pdbx_mosaicity_esd          ? 
# 
_exptl_crystal_grow.apparatus       ? 
_exptl_crystal_grow.atmosphere      ? 
_exptl_crystal_grow.crystal_id      1 
_exptl_crystal_grow.details         ? 
_exptl_crystal_grow.method          'VAPOR DIFFUSION, HANGING DROP' 
_exptl_crystal_grow.method_ref      ? 
_exptl_crystal_grow.pH              ? 
_exptl_crystal_grow.pressure        ? 
_exptl_crystal_grow.pressure_esd    ? 
_exptl_crystal_grow.seeding         ? 
_exptl_crystal_grow.seeding_ref     ? 
_exptl_crystal_grow.temp            298 
_exptl_crystal_grow.temp_details    ? 
_exptl_crystal_grow.temp_esd        ? 
_exptl_crystal_grow.time            ? 
_exptl_crystal_grow.pdbx_details    '0.1M MES pH6.5, 0.2M Ammonium Sulfate, 20% PEG6000' 
_exptl_crystal_grow.pdbx_pH_range   ? 
# 
_diffrn.ambient_environment              ? 
_diffrn.ambient_temp                     100 
_diffrn.ambient_temp_details             ? 
_diffrn.ambient_temp_esd                 ? 
_diffrn.crystal_id                       1 
_diffrn.crystal_support                  ? 
_diffrn.crystal_treatment                ? 
_diffrn.details                          ? 
_diffrn.id                               1 
_diffrn.ambient_pressure                 ? 
_diffrn.ambient_pressure_esd             ? 
_diffrn.ambient_pressure_gt              ? 
_diffrn.ambient_pressure_lt              ? 
_diffrn.ambient_temp_gt                  ? 
_diffrn.ambient_temp_lt                  ? 
_diffrn.pdbx_serial_crystal_experiment   ? 
# 
_diffrn_detector.details                      ? 
_diffrn_detector.detector                     CCD 
_diffrn_detector.diffrn_id                    1 
_diffrn_detector.type                         'ADSC QUANTUM 315' 
_diffrn_detector.area_resol_mean              ? 
_diffrn_detector.dtime                        ? 
_diffrn_detector.pdbx_frames_total            ? 
_diffrn_detector.pdbx_collection_time_total   ? 
_diffrn_detector.pdbx_collection_date         2013-02-01 
_diffrn_detector.pdbx_frequency               ? 
# 
_diffrn_radiation.collimation                      ? 
_diffrn_radiation.diffrn_id                        1 
_diffrn_radiation.filter_edge                      ? 
_diffrn_radiation.inhomogeneity                    ? 
_diffrn_radiation.monochromator                    ? 
_diffrn_radiation.polarisn_norm                    ? 
_diffrn_radiation.polarisn_ratio                   ? 
_diffrn_radiation.probe                            ? 
_diffrn_radiation.type                             ? 
_diffrn_radiation.xray_symbol                      ? 
_diffrn_radiation.wavelength_id                    1 
_diffrn_radiation.pdbx_monochromatic_or_laue_m_l   M 
_diffrn_radiation.pdbx_wavelength_list             ? 
_diffrn_radiation.pdbx_wavelength                  ? 
_diffrn_radiation.pdbx_diffrn_protocol             'SINGLE WAVELENGTH' 
_diffrn_radiation.pdbx_analyzer                    ? 
_diffrn_radiation.pdbx_scattering_type             x-ray 
# 
_diffrn_radiation_wavelength.id           1 
_diffrn_radiation_wavelength.wavelength   0.900 
_diffrn_radiation_wavelength.wt           1.0 
# 
_diffrn_source.current                     ? 
_diffrn_source.details                     ? 
_diffrn_source.diffrn_id                   1 
_diffrn_source.power                       ? 
_diffrn_source.size                        ? 
_diffrn_source.source                      SYNCHROTRON 
_diffrn_source.target                      ? 
_diffrn_source.type                        'SPRING-8 BEAMLINE BL44XU' 
_diffrn_source.voltage                     ? 
_diffrn_source.take-off_angle              ? 
_diffrn_source.pdbx_wavelength_list        0.900 
_diffrn_source.pdbx_wavelength             ? 
_diffrn_source.pdbx_synchrotron_beamline   BL44XU 
_diffrn_source.pdbx_synchrotron_site       SPring-8 
# 
_reflns.B_iso_Wilson_estimate            ? 
_reflns.entry_id                         6IE8 
_reflns.data_reduction_details           ? 
_reflns.data_reduction_method            ? 
_reflns.d_resolution_high                2.000 
_reflns.d_resolution_low                 100.000 
_reflns.details                          ? 
_reflns.limit_h_max                      ? 
_reflns.limit_h_min                      ? 
_reflns.limit_k_max                      ? 
_reflns.limit_k_min                      ? 
_reflns.limit_l_max                      ? 
_reflns.limit_l_min                      ? 
_reflns.number_all                       ? 
_reflns.number_obs                       13733 
_reflns.observed_criterion               ? 
_reflns.observed_criterion_F_max         ? 
_reflns.observed_criterion_F_min         ? 
_reflns.observed_criterion_I_max         ? 
_reflns.observed_criterion_I_min         ? 
_reflns.observed_criterion_sigma_F       ? 
_reflns.observed_criterion_sigma_I       ? 
_reflns.percent_possible_obs             99.100 
_reflns.R_free_details                   ? 
_reflns.Rmerge_F_all                     ? 
_reflns.Rmerge_F_obs                     ? 
_reflns.Friedel_coverage                 ? 
_reflns.number_gt                        ? 
_reflns.threshold_expression             ? 
_reflns.pdbx_redundancy                  7.600 
_reflns.pdbx_Rmerge_I_obs                0.068 
_reflns.pdbx_Rmerge_I_all                ? 
_reflns.pdbx_Rsym_value                  ? 
_reflns.pdbx_netI_over_av_sigmaI         37.268 
_reflns.pdbx_netI_over_sigmaI            11.000 
_reflns.pdbx_res_netI_over_av_sigmaI_2   ? 
_reflns.pdbx_res_netI_over_sigmaI_2      ? 
_reflns.pdbx_chi_squared                 1.295 
_reflns.pdbx_scaling_rejects             ? 
_reflns.pdbx_d_res_high_opt              ? 
_reflns.pdbx_d_res_low_opt               ? 
_reflns.pdbx_d_res_opt_method            ? 
_reflns.phase_calculation_details        ? 
_reflns.pdbx_Rrim_I_all                  ? 
_reflns.pdbx_Rpim_I_all                  ? 
_reflns.pdbx_d_opt                       ? 
_reflns.pdbx_number_measured_all         104226 
_reflns.pdbx_diffrn_id                   1 
_reflns.pdbx_ordinal                     1 
_reflns.pdbx_CC_half                     ? 
_reflns.pdbx_R_split                     ? 
# 
loop_
_reflns_shell.d_res_high 
_reflns_shell.d_res_low 
_reflns_shell.meanI_over_sigI_all 
_reflns_shell.meanI_over_sigI_obs 
_reflns_shell.number_measured_all 
_reflns_shell.number_measured_obs 
_reflns_shell.number_possible 
_reflns_shell.number_unique_all 
_reflns_shell.number_unique_obs 
_reflns_shell.percent_possible_all 
_reflns_shell.percent_possible_obs 
_reflns_shell.Rmerge_F_all 
_reflns_shell.Rmerge_F_obs 
_reflns_shell.Rmerge_I_all 
_reflns_shell.Rmerge_I_obs 
_reflns_shell.meanI_over_sigI_gt 
_reflns_shell.meanI_over_uI_all 
_reflns_shell.meanI_over_uI_gt 
_reflns_shell.number_measured_gt 
_reflns_shell.number_unique_gt 
_reflns_shell.percent_possible_gt 
_reflns_shell.Rmerge_F_gt 
_reflns_shell.Rmerge_I_gt 
_reflns_shell.pdbx_redundancy 
_reflns_shell.pdbx_Rsym_value 
_reflns_shell.pdbx_chi_squared 
_reflns_shell.pdbx_netI_over_sigmaI_all 
_reflns_shell.pdbx_netI_over_sigmaI_obs 
_reflns_shell.pdbx_Rrim_I_all 
_reflns_shell.pdbx_Rpim_I_all 
_reflns_shell.pdbx_rejects 
_reflns_shell.pdbx_ordinal 
_reflns_shell.pdbx_diffrn_id 
_reflns_shell.pdbx_CC_half 
_reflns_shell.pdbx_R_split 
2.000 2.030   ? ? ? ? ? ? 682 99.100  ? ? ? ? 0.521 ? ? ? ? ? ? ? ? 7.800 ? 0.999 ? ? ? ? ? 1  1 ? ? 
2.030 2.070   ? ? ? ? ? ? ?   98.700  ? ? ? ? 0.416 ? ? ? ? ? ? ? ? 7.700 ? 1.067 ? ? ? ? ? 2  1 ? ? 
2.070 2.110   ? ? ? ? ? ? ?   99.300  ? ? ? ? 0.346 ? ? ? ? ? ? ? ? 7.700 ? 0.965 ? ? ? ? ? 3  1 ? ? 
2.110 2.150   ? ? ? ? ? ? ?   98.800  ? ? ? ? 0.321 ? ? ? ? ? ? ? ? 7.800 ? 0.980 ? ? ? ? ? 4  1 ? ? 
2.150 2.200   ? ? ? ? ? ? ?   99.100  ? ? ? ? 0.268 ? ? ? ? ? ? ? ? 7.600 ? 0.930 ? ? ? ? ? 5  1 ? ? 
2.200 2.250   ? ? ? ? ? ? ?   99.400  ? ? ? ? 0.240 ? ? ? ? ? ? ? ? 7.700 ? 1.104 ? ? ? ? ? 6  1 ? ? 
2.250 2.310   ? ? ? ? ? ? ?   99.000  ? ? ? ? 0.200 ? ? ? ? ? ? ? ? 7.700 ? 0.987 ? ? ? ? ? 7  1 ? ? 
2.310 2.370   ? ? ? ? ? ? ?   99.400  ? ? ? ? 0.158 ? ? ? ? ? ? ? ? 7.700 ? 0.979 ? ? ? ? ? 8  1 ? ? 
2.370 2.440   ? ? ? ? ? ? ?   99.200  ? ? ? ? 0.128 ? ? ? ? ? ? ? ? 7.700 ? 0.927 ? ? ? ? ? 9  1 ? ? 
2.440 2.520   ? ? ? ? ? ? ?   99.400  ? ? ? ? 0.119 ? ? ? ? ? ? ? ? 7.700 ? 0.976 ? ? ? ? ? 10 1 ? ? 
2.520 2.610   ? ? ? ? ? ? ?   99.600  ? ? ? ? 0.107 ? ? ? ? ? ? ? ? 7.700 ? 1.009 ? ? ? ? ? 11 1 ? ? 
2.610 2.710   ? ? ? ? ? ? ?   99.400  ? ? ? ? 0.085 ? ? ? ? ? ? ? ? 7.700 ? 1.028 ? ? ? ? ? 12 1 ? ? 
2.710 2.840   ? ? ? ? ? ? ?   99.900  ? ? ? ? 0.075 ? ? ? ? ? ? ? ? 7.700 ? 1.136 ? ? ? ? ? 13 1 ? ? 
2.840 2.990   ? ? ? ? ? ? ?   99.600  ? ? ? ? 0.074 ? ? ? ? ? ? ? ? 7.700 ? 1.289 ? ? ? ? ? 14 1 ? ? 
2.990 3.170   ? ? ? ? ? ? ?   99.700  ? ? ? ? 0.069 ? ? ? ? ? ? ? ? 7.600 ? 1.529 ? ? ? ? ? 15 1 ? ? 
3.170 3.420   ? ? ? ? ? ? ?   99.700  ? ? ? ? 0.060 ? ? ? ? ? ? ? ? 7.500 ? 1.967 ? ? ? ? ? 16 1 ? ? 
3.420 3.760   ? ? ? ? ? ? ?   99.900  ? ? ? ? 0.056 ? ? ? ? ? ? ? ? 7.200 ? 2.281 ? ? ? ? ? 17 1 ? ? 
3.760 4.310   ? ? ? ? ? ? ?   100.000 ? ? ? ? 0.044 ? ? ? ? ? ? ? ? 7.500 ? 2.180 ? ? ? ? ? 18 1 ? ? 
4.310 5.430   ? ? ? ? ? ? ?   99.700  ? ? ? ? 0.037 ? ? ? ? ? ? ? ? 7.300 ? 1.991 ? ? ? ? ? 19 1 ? ? 
5.430 100.000 ? ? ? ? ? ? ?   94.200  ? ? ? ? 0.033 ? ? ? ? ? ? ? ? 6.800 ? 1.736 ? ? ? ? ? 20 1 ? ? 
# 
_refine.aniso_B[1][1]                            0.0100 
_refine.aniso_B[1][2]                            0.0000 
_refine.aniso_B[1][3]                            0.0000 
_refine.aniso_B[2][2]                            0.0000 
_refine.aniso_B[2][3]                            -0.0000 
_refine.aniso_B[3][3]                            -0.0200 
_refine.B_iso_max                                146.910 
_refine.B_iso_mean                               43.9970 
_refine.B_iso_min                                14.320 
_refine.correlation_coeff_Fo_to_Fc               0.9510 
_refine.correlation_coeff_Fo_to_Fc_free          0.9370 
_refine.details                                  
'HYDROGENS HAVE BEEN ADDED IN THE RIDING POSITIONS U VALUES      : REFINED INDIVIDUALLY' 
_refine.diff_density_max                         ? 
_refine.diff_density_max_esd                     ? 
_refine.diff_density_min                         ? 
_refine.diff_density_min_esd                     ? 
_refine.diff_density_rms                         ? 
_refine.diff_density_rms_esd                     ? 
_refine.entry_id                                 6IE8 
_refine.pdbx_refine_id                           'X-RAY DIFFRACTION' 
_refine.ls_abs_structure_details                 ? 
_refine.ls_abs_structure_Flack                   ? 
_refine.ls_abs_structure_Flack_esd               ? 
_refine.ls_abs_structure_Rogers                  ? 
_refine.ls_abs_structure_Rogers_esd              ? 
_refine.ls_d_res_high                            2.0000 
_refine.ls_d_res_low                             43.8700 
_refine.ls_extinction_coef                       ? 
_refine.ls_extinction_coef_esd                   ? 
_refine.ls_extinction_expression                 ? 
_refine.ls_extinction_method                     ? 
_refine.ls_goodness_of_fit_all                   ? 
_refine.ls_goodness_of_fit_all_esd               ? 
_refine.ls_goodness_of_fit_obs                   ? 
_refine.ls_goodness_of_fit_obs_esd               ? 
_refine.ls_hydrogen_treatment                    ? 
_refine.ls_matrix_type                           ? 
_refine.ls_number_constraints                    ? 
_refine.ls_number_parameters                     ? 
_refine.ls_number_reflns_all                     ? 
_refine.ls_number_reflns_obs                     13046 
_refine.ls_number_reflns_R_free                  687 
_refine.ls_number_reflns_R_work                  ? 
_refine.ls_number_restraints                     ? 
_refine.ls_percent_reflns_obs                    99.0400 
_refine.ls_percent_reflns_R_free                 5.0000 
_refine.ls_R_factor_all                          ? 
_refine.ls_R_factor_obs                          0.1900 
_refine.ls_R_factor_R_free                       0.2321 
_refine.ls_R_factor_R_free_error                 ? 
_refine.ls_R_factor_R_free_error_details         ? 
_refine.ls_R_factor_R_work                       0.1878 
_refine.ls_R_Fsqd_factor_obs                     ? 
_refine.ls_R_I_factor_obs                        ? 
_refine.ls_redundancy_reflns_all                 ? 
_refine.ls_redundancy_reflns_obs                 ? 
_refine.ls_restrained_S_all                      ? 
_refine.ls_restrained_S_obs                      ? 
_refine.ls_shift_over_esd_max                    ? 
_refine.ls_shift_over_esd_mean                   ? 
_refine.ls_structure_factor_coef                 ? 
_refine.ls_weighting_details                     ? 
_refine.ls_weighting_scheme                      ? 
_refine.ls_wR_factor_all                         ? 
_refine.ls_wR_factor_obs                         ? 
_refine.ls_wR_factor_R_free                      ? 
_refine.ls_wR_factor_R_work                      ? 
_refine.occupancy_max                            ? 
_refine.occupancy_min                            ? 
_refine.solvent_model_details                    ? 
_refine.solvent_model_param_bsol                 ? 
_refine.solvent_model_param_ksol                 ? 
_refine.ls_R_factor_gt                           ? 
_refine.ls_goodness_of_fit_gt                    ? 
_refine.ls_goodness_of_fit_ref                   ? 
_refine.ls_shift_over_su_max                     ? 
_refine.ls_shift_over_su_max_lt                  ? 
_refine.ls_shift_over_su_mean                    ? 
_refine.ls_shift_over_su_mean_lt                 ? 
_refine.pdbx_ls_sigma_I                          ? 
_refine.pdbx_ls_sigma_F                          0.000 
_refine.pdbx_ls_sigma_Fsqd                       ? 
_refine.pdbx_data_cutoff_high_absF               ? 
_refine.pdbx_data_cutoff_high_rms_absF           ? 
_refine.pdbx_data_cutoff_low_absF                ? 
_refine.pdbx_isotropic_thermal_model             ? 
_refine.pdbx_ls_cross_valid_method               THROUGHOUT 
_refine.pdbx_method_to_determine_struct          'MOLECULAR REPLACEMENT' 
_refine.pdbx_starting_model                      3VVX 
_refine.pdbx_stereochemistry_target_values       ? 
_refine.pdbx_R_Free_selection_details            RANDOM 
_refine.pdbx_stereochem_target_val_spec_case     ? 
_refine.pdbx_overall_ESU_R                       0.1820 
_refine.pdbx_overall_ESU_R_Free                  0.1630 
_refine.pdbx_solvent_vdw_probe_radii             1.2000 
_refine.pdbx_solvent_ion_probe_radii             0.8000 
_refine.pdbx_solvent_shrinkage_radii             0.8000 
_refine.pdbx_real_space_R                        ? 
_refine.pdbx_density_correlation                 ? 
_refine.pdbx_pd_number_of_powder_patterns        ? 
_refine.pdbx_pd_number_of_points                 ? 
_refine.pdbx_pd_meas_number_of_points            ? 
_refine.pdbx_pd_proc_ls_prof_R_factor            ? 
_refine.pdbx_pd_proc_ls_prof_wR_factor           ? 
_refine.pdbx_pd_Marquardt_correlation_coeff      ? 
_refine.pdbx_pd_Fsqrd_R_factor                   ? 
_refine.pdbx_pd_ls_matrix_band_width             ? 
_refine.pdbx_overall_phase_error                 ? 
_refine.pdbx_overall_SU_R_free_Cruickshank_DPI   ? 
_refine.pdbx_overall_SU_R_free_Blow_DPI          ? 
_refine.pdbx_overall_SU_R_Blow_DPI               ? 
_refine.pdbx_TLS_residual_ADP_flag               ? 
_refine.pdbx_diffrn_id                           1 
_refine.overall_SU_B                             4.0150 
_refine.overall_SU_ML                            0.1140 
_refine.overall_SU_R_Cruickshank_DPI             0.1816 
_refine.overall_SU_R_free                        ? 
_refine.overall_FOM_free_R_set                   ? 
_refine.overall_FOM_work_R_set                   ? 
_refine.pdbx_average_fsc_overall                 ? 
_refine.pdbx_average_fsc_work                    ? 
_refine.pdbx_average_fsc_free                    ? 
# 
_refine_hist.cycle_id                         final 
_refine_hist.pdbx_refine_id                   'X-RAY DIFFRACTION' 
_refine_hist.d_res_high                       2.0000 
_refine_hist.d_res_low                        43.8700 
_refine_hist.pdbx_number_atoms_ligand         34 
_refine_hist.number_atoms_solvent             24 
_refine_hist.number_atoms_total               1520 
_refine_hist.pdbx_number_residues_total       184 
_refine_hist.pdbx_B_iso_mean_ligand           39.35 
_refine_hist.pdbx_B_iso_mean_solvent          40.03 
_refine_hist.pdbx_number_atoms_protein        1462 
_refine_hist.pdbx_number_atoms_nucleic_acid   0 
# 
loop_
_refine_ls_restr.pdbx_refine_id 
_refine_ls_restr.criterion 
_refine_ls_restr.dev_ideal 
_refine_ls_restr.dev_ideal_target 
_refine_ls_restr.number 
_refine_ls_restr.rejects 
_refine_ls_restr.type 
_refine_ls_restr.weight 
_refine_ls_restr.pdbx_restraint_function 
'X-RAY DIFFRACTION' ? 0.020  0.019  1552 ? r_bond_refined_d       ? ? 
'X-RAY DIFFRACTION' ? 0.001  0.020  1486 ? r_bond_other_d         ? ? 
'X-RAY DIFFRACTION' ? 1.998  1.976  2105 ? r_angle_refined_deg    ? ? 
'X-RAY DIFFRACTION' ? 0.962  3.000  3407 ? r_angle_other_deg      ? ? 
'X-RAY DIFFRACTION' ? 6.746  5.000  189  ? r_dihedral_angle_1_deg ? ? 
'X-RAY DIFFRACTION' ? 35.359 22.838 74   ? r_dihedral_angle_2_deg ? ? 
'X-RAY DIFFRACTION' ? 18.191 15.000 270  ? r_dihedral_angle_3_deg ? ? 
'X-RAY DIFFRACTION' ? 15.813 15.000 16   ? r_dihedral_angle_4_deg ? ? 
'X-RAY DIFFRACTION' ? 0.118  0.200  238  ? r_chiral_restr         ? ? 
'X-RAY DIFFRACTION' ? 0.009  0.020  1737 ? r_gen_planes_refined   ? ? 
'X-RAY DIFFRACTION' ? 0.001  0.020  371  ? r_gen_planes_other     ? ? 
# 
_refine_ls_shell.pdbx_refine_id                   'X-RAY DIFFRACTION' 
_refine_ls_shell.d_res_high                       1.9970 
_refine_ls_shell.d_res_low                        2.0490 
_refine_ls_shell.number_reflns_all                987 
_refine_ls_shell.number_reflns_obs                ? 
_refine_ls_shell.number_reflns_R_free             60 
_refine_ls_shell.number_reflns_R_work             927 
_refine_ls_shell.percent_reflns_obs               97.8200 
_refine_ls_shell.percent_reflns_R_free            ? 
_refine_ls_shell.R_factor_all                     ? 
_refine_ls_shell.R_factor_obs                     ? 
_refine_ls_shell.R_factor_R_free                  0.3240 
_refine_ls_shell.R_factor_R_free_error            ? 
_refine_ls_shell.R_factor_R_work                  0.2290 
_refine_ls_shell.redundancy_reflns_all            ? 
_refine_ls_shell.redundancy_reflns_obs            ? 
_refine_ls_shell.wR_factor_all                    ? 
_refine_ls_shell.wR_factor_obs                    ? 
_refine_ls_shell.wR_factor_R_free                 ? 
_refine_ls_shell.wR_factor_R_work                 ? 
_refine_ls_shell.pdbx_total_number_of_bins_used   20 
_refine_ls_shell.pdbx_phase_error                 ? 
_refine_ls_shell.pdbx_fsc_work                    ? 
_refine_ls_shell.pdbx_fsc_free                    ? 
# 
_struct.entry_id                     6IE8 
_struct.title                        'RamR in complex with cholic acid' 
_struct.pdbx_model_details           ? 
_struct.pdbx_formula_weight          ? 
_struct.pdbx_formula_weight_method   ? 
_struct.pdbx_model_type_details      ? 
_struct.pdbx_CASP_flag               N 
# 
_struct_keywords.entry_id        6IE8 
_struct_keywords.text            'transcriptional regulator, TetR Family, TRANSCRIPTION' 
_struct_keywords.pdbx_keywords   TRANSCRIPTION 
# 
loop_
_struct_asym.id 
_struct_asym.pdbx_blank_PDB_chainid_flag 
_struct_asym.pdbx_modified 
_struct_asym.entity_id 
_struct_asym.details 
A N N 1 ? 
B N N 2 ? 
C N N 3 ? 
D N N 4 ? 
# 
loop_
_struct_conf.conf_type_id 
_struct_conf.id 
_struct_conf.pdbx_PDB_helix_id 
_struct_conf.beg_label_comp_id 
_struct_conf.beg_label_asym_id 
_struct_conf.beg_label_seq_id 
_struct_conf.pdbx_beg_PDB_ins_code 
_struct_conf.end_label_comp_id 
_struct_conf.end_label_asym_id 
_struct_conf.end_label_seq_id 
_struct_conf.pdbx_end_PDB_ins_code 
_struct_conf.beg_auth_comp_id 
_struct_conf.beg_auth_asym_id 
_struct_conf.beg_auth_seq_id 
_struct_conf.end_auth_comp_id 
_struct_conf.end_auth_asym_id 
_struct_conf.end_auth_seq_id 
_struct_conf.pdbx_PDB_helix_class 
_struct_conf.details 
_struct_conf.pdbx_PDB_helix_length 
HELX_P HELX_P1  AA1 ASP A 9   ? GLY A 26  ? ASP A 8   GLY A 25  1 ? 18 
HELX_P HELX_P2  AA2 SER A 30  ? GLY A 39  ? SER A 29  GLY A 38  1 ? 10 
HELX_P HELX_P3  AA3 ALA A 41  ? PHE A 49  ? ALA A 40  PHE A 48  1 ? 9  
HELX_P HELX_P4  AA4 THR A 51  ? LEU A 75  ? THR A 50  LEU A 74  1 ? 25 
HELX_P HELX_P5  AA5 ASP A 81  ? HIS A 100 ? ASP A 80  HIS A 99  1 ? 20 
HELX_P HELX_P6  AA6 HIS A 100 ? VAL A 112 ? HIS A 99  VAL A 111 1 ? 13 
HELX_P HELX_P7  AA7 THR A 117 ? MET A 127 ? THR A 116 MET A 126 1 ? 11 
HELX_P HELX_P8  AA8 PHE A 128 ? LEU A 134 ? PHE A 127 LEU A 133 1 ? 7  
HELX_P HELX_P9  AA9 SER A 145 ? GLU A 147 ? SER A 144 GLU A 146 5 ? 3  
HELX_P HELX_P10 AB1 TYR A 148 ? ASP A 170 ? TYR A 147 ASP A 169 1 ? 23 
HELX_P HELX_P11 AB2 ARG A 173 ? THR A 190 ? ARG A 172 THR A 189 1 ? 18 
# 
_struct_conf_type.id          HELX_P 
_struct_conf_type.criteria    ? 
_struct_conf_type.reference   ? 
# 
loop_
_struct_site.id 
_struct_site.pdbx_evidence_code 
_struct_site.pdbx_auth_asym_id 
_struct_site.pdbx_auth_comp_id 
_struct_site.pdbx_auth_seq_id 
_struct_site.pdbx_auth_ins_code 
_struct_site.pdbx_num_residues 
_struct_site.details 
AC1 Software A SO4 200 ? 6 'binding site for residue SO4 A 200' 
AC2 Software A CHD 201 ? 9 'binding site for residue CHD A 201' 
# 
loop_
_struct_site_gen.id 
_struct_site_gen.site_id 
_struct_site_gen.pdbx_num_res 
_struct_site_gen.label_comp_id 
_struct_site_gen.label_asym_id 
_struct_site_gen.label_seq_id 
_struct_site_gen.pdbx_auth_ins_code 
_struct_site_gen.auth_comp_id 
_struct_site_gen.auth_asym_id 
_struct_site_gen.auth_seq_id 
_struct_site_gen.label_atom_id 
_struct_site_gen.label_alt_id 
_struct_site_gen.symmetry 
_struct_site_gen.details 
1  AC1 6 GLN A 20  ? GLN A 19  . ? 1_555 ? 
2  AC1 6 ASN A 99  ? ASN A 98  . ? 1_555 ? 
3  AC1 6 HIS A 100 ? HIS A 99  . ? 1_555 ? 
4  AC1 6 PRO A 101 ? PRO A 100 . ? 1_555 ? 
5  AC1 6 ALA A 102 ? ALA A 101 . ? 1_555 ? 
6  AC1 6 ARG A 103 ? ARG A 102 . ? 1_555 ? 
7  AC2 9 TYR A 60  ? TYR A 59  . ? 1_555 ? 
8  AC2 9 THR A 86  ? THR A 85  . ? 1_555 ? 
9  AC2 9 ILE A 89  ? ILE A 88  . ? 1_555 ? 
10 AC2 9 TYR A 93  ? TYR A 92  . ? 1_555 ? 
11 AC2 9 ALA A 111 ? ALA A 110 . ? 1_555 ? 
12 AC2 9 SER A 138 ? SER A 137 . ? 1_555 ? 
13 AC2 9 LEU A 140 ? LEU A 139 . ? 1_555 ? 
14 AC2 9 ARG A 149 ? ARG A 148 . ? 1_555 ? 
15 AC2 9 ASP A 153 ? ASP A 152 . ? 1_555 ? 
# 
_atom_sites.entry_id                    6IE8 
_atom_sites.fract_transf_matrix[1][1]   0.00035236 
_atom_sites.fract_transf_matrix[1][2]   0.00769467 
_atom_sites.fract_transf_matrix[1][3]   0.00851923 
_atom_sites.fract_transf_matrix[2][1]   -0.01311195 
_atom_sites.fract_transf_matrix[2][2]   -0.00957016 
_atom_sites.fract_transf_matrix[2][3]   0.00918619 
_atom_sites.fract_transf_matrix[3][1]   0.01620996 
_atom_sites.fract_transf_matrix[3][2]   -0.01135181 
_atom_sites.fract_transf_matrix[3][3]   0.01131106 
_atom_sites.fract_transf_vector[1]      -0.098787 
_atom_sites.fract_transf_vector[2]      -0.511703 
_atom_sites.fract_transf_vector[3]      0.239663 
# 
loop_
_atom_type.symbol 
C 
N 
O 
S 
# 
loop_
_atom_site.group_PDB 
_atom_site.id 
_atom_site.type_symbol 
_atom_site.label_atom_id 
_atom_site.label_alt_id 
_atom_site.label_comp_id 
_atom_site.label_asym_id 
_atom_site.label_entity_id 
_atom_site.label_seq_id 
_atom_site.pdbx_PDB_ins_code 
_atom_site.Cartn_x 
_atom_site.Cartn_y 
_atom_site.Cartn_z 
_atom_site.occupancy 
_atom_site.B_iso_or_equiv 
_atom_site.pdbx_formal_charge 
_atom_site.auth_seq_id 
_atom_site.auth_comp_id 
_atom_site.auth_asym_id 
_atom_site.auth_atom_id 
_atom_site.pdbx_PDB_model_num 
ATOM   1    N N   . ASP A 1 9   ? -20.524 -5.865  -4.093  1.00 87.14  ? 8   ASP A N   1 
ATOM   2    C CA  . ASP A 1 9   ? -21.624 -5.857  -3.075  1.00 89.11  ? 8   ASP A CA  1 
ATOM   3    C C   . ASP A 1 9   ? -21.202 -6.679  -1.850  1.00 84.04  ? 8   ASP A C   1 
ATOM   4    O O   . ASP A 1 9   ? -20.608 -6.128  -0.912  1.00 75.00  ? 8   ASP A O   1 
ATOM   5    C CB  . ASP A 1 9   ? -22.943 -6.372  -3.689  1.00 100.99 ? 8   ASP A CB  1 
ATOM   6    C CG  . ASP A 1 9   ? -24.118 -6.378  -2.689  1.00 104.32 ? 8   ASP A CG  1 
ATOM   7    O OD1 . ASP A 1 9   ? -25.249 -6.696  -3.127  1.00 95.08  ? 8   ASP A OD1 1 
ATOM   8    O OD2 . ASP A 1 9   ? -23.919 -6.068  -1.486  1.00 99.48  ? 8   ASP A OD2 1 
ATOM   9    N N   . LYS A 1 10  ? -21.499 -7.980  -1.849  1.00 67.97  ? 9   LYS A N   1 
ATOM   10   C CA  . LYS A 1 10  ? -20.977 -8.877  -0.824  1.00 67.24  ? 9   LYS A CA  1 
ATOM   11   C C   . LYS A 1 10  ? -19.440 -9.012  -0.906  1.00 58.77  ? 9   LYS A C   1 
ATOM   12   O O   . LYS A 1 10  ? -18.793 -9.358  0.085   1.00 60.18  ? 9   LYS A O   1 
ATOM   13   C CB  . LYS A 1 10  ? -21.612 -10.251 -0.962  1.00 73.68  ? 9   LYS A CB  1 
ATOM   14   C CG  . LYS A 1 10  ? -22.938 -10.397 -0.255  1.00 84.00  ? 9   LYS A CG  1 
ATOM   15   C CD  . LYS A 1 10  ? -23.428 -11.835 -0.367  1.00 99.55  ? 9   LYS A CD  1 
ATOM   16   C CE  . LYS A 1 10  ? -24.527 -12.160 0.642   1.00 109.92 ? 9   LYS A CE  1 
ATOM   17   N NZ  . LYS A 1 10  ? -24.574 -13.614 0.999   1.00 113.14 ? 9   LYS A NZ  1 
ATOM   18   N N   . LYS A 1 11  ? -18.907 -8.783  -2.108  1.00 48.76  ? 10  LYS A N   1 
ATOM   19   C CA  . LYS A 1 11  ? -17.459 -8.816  -2.423  1.00 54.50  ? 10  LYS A CA  1 
ATOM   20   C C   . LYS A 1 11  ? -16.731 -7.641  -1.813  1.00 49.53  ? 10  LYS A C   1 
ATOM   21   O O   . LYS A 1 11  ? -15.688 -7.804  -1.196  1.00 45.55  ? 10  LYS A O   1 
ATOM   22   C CB  . LYS A 1 11  ? -17.266 -8.716  -3.922  1.00 47.79  ? 10  LYS A CB  1 
ATOM   23   C CG  . LYS A 1 11  ? -15.890 -9.115  -4.402  1.00 57.91  ? 10  LYS A CG  1 
ATOM   24   C CD  . LYS A 1 11  ? -15.757 -8.852  -5.889  1.00 60.65  ? 10  LYS A CD  1 
ATOM   25   C CE  . LYS A 1 11  ? -14.293 -8.782  -6.283  1.00 67.04  ? 10  LYS A CE  1 
ATOM   26   N NZ  . LYS A 1 11  ? -13.437 -9.760  -5.546  1.00 70.75  ? 10  LYS A NZ  1 
ATOM   27   N N   . GLN A 1 12  ? -17.305 -6.456  -2.009  1.00 48.16  ? 11  GLN A N   1 
ATOM   28   C CA  . GLN A 1 12  ? -16.787 -5.240  -1.401  1.00 55.33  ? 11  GLN A CA  1 
ATOM   29   C C   . GLN A 1 12  ? -16.837 -5.358  0.134   1.00 51.97  ? 11  GLN A C   1 
ATOM   30   O O   . GLN A 1 12  ? -15.875 -5.038  0.831   1.00 47.41  ? 11  GLN A O   1 
ATOM   31   C CB  . GLN A 1 12  ? -17.559 -4.018  -1.929  1.00 58.49  ? 11  GLN A CB  1 
ATOM   32   C CG  . GLN A 1 12  ? -17.035 -2.674  -1.430  1.00 64.21  ? 11  GLN A CG  1 
ATOM   33   C CD  . GLN A 1 12  ? -15.507 -2.554  -1.504  1.00 71.47  ? 11  GLN A CD  1 
ATOM   34   O OE1 . GLN A 1 12  ? -14.909 -2.645  -2.596  1.00 69.27  ? 11  GLN A OE1 1 
ATOM   35   N NE2 . GLN A 1 12  ? -14.867 -2.347  -0.335  1.00 72.19  ? 11  GLN A NE2 1 
ATOM   36   N N   . ALA A 1 13  ? -17.958 -5.865  0.638   1.00 44.65  ? 12  ALA A N   1 
ATOM   37   C CA  . ALA A 1 13  ? -18.127 -6.212  2.050   1.00 44.16  ? 12  ALA A CA  1 
ATOM   38   C C   . ALA A 1 13  ? -17.120 -7.212  2.568   1.00 44.38  ? 12  ALA A C   1 
ATOM   39   O O   . ALA A 1 13  ? -16.693 -7.166  3.737   1.00 45.12  ? 12  ALA A O   1 
ATOM   40   C CB  . ALA A 1 13  ? -19.510 -6.813  2.240   1.00 49.08  ? 12  ALA A CB  1 
ATOM   41   N N   . LEU A 1 14  ? -16.816 -8.219  1.742   1.00 42.86  ? 13  LEU A N   1 
ATOM   42   C CA  . LEU A 1 14  ? -15.862 -9.242  2.172   1.00 36.73  ? 13  LEU A CA  1 
ATOM   43   C C   . LEU A 1 14  ? -14.422 -8.610  2.185   1.00 35.50  ? 13  LEU A C   1 
ATOM   44   O O   . LEU A 1 14  ? -13.663 -8.818  3.093   1.00 31.77  ? 13  LEU A O   1 
ATOM   45   C CB  . LEU A 1 14  ? -15.936 -10.492 1.278   1.00 36.64  ? 13  LEU A CB  1 
ATOM   46   C CG  . LEU A 1 14  ? -16.963 -11.556 1.755   1.00 38.91  ? 13  LEU A CG  1 
ATOM   47   C CD1 . LEU A 1 14  ? -17.153 -12.612 0.677   1.00 45.24  ? 13  LEU A CD1 1 
ATOM   48   C CD2 . LEU A 1 14  ? -16.608 -12.224 3.105   1.00 39.04  ? 13  LEU A CD2 1 
ATOM   49   N N   . LEU A 1 15  ? -14.101 -7.850  1.173   1.00 33.19  ? 14  LEU A N   1 
ATOM   50   C CA  . LEU A 1 15  ? -12.762 -7.216  1.095   1.00 37.48  ? 14  LEU A CA  1 
ATOM   51   C C   . LEU A 1 15  ? -12.536 -6.241  2.242   1.00 37.98  ? 14  LEU A C   1 
ATOM   52   O O   . LEU A 1 15  ? -11.424 -6.142  2.880   1.00 34.06  ? 14  LEU A O   1 
ATOM   53   C CB  . LEU A 1 15  ? -12.676 -6.472  -0.210  1.00 36.71  ? 14  LEU A CB  1 
ATOM   54   C CG  . LEU A 1 15  ? -12.573 -7.436  -1.376  1.00 36.83  ? 14  LEU A CG  1 
ATOM   55   C CD1 . LEU A 1 15  ? -12.677 -6.694  -2.697  1.00 40.88  ? 14  LEU A CD1 1 
ATOM   56   C CD2 . LEU A 1 15  ? -11.256 -8.209  -1.291  1.00 40.54  ? 14  LEU A CD2 1 
ATOM   57   N N   . GLU A 1 16  ? -13.608 -5.529  2.557   1.00 41.27  ? 15  GLU A N   1 
ATOM   58   C CA  . GLU A 1 16  ? -13.570 -4.602  3.688   1.00 46.28  ? 15  GLU A CA  1 
ATOM   59   C C   . GLU A 1 16  ? -13.343 -5.321  5.029   1.00 41.29  ? 15  GLU A C   1 
ATOM   60   O O   . GLU A 1 16  ? -12.483 -4.921  5.851   1.00 34.89  ? 15  GLU A O   1 
ATOM   61   C CB  . GLU A 1 16  ? -14.821 -3.687  3.713   1.00 54.47  ? 15  GLU A CB  1 
ATOM   62   C CG  . GLU A 1 16  ? -14.480 -2.219  3.518   1.00 63.83  ? 15  GLU A CG  1 
ATOM   63   C CD  . GLU A 1 16  ? -13.626 -1.693  4.667   1.00 62.03  ? 15  GLU A CD  1 
ATOM   64   O OE1 . GLU A 1 16  ? -14.078 -1.717  5.837   1.00 62.61  ? 15  GLU A OE1 1 
ATOM   65   O OE2 . GLU A 1 16  ? -12.476 -1.308  4.402   1.00 70.95  ? 15  GLU A OE2 1 
ATOM   66   N N   . ALA A 1 17  ? -14.007 -6.445  5.238   1.00 37.74  ? 16  ALA A N   1 
ATOM   67   C CA  . ALA A 1 17  ? -13.821 -7.135  6.506   1.00 38.03  ? 16  ALA A CA  1 
ATOM   68   C C   . ALA A 1 17  ? -12.451 -7.879  6.529   1.00 35.74  ? 16  ALA A C   1 
ATOM   69   O O   . ALA A 1 17  ? -11.809 -8.082  7.565   1.00 33.72  ? 16  ALA A O   1 
ATOM   70   C CB  . ALA A 1 17  ? -14.993 -8.082  6.680   1.00 47.97  ? 16  ALA A CB  1 
ATOM   71   N N   . ALA A 1 18  ? -11.976 -8.309  5.353   1.00 33.73  ? 17  ALA A N   1 
ATOM   72   C CA  . ALA A 1 18  ? -10.599 -8.872  5.268   1.00 37.21  ? 17  ALA A CA  1 
ATOM   73   C C   . ALA A 1 18  ? -9.518  -7.808  5.608   1.00 29.65  ? 17  ALA A C   1 
ATOM   74   O O   . ALA A 1 18  ? -8.572  -8.071  6.342   1.00 28.60  ? 17  ALA A O   1 
ATOM   75   C CB  . ALA A 1 18  ? -10.345 -9.438  3.881   1.00 37.76  ? 17  ALA A CB  1 
ATOM   76   N N   . THR A 1 19  ? -9.706  -6.624  5.052   1.00 31.20  ? 18  THR A N   1 
ATOM   77   C CA  . THR A 1 19  ? -8.842  -5.484  5.384   1.00 28.23  ? 18  THR A CA  1 
ATOM   78   C C   . THR A 1 19  ? -8.741  -5.312  6.881   1.00 28.85  ? 18  THR A C   1 
ATOM   79   O O   . THR A 1 19  ? -7.632  -5.193  7.451   1.00 29.12  ? 18  THR A O   1 
ATOM   80   C CB  . THR A 1 19  ? -9.384  -4.206  4.787   1.00 26.17  ? 18  THR A CB  1 
ATOM   81   O OG1 . THR A 1 19  ? -9.330  -4.359  3.366   1.00 25.54  ? 18  THR A OG1 1 
ATOM   82   C CG2 . THR A 1 19  ? -8.453  -2.956  5.245   1.00 28.85  ? 18  THR A CG2 1 
ATOM   83   N N   . GLN A 1 20  ? -9.886  -5.262  7.541   1.00 34.06  ? 19  GLN A N   1 
ATOM   84   C CA  . GLN A 1 20  ? -9.882  -4.971  8.982   1.00 35.10  ? 19  GLN A CA  1 
ATOM   85   C C   . GLN A 1 20  ? -9.251  -6.117  9.690   1.00 35.59  ? 19  GLN A C   1 
ATOM   86   O O   . GLN A 1 20  ? -8.508  -5.945  10.656  1.00 31.84  ? 19  GLN A O   1 
ATOM   87   C CB  . GLN A 1 20  ? -11.340 -4.793  9.524   1.00 39.78  ? 19  GLN A CB  1 
ATOM   88   C CG  . GLN A 1 20  ? -12.115 -3.603  8.966   1.00 39.89  ? 19  GLN A CG  1 
ATOM   89   C CD  . GLN A 1 20  ? -11.437 -2.272  9.332   1.00 40.36  ? 19  GLN A CD  1 
ATOM   90   O OE1 . GLN A 1 20  ? -10.713 -2.177  10.312  1.00 37.41  ? 19  GLN A OE1 1 
ATOM   91   N NE2 . GLN A 1 20  ? -11.608 -1.305  8.502   1.00 39.31  ? 19  GLN A NE2 1 
ATOM   92   N N   . ALA A 1 21  ? -9.555  -7.343  9.244   1.00 38.39  ? 20  ALA A N   1 
ATOM   93   C CA  . ALA A 1 21  ? -9.013  -8.493  9.998   1.00 39.07  ? 20  ALA A CA  1 
ATOM   94   C C   . ALA A 1 21  ? -7.524  -8.633  9.810   1.00 39.56  ? 20  ALA A C   1 
ATOM   95   O O   . ALA A 1 21  ? -6.772  -8.897  10.755  1.00 33.53  ? 20  ALA A O   1 
ATOM   96   C CB  . ALA A 1 21  ? -9.708  -9.778  9.603   1.00 40.88  ? 20  ALA A CB  1 
ATOM   97   N N   . ILE A 1 22  ? -7.062  -8.474  8.581   1.00 33.32  ? 21  ILE A N   1 
ATOM   98   C CA  . ILE A 1 22  ? -5.585  -8.575  8.402   1.00 35.30  ? 21  ILE A CA  1 
ATOM   99   C C   . ILE A 1 22  ? -4.858  -7.394  9.077   1.00 36.93  ? 21  ILE A C   1 
ATOM   100  O O   . ILE A 1 22  ? -3.715  -7.549  9.561   1.00 40.45  ? 21  ILE A O   1 
ATOM   101  C CB  . ILE A 1 22  ? -5.250  -8.735  6.925   1.00 35.75  ? 21  ILE A CB  1 
ATOM   102  C CG1 . ILE A 1 22  ? -5.701  -10.138 6.459   1.00 36.39  ? 21  ILE A CG1 1 
ATOM   103  C CG2 . ILE A 1 22  ? -3.780  -8.452  6.610   1.00 41.18  ? 21  ILE A CG2 1 
ATOM   104  C CD1 . ILE A 1 22  ? -5.657  -10.346 4.968   1.00 36.37  ? 21  ILE A CD1 1 
ATOM   105  N N   . ALA A 1 23  ? -5.494  -6.216  9.089   1.00 36.79  ? 22  ALA A N   1 
ATOM   106  C CA  . ALA A 1 23  ? -4.884  -5.041  9.740   1.00 38.20  ? 22  ALA A CA  1 
ATOM   107  C C   . ALA A 1 23  ? -4.635  -5.383  11.196  1.00 43.44  ? 22  ALA A C   1 
ATOM   108  O O   . ALA A 1 23  ? -3.599  -5.028  11.755  1.00 40.77  ? 22  ALA A O   1 
ATOM   109  C CB  . ALA A 1 23  ? -5.820  -3.855  9.683   1.00 32.93  ? 22  ALA A CB  1 
ATOM   110  N N   . GLN A 1 24  ? -5.636  -6.007  11.809  1.00 43.09  ? 23  GLN A N   1 
ATOM   111  C CA  . GLN A 1 24  ? -5.545  -6.388  13.213  1.00 50.79  ? 23  GLN A CA  1 
ATOM   112  C C   . GLN A 1 24  ? -4.688  -7.630  13.478  1.00 52.34  ? 23  GLN A C   1 
ATOM   113  O O   . GLN A 1 24  ? -3.866  -7.606  14.401  1.00 50.47  ? 23  GLN A O   1 
ATOM   114  C CB  . GLN A 1 24  ? -6.931  -6.633  13.755  1.00 53.26  ? 23  GLN A CB  1 
ATOM   115  C CG  . GLN A 1 24  ? -6.989  -6.747  15.261  1.00 57.59  ? 23  GLN A CG  1 
ATOM   116  C CD  . GLN A 1 24  ? -8.390  -6.458  15.737  1.00 68.02  ? 23  GLN A CD  1 
ATOM   117  O OE1 . GLN A 1 24  ? -9.306  -7.264  15.543  1.00 68.80  ? 23  GLN A OE1 1 
ATOM   118  N NE2 . GLN A 1 24  ? -8.587  -5.278  16.302  1.00 72.30  ? 23  GLN A NE2 1 
ATOM   119  N N   . SER A 1 25  ? -4.832  -8.696  12.667  1.00 50.03  ? 24  SER A N   1 
ATOM   120  C CA  . SER A 1 25  ? -4.140  -9.976  13.001  1.00 53.52  ? 24  SER A CA  1 
ATOM   121  C C   . SER A 1 25  ? -3.188  -10.563 11.975  1.00 52.30  ? 24  SER A C   1 
ATOM   122  O O   . SER A 1 25  ? -2.630  -11.611 12.215  1.00 58.40  ? 24  SER A O   1 
ATOM   123  C CB  . SER A 1 25  ? -5.154  -11.066 13.342  1.00 51.28  ? 24  SER A CB  1 
ATOM   124  O OG  . SER A 1 25  ? -6.365  -10.525 13.808  1.00 49.63  ? 24  SER A OG  1 
ATOM   125  N N   . GLY A 1 26  ? -2.974  -9.915  10.838  1.00 45.95  ? 25  GLY A N   1 
ATOM   126  C CA  . GLY A 1 26  ? -1.951  -10.385 9.927   1.00 40.68  ? 25  GLY A CA  1 
ATOM   127  C C   . GLY A 1 26  ? -2.565  -11.339 8.969   1.00 38.57  ? 25  GLY A C   1 
ATOM   128  O O   . GLY A 1 26  ? -3.800  -11.513 8.987   1.00 45.66  ? 25  GLY A O   1 
ATOM   129  N N   . ILE A 1 27  ? -1.726  -11.916 8.110   1.00 41.13  ? 26  ILE A N   1 
ATOM   130  C CA  . ILE A 1 27  ? -2.181  -12.733 6.999   1.00 48.37  ? 26  ILE A CA  1 
ATOM   131  C C   . ILE A 1 27  ? -2.905  -13.941 7.545   1.00 51.09  ? 26  ILE A C   1 
ATOM   132  O O   . ILE A 1 27  ? -3.831  -14.462 6.869   1.00 50.43  ? 26  ILE A O   1 
ATOM   133  C CB  . ILE A 1 27  ? -1.060  -13.087 5.992   1.00 48.54  ? 26  ILE A CB  1 
ATOM   134  C CG1 . ILE A 1 27  ? 0.219   -13.599 6.693   1.00 55.08  ? 26  ILE A CG1 1 
ATOM   135  C CG2 . ILE A 1 27  ? -0.741  -11.881 5.132   1.00 46.84  ? 26  ILE A CG2 1 
ATOM   136  C CD1 . ILE A 1 27  ? 0.500   -15.085 6.502   1.00 57.42  ? 26  ILE A CD1 1 
ATOM   137  N N   . ALA A 1 28  ? -2.531  -14.317 8.781   1.00 49.58  ? 27  ALA A N   1 
ATOM   138  C CA  . ALA A 1 28  ? -3.253  -15.349 9.614   1.00 54.80  ? 27  ALA A CA  1 
ATOM   139  C C   . ALA A 1 28  ? -4.770  -15.163 9.867   1.00 53.99  ? 27  ALA A C   1 
ATOM   140  O O   . ALA A 1 28  ? -5.473  -16.132 10.180  1.00 57.68  ? 27  ALA A O   1 
ATOM   141  C CB  . ALA A 1 28  ? -2.536  -15.514 10.959  1.00 53.45  ? 27  ALA A CB  1 
ATOM   142  N N   . ALA A 1 29  ? -5.293  -13.941 9.793   1.00 44.73  ? 28  ALA A N   1 
ATOM   143  C CA  . ALA A 1 29  ? -6.725  -13.732 10.024  1.00 46.00  ? 28  ALA A CA  1 
ATOM   144  C C   . ALA A 1 29  ? -7.625  -14.884 9.509   1.00 48.32  ? 28  ALA A C   1 
ATOM   145  O O   . ALA A 1 29  ? -7.430  -15.360 8.393   1.00 47.57  ? 28  ALA A O   1 
ATOM   146  C CB  . ALA A 1 29  ? -7.163  -12.443 9.402   1.00 46.25  ? 28  ALA A CB  1 
ATOM   147  N N   . SER A 1 30  ? -8.644  -15.293 10.274  1.00 45.06  ? 29  SER A N   1 
ATOM   148  C CA  . SER A 1 30  ? -9.359  -16.523 9.897   1.00 47.16  ? 29  SER A CA  1 
ATOM   149  C C   . SER A 1 30  ? -10.417 -16.192 8.855   1.00 41.71  ? 29  SER A C   1 
ATOM   150  O O   . SER A 1 30  ? -11.019 -15.123 8.910   1.00 44.38  ? 29  SER A O   1 
ATOM   151  C CB  . SER A 1 30  ? -10.010 -17.167 11.113  1.00 47.21  ? 29  SER A CB  1 
ATOM   152  O OG  . SER A 1 30  ? -11.383 -16.883 11.110  1.00 43.77  ? 29  SER A OG  1 
ATOM   153  N N   . THR A 1 31  ? -10.705 -17.106 7.931   1.00 45.30  ? 30  THR A N   1 
ATOM   154  C CA  . THR A 1 31  ? -11.752 -16.798 6.952   1.00 43.62  ? 30  THR A CA  1 
ATOM   155  C C   . THR A 1 31  ? -13.146 -16.715 7.567   1.00 45.23  ? 30  THR A C   1 
ATOM   156  O O   . THR A 1 31  ? -14.008 -15.961 7.103   1.00 44.25  ? 30  THR A O   1 
ATOM   157  C CB  . THR A 1 31  ? -11.716 -17.776 5.765   1.00 47.73  ? 30  THR A CB  1 
ATOM   158  O OG1 . THR A 1 31  ? -11.823 -19.102 6.266   1.00 46.28  ? 30  THR A OG1 1 
ATOM   159  C CG2 . THR A 1 31  ? -10.364 -17.630 4.974   1.00 47.48  ? 30  THR A CG2 1 
ATOM   160  N N   . ALA A 1 32  ? -13.387 -17.465 8.642   1.00 54.93  ? 31  ALA A N   1 
ATOM   161  C CA  . ALA A 1 32  ? -14.723 -17.481 9.258   1.00 54.98  ? 31  ALA A CA  1 
ATOM   162  C C   . ALA A 1 32  ? -14.979 -16.144 9.933   1.00 52.40  ? 31  ALA A C   1 
ATOM   163  O O   . ALA A 1 32  ? -16.049 -15.539 9.794   1.00 49.02  ? 31  ALA A O   1 
ATOM   164  C CB  . ALA A 1 32  ? -14.835 -18.622 10.266  1.00 63.17  ? 31  ALA A CB  1 
ATOM   165  N N   . VAL A 1 33  ? -13.963 -15.676 10.646  1.00 55.50  ? 32  VAL A N   1 
ATOM   166  C CA  . VAL A 1 33  ? -13.956 -14.320 11.217  1.00 48.68  ? 32  VAL A CA  1 
ATOM   167  C C   . VAL A 1 33  ? -14.281 -13.295 10.120  1.00 48.30  ? 32  VAL A C   1 
ATOM   168  O O   . VAL A 1 33  ? -15.228 -12.507 10.211  1.00 45.67  ? 32  VAL A O   1 
ATOM   169  C CB  . VAL A 1 33  ? -12.575 -14.038 11.830  1.00 51.66  ? 32  VAL A CB  1 
ATOM   170  C CG1 . VAL A 1 33  ? -12.497 -12.620 12.355  1.00 52.16  ? 32  VAL A CG1 1 
ATOM   171  C CG2 . VAL A 1 33  ? -12.276 -15.035 12.950  1.00 56.88  ? 32  VAL A CG2 1 
ATOM   172  N N   . ILE A 1 34  ? -13.521 -13.353 9.038   1.00 42.95  ? 33  ILE A N   1 
ATOM   173  C CA  . ILE A 1 34  ? -13.801 -12.486 7.918   1.00 43.47  ? 33  ILE A CA  1 
ATOM   174  C C   . ILE A 1 34  ? -15.243 -12.651 7.384   1.00 45.52  ? 33  ILE A C   1 
ATOM   175  O O   . ILE A 1 34  ? -15.914 -11.645 7.068   1.00 42.23  ? 33  ILE A O   1 
ATOM   176  C CB  . ILE A 1 34  ? -12.725 -12.676 6.796   1.00 39.38  ? 33  ILE A CB  1 
ATOM   177  C CG1 . ILE A 1 34  ? -11.348 -12.244 7.308   1.00 39.43  ? 33  ILE A CG1 1 
ATOM   178  C CG2 . ILE A 1 34  ? -13.122 -11.911 5.545   1.00 41.96  ? 33  ILE A CG2 1 
ATOM   179  C CD1 . ILE A 1 34  ? -10.153 -12.713 6.521   1.00 41.25  ? 33  ILE A CD1 1 
ATOM   180  N N   . ALA A 1 35  ? -15.731 -13.897 7.250   1.00 45.35  ? 34  ALA A N   1 
ATOM   181  C CA  . ALA A 1 35  ? -17.073 -14.108 6.700   1.00 44.83  ? 34  ALA A CA  1 
ATOM   182  C C   . ALA A 1 35  ? -18.151 -13.565 7.645   1.00 44.06  ? 34  ALA A C   1 
ATOM   183  O O   . ALA A 1 35  ? -19.041 -12.853 7.228   1.00 42.20  ? 34  ALA A O   1 
ATOM   184  C CB  . ALA A 1 35  ? -17.336 -15.579 6.440   1.00 48.89  ? 34  ALA A CB  1 
ATOM   185  N N   . ARG A 1 36  ? -18.043 -13.939 8.909   1.00 48.74  ? 35  ARG A N   1 
ATOM   186  C CA  . ARG A 1 36  ? -18.864 -13.382 9.974   1.00 55.15  ? 35  ARG A CA  1 
ATOM   187  C C   . ARG A 1 36  ? -18.996 -11.856 9.818   1.00 52.63  ? 35  ARG A C   1 
ATOM   188  O O   . ARG A 1 36  ? -20.088 -11.373 9.566   1.00 48.90  ? 35  ARG A O   1 
ATOM   189  C CB  . ARG A 1 36  ? -18.244 -13.753 11.337  1.00 62.80  ? 35  ARG A CB  1 
ATOM   190  C CG  . ARG A 1 36  ? -19.257 -14.059 12.438  1.00 71.48  ? 35  ARG A CG  1 
ATOM   191  C CD  . ARG A 1 36  ? -18.660 -14.960 13.516  1.00 73.99  ? 35  ARG A CD  1 
ATOM   192  N NE  . ARG A 1 36  ? -17.320 -14.555 13.968  1.00 77.33  ? 35  ARG A NE  1 
ATOM   193  C CZ  . ARG A 1 36  ? -17.052 -13.494 14.737  1.00 81.77  ? 35  ARG A CZ  1 
ATOM   194  N NH1 . ARG A 1 36  ? -18.026 -12.683 15.143  1.00 90.41  ? 35  ARG A NH1 1 
ATOM   195  N NH2 . ARG A 1 36  ? -15.796 -13.230 15.100  1.00 78.41  ? 35  ARG A NH2 1 
ATOM   196  N N   . ASN A 1 37  ? -17.879 -11.119 9.854   1.00 51.80  ? 36  ASN A N   1 
ATOM   197  C CA  . ASN A 1 37  ? -17.931 -9.648  9.924   1.00 50.94  ? 36  ASN A CA  1 
ATOM   198  C C   . ASN A 1 37  ? -18.442 -9.005  8.639   1.00 50.70  ? 36  ASN A C   1 
ATOM   199  O O   . ASN A 1 37  ? -18.899 -7.871  8.648   1.00 55.67  ? 36  ASN A O   1 
ATOM   200  C CB  . ASN A 1 37  ? -16.576 -9.087  10.358  1.00 53.58  ? 36  ASN A CB  1 
ATOM   201  C CG  . ASN A 1 37  ? -16.048 -9.778  11.610  1.00 59.06  ? 36  ASN A CG  1 
ATOM   202  O OD1 . ASN A 1 37  ? -16.778 -10.507 12.290  1.00 71.78  ? 36  ASN A OD1 1 
ATOM   203  N ND2 . ASN A 1 37  ? -14.782 -9.598  11.896  1.00 49.20  ? 36  ASN A ND2 1 
ATOM   204  N N   . ALA A 1 38  ? -18.384 -9.747  7.536   1.00 47.19  ? 37  ALA A N   1 
ATOM   205  C CA  . ALA A 1 38  ? -19.010 -9.321  6.293   1.00 45.27  ? 37  ALA A CA  1 
ATOM   206  C C   . ALA A 1 38  ? -20.470 -9.743  6.254   1.00 51.84  ? 37  ALA A C   1 
ATOM   207  O O   . ALA A 1 38  ? -21.188 -9.361  5.342   1.00 47.63  ? 37  ALA A O   1 
ATOM   208  C CB  . ALA A 1 38  ? -18.279 -9.922  5.123   1.00 52.31  ? 37  ALA A CB  1 
ATOM   209  N N   . GLY A 1 39  ? -20.900 -10.541 7.238   1.00 60.10  ? 38  GLY A N   1 
ATOM   210  C CA  . GLY A 1 39  ? -22.286 -11.064 7.278   1.00 64.68  ? 38  GLY A CA  1 
ATOM   211  C C   . GLY A 1 39  ? -22.642 -11.922 6.064   1.00 64.65  ? 38  GLY A C   1 
ATOM   212  O O   . GLY A 1 39  ? -23.693 -11.719 5.445   1.00 59.06  ? 38  GLY A O   1 
ATOM   213  N N   . VAL A 1 40  ? -21.737 -12.847 5.703   1.00 58.27  ? 39  VAL A N   1 
ATOM   214  C CA  . VAL A 1 40  ? -21.988 -13.869 4.666   1.00 56.06  ? 39  VAL A CA  1 
ATOM   215  C C   . VAL A 1 40  ? -21.577 -15.187 5.261   1.00 51.08  ? 39  VAL A C   1 
ATOM   216  O O   . VAL A 1 40  ? -20.855 -15.242 6.273   1.00 50.07  ? 39  VAL A O   1 
ATOM   217  C CB  . VAL A 1 40  ? -21.227 -13.687 3.313   1.00 57.40  ? 39  VAL A CB  1 
ATOM   218  C CG1 . VAL A 1 40  ? -21.642 -12.419 2.573   1.00 58.95  ? 39  VAL A CG1 1 
ATOM   219  C CG2 . VAL A 1 40  ? -19.705 -13.722 3.508   1.00 55.23  ? 39  VAL A CG2 1 
ATOM   220  N N   . ALA A 1 41  ? -22.064 -16.258 4.645   1.00 56.38  ? 40  ALA A N   1 
ATOM   221  C CA  . ALA A 1 41  ? -21.710 -17.611 5.080   1.00 52.13  ? 40  ALA A CA  1 
ATOM   222  C C   . ALA A 1 41  ? -20.278 -17.886 4.617   1.00 49.88  ? 40  ALA A C   1 
ATOM   223  O O   . ALA A 1 41  ? -19.911 -17.477 3.499   1.00 53.99  ? 40  ALA A O   1 
ATOM   224  C CB  . ALA A 1 41  ? -22.676 -18.605 4.472   1.00 51.21  ? 40  ALA A CB  1 
ATOM   225  N N   . GLU A 1 42  ? -19.467 -18.551 5.448   1.00 49.12  ? 41  GLU A N   1 
ATOM   226  C CA  . GLU A 1 42  ? -18.057 -18.861 5.068   1.00 48.08  ? 41  GLU A CA  1 
ATOM   227  C C   . GLU A 1 42  ? -17.910 -19.546 3.679   1.00 52.68  ? 41  GLU A C   1 
ATOM   228  O O   . GLU A 1 42  ? -16.854 -19.455 3.032   1.00 44.77  ? 41  GLU A O   1 
ATOM   229  C CB  . GLU A 1 42  ? -17.358 -19.686 6.170   1.00 46.21  ? 41  GLU A CB  1 
ATOM   230  C CG  . GLU A 1 42  ? -15.917 -20.038 5.836   1.00 47.23  ? 41  GLU A CG  1 
ATOM   231  C CD  . GLU A 1 42  ? -15.109 -20.578 7.014   1.00 56.63  ? 41  GLU A CD  1 
ATOM   232  O OE1 . GLU A 1 42  ? -15.718 -21.089 8.001   1.00 57.81  ? 41  GLU A OE1 1 
ATOM   233  O OE2 . GLU A 1 42  ? -13.861 -20.506 6.926   1.00 52.55  ? 41  GLU A OE2 1 
ATOM   234  N N   . GLY A 1 43  ? -18.963 -20.241 3.237   1.00 45.47  ? 42  GLY A N   1 
ATOM   235  C CA  . GLY A 1 43  ? -18.962 -20.908 1.953   1.00 43.67  ? 42  GLY A CA  1 
ATOM   236  C C   . GLY A 1 43  ? -19.125 -19.897 0.840   1.00 48.06  ? 42  GLY A C   1 
ATOM   237  O O   . GLY A 1 43  ? -18.576 -20.050 -0.268  1.00 45.19  ? 42  GLY A O   1 
ATOM   238  N N   . THR A 1 44  ? -19.843 -18.826 1.147   1.00 44.53  ? 43  THR A N   1 
ATOM   239  C CA  . THR A 1 44  ? -19.970 -17.758 0.212   1.00 49.46  ? 43  THR A CA  1 
ATOM   240  C C   . THR A 1 44  ? -18.614 -17.052 0.080   1.00 44.37  ? 43  THR A C   1 
ATOM   241  O O   . THR A 1 44  ? -18.211 -16.677 -1.029  1.00 43.79  ? 43  THR A O   1 
ATOM   242  C CB  . THR A 1 44  ? -21.095 -16.776 0.612   1.00 57.50  ? 43  THR A CB  1 
ATOM   243  O OG1 . THR A 1 44  ? -22.309 -17.511 0.861   1.00 68.43  ? 43  THR A OG1 1 
ATOM   244  C CG2 . THR A 1 44  ? -21.311 -15.779 -0.501  1.00 61.20  ? 43  THR A CG2 1 
ATOM   245  N N   . LEU A 1 45  ? -17.894 -16.904 1.191   1.00 40.48  ? 44  LEU A N   1 
ATOM   246  C CA  . LEU A 1 45  ? -16.540 -16.358 1.091   1.00 42.79  ? 44  LEU A CA  1 
ATOM   247  C C   . LEU A 1 45  ? -15.732 -17.221 0.085   1.00 37.14  ? 44  LEU A C   1 
ATOM   248  O O   . LEU A 1 45  ? -14.983 -16.682 -0.732  1.00 34.05  ? 44  LEU A O   1 
ATOM   249  C CB  . LEU A 1 45  ? -15.830 -16.343 2.443   1.00 36.53  ? 44  LEU A CB  1 
ATOM   250  C CG  . LEU A 1 45  ? -14.412 -15.733 2.538   1.00 39.74  ? 44  LEU A CG  1 
ATOM   251  C CD1 . LEU A 1 45  ? -14.209 -15.324 3.998   1.00 42.25  ? 44  LEU A CD1 1 
ATOM   252  C CD2 . LEU A 1 45  ? -13.279 -16.690 2.178   1.00 37.41  ? 44  LEU A CD2 1 
ATOM   253  N N   . PHE A 1 46  ? -15.919 -18.552 0.127   1.00 39.47  ? 45  PHE A N   1 
ATOM   254  C CA  . PHE A 1 46  ? -15.072 -19.417 -0.680  1.00 35.55  ? 45  PHE A CA  1 
ATOM   255  C C   . PHE A 1 46  ? -15.455 -19.284 -2.155  1.00 35.96  ? 45  PHE A C   1 
ATOM   256  O O   . PHE A 1 46  ? -14.616 -19.440 -3.018  1.00 31.32  ? 45  PHE A O   1 
ATOM   257  C CB  . PHE A 1 46  ? -15.059 -20.856 -0.215  1.00 36.41  ? 45  PHE A CB  1 
ATOM   258  C CG  . PHE A 1 46  ? -14.514 -21.096 1.180   1.00 36.95  ? 45  PHE A CG  1 
ATOM   259  C CD1 . PHE A 1 46  ? -13.399 -20.412 1.688   1.00 43.49  ? 45  PHE A CD1 1 
ATOM   260  C CD2 . PHE A 1 46  ? -15.048 -22.131 1.971   1.00 45.84  ? 45  PHE A CD2 1 
ATOM   261  C CE1 . PHE A 1 46  ? -12.884 -20.701 2.974   1.00 41.93  ? 45  PHE A CE1 1 
ATOM   262  C CE2 . PHE A 1 46  ? -14.541 -22.412 3.254   1.00 43.72  ? 45  PHE A CE2 1 
ATOM   263  C CZ  . PHE A 1 46  ? -13.450 -21.695 3.742   1.00 46.50  ? 45  PHE A CZ  1 
ATOM   264  N N   . ARG A 1 47  ? -16.707 -18.925 -2.435  1.00 39.56  ? 46  ARG A N   1 
ATOM   265  C CA  . ARG A 1 47  ? -17.097 -18.634 -3.814  1.00 37.93  ? 46  ARG A CA  1 
ATOM   266  C C   . ARG A 1 47  ? -16.365 -17.411 -4.341  1.00 42.40  ? 46  ARG A C   1 
ATOM   267  O O   . ARG A 1 47  ? -16.048 -17.320 -5.549  1.00 38.48  ? 46  ARG A O   1 
ATOM   268  C CB  . ARG A 1 47  ? -18.622 -18.500 -3.910  1.00 44.36  ? 46  ARG A CB  1 
ATOM   269  C CG  . ARG A 1 47  ? -19.338 -19.825 -3.607  1.00 46.71  ? 46  ARG A CG  1 
ATOM   270  C CD  . ARG A 1 47  ? -20.808 -19.860 -4.005  1.00 51.64  ? 46  ARG A CD  1 
ATOM   271  N NE  . ARG A 1 47  ? -21.423 -21.183 -3.768  1.00 50.26  ? 46  ARG A NE  1 
ATOM   272  C CZ  . ARG A 1 47  ? -21.372 -22.245 -4.602  1.00 45.75  ? 46  ARG A CZ  1 
ATOM   273  N NH1 . ARG A 1 47  ? -20.718 -22.205 -5.772  1.00 38.23  ? 46  ARG A NH1 1 
ATOM   274  N NH2 . ARG A 1 47  ? -21.991 -23.363 -4.240  1.00 44.29  ? 46  ARG A NH2 1 
ATOM   275  N N   . TYR A 1 48  ? -16.045 -16.468 -3.439  1.00 42.40  ? 47  TYR A N   1 
ATOM   276  C CA  . TYR A 1 48  ? -15.295 -15.291 -3.849  1.00 38.55  ? 47  TYR A CA  1 
ATOM   277  C C   . TYR A 1 48  ? -13.811 -15.525 -3.815  1.00 37.29  ? 47  TYR A C   1 
ATOM   278  O O   . TYR A 1 48  ? -13.071 -15.032 -4.665  1.00 33.46  ? 47  TYR A O   1 
ATOM   279  C CB  . TYR A 1 48  ? -15.653 -14.100 -2.942  1.00 41.55  ? 47  TYR A CB  1 
ATOM   280  C CG  . TYR A 1 48  ? -17.061 -13.553 -3.143  1.00 44.08  ? 47  TYR A CG  1 
ATOM   281  C CD1 . TYR A 1 48  ? -17.315 -12.554 -4.098  1.00 49.83  ? 47  TYR A CD1 1 
ATOM   282  C CD2 . TYR A 1 48  ? -18.132 -14.006 -2.361  1.00 46.42  ? 47  TYR A CD2 1 
ATOM   283  C CE1 . TYR A 1 48  ? -18.604 -12.049 -4.283  1.00 52.91  ? 47  TYR A CE1 1 
ATOM   284  C CE2 . TYR A 1 48  ? -19.423 -13.519 -2.553  1.00 49.29  ? 47  TYR A CE2 1 
ATOM   285  C CZ  . TYR A 1 48  ? -19.654 -12.540 -3.513  1.00 55.54  ? 47  TYR A CZ  1 
ATOM   286  O OH  . TYR A 1 48  ? -20.937 -12.034 -3.694  1.00 57.10  ? 47  TYR A OH  1 
ATOM   287  N N   . PHE A 1 49  ? -13.336 -16.191 -2.779  1.00 31.90  ? 48  PHE A N   1 
ATOM   288  C CA  . PHE A 1 49  ? -11.915 -16.502 -2.707  1.00 31.83  ? 48  PHE A CA  1 
ATOM   289  C C   . PHE A 1 49  ? -11.778 -17.927 -2.222  1.00 31.73  ? 48  PHE A C   1 
ATOM   290  O O   . PHE A 1 49  ? -12.119 -18.204 -1.109  1.00 29.42  ? 48  PHE A O   1 
ATOM   291  C CB  . PHE A 1 49  ? -11.235 -15.560 -1.704  1.00 37.56  ? 48  PHE A CB  1 
ATOM   292  C CG  . PHE A 1 49  ? -11.738 -14.159 -1.768  1.00 37.54  ? 48  PHE A CG  1 
ATOM   293  C CD1 . PHE A 1 49  ? -11.262 -13.299 -2.745  1.00 37.94  ? 48  PHE A CD1 1 
ATOM   294  C CD2 . PHE A 1 49  ? -12.714 -13.714 -0.879  1.00 37.73  ? 48  PHE A CD2 1 
ATOM   295  C CE1 . PHE A 1 49  ? -11.760 -12.004 -2.847  1.00 41.17  ? 48  PHE A CE1 1 
ATOM   296  C CE2 . PHE A 1 49  ? -13.185 -12.416 -0.961  1.00 42.54  ? 48  PHE A CE2 1 
ATOM   297  C CZ  . PHE A 1 49  ? -12.707 -11.564 -1.936  1.00 39.54  ? 48  PHE A CZ  1 
ATOM   298  N N   . ALA A 1 50  ? -11.339 -18.839 -3.063  1.00 34.78  ? 49  ALA A N   1 
ATOM   299  C CA  . ALA A 1 50  ? -11.385 -20.266 -2.679  1.00 34.46  ? 49  ALA A CA  1 
ATOM   300  C C   . ALA A 1 50  ? -10.307 -20.574 -1.663  1.00 33.24  ? 49  ALA A C   1 
ATOM   301  O O   . ALA A 1 50  ? -10.386 -21.574 -0.908  1.00 28.31  ? 49  ALA A O   1 
ATOM   302  C CB  . ALA A 1 50  ? -11.237 -21.144 -3.915  1.00 34.90  ? 49  ALA A CB  1 
ATOM   303  N N   . THR A 1 51  ? -9.234  -19.762 -1.697  1.00 30.08  ? 50  THR A N   1 
ATOM   304  C CA  . THR A 1 51  ? -8.086  -19.993 -0.821  1.00 30.74  ? 50  THR A CA  1 
ATOM   305  C C   . THR A 1 51  ? -7.676  -18.702 -0.082  1.00 34.34  ? 50  THR A C   1 
ATOM   306  O O   . THR A 1 51  ? -7.907  -17.607 -0.563  1.00 28.81  ? 50  THR A O   1 
ATOM   307  C CB  . THR A 1 51  ? -6.830  -20.493 -1.563  1.00 28.53  ? 50  THR A CB  1 
ATOM   308  O OG1 . THR A 1 51  ? -6.312  -19.527 -2.562  1.00 26.63  ? 50  THR A OG1 1 
ATOM   309  C CG2 . THR A 1 51  ? -7.073  -21.933 -2.190  1.00 31.91  ? 50  THR A CG2 1 
ATOM   310  N N   . LYS A 1 52  ? -7.081  -18.867 1.076   1.00 33.72  ? 51  LYS A N   1 
ATOM   311  C CA  . LYS A 1 52  ? -6.375  -17.763 1.723   1.00 36.41  ? 51  LYS A CA  1 
ATOM   312  C C   . LYS A 1 52  ? -5.367  -17.085 0.781   1.00 33.75  ? 51  LYS A C   1 
ATOM   313  O O   . LYS A 1 52  ? -5.376  -15.881 0.715   1.00 32.10  ? 51  LYS A O   1 
ATOM   314  C CB  . LYS A 1 52  ? -5.730  -18.229 3.005   1.00 39.14  ? 51  LYS A CB  1 
ATOM   315  C CG  . LYS A 1 52  ? -4.737  -17.218 3.548   1.00 51.31  ? 51  LYS A CG  1 
ATOM   316  C CD  . LYS A 1 52  ? -4.517  -17.404 5.035   1.00 66.10  ? 51  LYS A CD  1 
ATOM   317  C CE  . LYS A 1 52  ? -5.661  -16.814 5.846   1.00 74.38  ? 51  LYS A CE  1 
ATOM   318  N NZ  . LYS A 1 52  ? -5.409  -17.180 7.269   1.00 84.56  ? 51  LYS A NZ  1 
ATOM   319  N N   . ASP A 1 53  ? -4.541  -17.826 0.032   1.00 29.43  ? 52  ASP A N   1 
ATOM   320  C CA  . ASP A 1 53  ? -3.700  -17.244 -1.000  1.00 32.10  ? 52  ASP A CA  1 
ATOM   321  C C   . ASP A 1 53  ? -4.427  -16.362 -2.026  1.00 31.68  ? 52  ASP A C   1 
ATOM   322  O O   . ASP A 1 53  ? -3.915  -15.298 -2.399  1.00 29.93  ? 52  ASP A O   1 
ATOM   323  C CB  . ASP A 1 53  ? -2.938  -18.302 -1.805  1.00 35.15  ? 52  ASP A CB  1 
ATOM   324  C CG  . ASP A 1 53  ? -2.011  -19.199 -0.930  1.00 48.55  ? 52  ASP A CG  1 
ATOM   325  O OD1 . ASP A 1 53  ? -1.616  -18.822 0.234   1.00 43.21  ? 52  ASP A OD1 1 
ATOM   326  O OD2 . ASP A 1 53  ? -1.716  -20.312 -1.462  1.00 47.74  ? 52  ASP A OD2 1 
ATOM   327  N N   . GLU A 1 54  ? -5.575  -16.781 -2.528  1.00 31.03  ? 53  GLU A N   1 
ATOM   328  C CA  . GLU A 1 54  ? -6.321  -15.949 -3.499  1.00 30.97  ? 53  GLU A CA  1 
ATOM   329  C C   . GLU A 1 54  ? -6.811  -14.654 -2.849  1.00 26.12  ? 53  GLU A C   1 
ATOM   330  O O   . GLU A 1 54  ? -6.690  -13.590 -3.440  1.00 29.51  ? 53  GLU A O   1 
ATOM   331  C CB  . GLU A 1 54  ? -7.605  -16.659 -4.044  1.00 38.26  ? 53  GLU A CB  1 
ATOM   332  C CG  . GLU A 1 54  ? -7.360  -17.907 -4.884  1.00 52.00  ? 53  GLU A CG  1 
ATOM   333  C CD  . GLU A 1 54  ? -8.609  -18.367 -5.656  1.00 56.05  ? 53  GLU A CD  1 
ATOM   334  O OE1 . GLU A 1 54  ? -9.669  -17.676 -5.614  1.00 56.46  ? 53  GLU A OE1 1 
ATOM   335  O OE2 . GLU A 1 54  ? -8.516  -19.405 -6.339  1.00 62.92  ? 53  GLU A OE2 1 
ATOM   336  N N   . LEU A 1 55  ? -7.357  -14.768 -1.652  1.00 27.68  ? 54  LEU A N   1 
ATOM   337  C CA  . LEU A 1 55  ? -7.793  -13.626 -0.867  1.00 32.14  ? 54  LEU A CA  1 
ATOM   338  C C   . LEU A 1 55  ? -6.696  -12.602 -0.647  1.00 28.78  ? 54  LEU A C   1 
ATOM   339  O O   . LEU A 1 55  ? -6.895  -11.435 -0.881  1.00 31.48  ? 54  LEU A O   1 
ATOM   340  C CB  . LEU A 1 55  ? -8.396  -14.061 0.458   1.00 30.40  ? 54  LEU A CB  1 
ATOM   341  C CG  . LEU A 1 55  ? -8.727  -12.856 1.368   1.00 35.05  ? 54  LEU A CG  1 
ATOM   342  C CD1 . LEU A 1 55  ? -9.731  -11.862 0.755   1.00 40.74  ? 54  LEU A CD1 1 
ATOM   343  C CD2 . LEU A 1 55  ? -9.245  -13.371 2.688   1.00 39.56  ? 54  LEU A CD2 1 
ATOM   344  N N   . ILE A 1 56  ? -5.513  -13.070 -0.269  1.00 29.94  ? 55  ILE A N   1 
ATOM   345  C CA  . ILE A 1 56  ? -4.330  -12.214 -0.167  1.00 29.41  ? 55  ILE A CA  1 
ATOM   346  C C   . ILE A 1 56  ? -3.997  -11.500 -1.453  1.00 29.10  ? 55  ILE A C   1 
ATOM   347  O O   . ILE A 1 56  ? -3.685  -10.281 -1.477  1.00 26.96  ? 55  ILE A O   1 
ATOM   348  C CB  . ILE A 1 56  ? -3.108  -13.018 0.314   1.00 28.25  ? 55  ILE A CB  1 
ATOM   349  C CG1 . ILE A 1 56  ? -3.305  -13.424 1.741   1.00 31.14  ? 55  ILE A CG1 1 
ATOM   350  C CG2 . ILE A 1 56  ? -1.796  -12.254 0.146   1.00 30.09  ? 55  ILE A CG2 1 
ATOM   351  C CD1 . ILE A 1 56  ? -2.185  -14.338 2.247   1.00 35.67  ? 55  ILE A CD1 1 
ATOM   352  N N   . ASN A 1 57  ? -3.997  -12.213 -2.547  1.00 25.72  ? 56  ASN A N   1 
ATOM   353  C CA  . ASN A 1 57  ? -3.652  -11.569 -3.800  1.00 29.11  ? 56  ASN A CA  1 
ATOM   354  C C   . ASN A 1 57  ? -4.741  -10.580 -4.316  1.00 31.11  ? 56  ASN A C   1 
ATOM   355  O O   . ASN A 1 57  ? -4.407  -9.516  -4.825  1.00 28.99  ? 56  ASN A O   1 
ATOM   356  C CB  . ASN A 1 57  ? -3.329  -12.603 -4.858  1.00 29.89  ? 56  ASN A CB  1 
ATOM   357  C CG  . ASN A 1 57  ? -1.970  -13.161 -4.691  1.00 30.27  ? 56  ASN A CG  1 
ATOM   358  O OD1 . ASN A 1 57  ? -1.042  -12.742 -5.373  1.00 31.96  ? 56  ASN A OD1 1 
ATOM   359  N ND2 . ASN A 1 57  ? -1.818  -14.082 -3.737  1.00 30.61  ? 56  ASN A ND2 1 
ATOM   360  N N   . THR A 1 58  ? -6.011  -10.928 -4.137  1.00 28.43  ? 57  THR A N   1 
ATOM   361  C CA  . THR A 1 58  ? -7.111  -10.043 -4.524  1.00 31.95  ? 57  THR A CA  1 
ATOM   362  C C   . THR A 1 58  ? -7.218  -8.846  -3.605  1.00 30.85  ? 57  THR A C   1 
ATOM   363  O O   . THR A 1 58  ? -7.454  -7.767  -4.086  1.00 27.60  ? 57  THR A O   1 
ATOM   364  C CB  . THR A 1 58  ? -8.503  -10.787 -4.526  1.00 33.56  ? 57  THR A CB  1 
ATOM   365  O OG1 . THR A 1 58  ? -8.396  -11.946 -5.368  1.00 29.19  ? 57  THR A OG1 1 
ATOM   366  C CG2 . THR A 1 58  ? -9.615  -9.873  -5.043  1.00 31.74  ? 57  THR A CG2 1 
ATOM   367  N N   . LEU A 1 59  ? -7.082  -9.055  -2.303  1.00 26.59  ? 58  LEU A N   1 
ATOM   368  C CA  . LEU A 1 59  ? -7.082  -7.946  -1.410  1.00 29.15  ? 58  LEU A CA  1 
ATOM   369  C C   . LEU A 1 59  ? -5.959  -6.976  -1.717  1.00 27.67  ? 58  LEU A C   1 
ATOM   370  O O   . LEU A 1 59  ? -6.185  -5.770  -1.776  1.00 28.38  ? 58  LEU A O   1 
ATOM   371  C CB  . LEU A 1 59  ? -7.050  -8.352  0.030   1.00 24.67  ? 58  LEU A CB  1 
ATOM   372  C CG  . LEU A 1 59  ? -7.145  -7.165  0.985   1.00 25.96  ? 58  LEU A CG  1 
ATOM   373  C CD1 . LEU A 1 59  ? -8.416  -6.322  0.823   1.00 25.76  ? 58  LEU A CD1 1 
ATOM   374  C CD2 . LEU A 1 59  ? -7.062  -7.672  2.397   1.00 26.17  ? 58  LEU A CD2 1 
ATOM   375  N N   . TYR A 1 60  ? -4.754  -7.497  -1.961  1.00 26.60  ? 59  TYR A N   1 
ATOM   376  C CA  . TYR A 1 60  ? -3.645  -6.639  -2.279  1.00 26.37  ? 59  TYR A CA  1 
ATOM   377  C C   . TYR A 1 60  ? -3.965  -5.766  -3.493  1.00 30.66  ? 59  TYR A C   1 
ATOM   378  O O   . TYR A 1 60  ? -3.661  -4.567  -3.550  1.00 26.09  ? 59  TYR A O   1 
ATOM   379  C CB  . TYR A 1 60  ? -2.422  -7.473  -2.573  1.00 25.39  ? 59  TYR A CB  1 
ATOM   380  C CG  . TYR A 1 60  ? -1.297  -6.670  -3.025  1.00 25.26  ? 59  TYR A CG  1 
ATOM   381  C CD1 . TYR A 1 60  ? -0.475  -6.048  -2.129  1.00 29.60  ? 59  TYR A CD1 1 
ATOM   382  C CD2 . TYR A 1 60  ? -1.005  -6.542  -4.383  1.00 27.77  ? 59  TYR A CD2 1 
ATOM   383  C CE1 . TYR A 1 60  ? 0.619   -5.322  -2.557  1.00 24.83  ? 59  TYR A CE1 1 
ATOM   384  C CE2 . TYR A 1 60  ? 0.056   -5.785  -4.824  1.00 32.79  ? 59  TYR A CE2 1 
ATOM   385  C CZ  . TYR A 1 60  ? 0.856   -5.155  -3.888  1.00 33.75  ? 59  TYR A CZ  1 
ATOM   386  O OH  . TYR A 1 60  ? 1.924   -4.429  -4.327  1.00 35.12  ? 59  TYR A OH  1 
ATOM   387  N N   . LEU A 1 61  ? -4.518  -6.383  -4.504  1.00 28.94  ? 60  LEU A N   1 
ATOM   388  C CA  . LEU A 1 61  ? -4.844  -5.607  -5.717  1.00 30.09  ? 60  LEU A CA  1 
ATOM   389  C C   . LEU A 1 61  ? -5.894  -4.579  -5.458  1.00 26.20  ? 60  LEU A C   1 
ATOM   390  O O   . LEU A 1 61  ? -5.735  -3.467  -5.964  1.00 28.60  ? 60  LEU A O   1 
ATOM   391  C CB  . LEU A 1 61  ? -5.229  -6.537  -6.885  1.00 30.38  ? 60  LEU A CB  1 
ATOM   392  C CG  . LEU A 1 61  ? -4.024  -7.293  -7.431  1.00 35.39  ? 60  LEU A CG  1 
ATOM   393  C CD1 . LEU A 1 61  ? -4.546  -8.357  -8.386  1.00 43.22  ? 60  LEU A CD1 1 
ATOM   394  C CD2 . LEU A 1 61  ? -2.961  -6.457  -8.160  1.00 37.37  ? 60  LEU A CD2 1 
ATOM   395  N N   . HIS A 1 62  ? -6.920  -4.925  -4.655  1.00 28.29  ? 61  HIS A N   1 
ATOM   396  C CA  . HIS A 1 62  ? -7.965  -4.030  -4.272  0.70 27.01  ? 61  HIS A CA  1 
ATOM   397  C C   . HIS A 1 62  ? -7.417  -2.797  -3.517  1.00 31.05  ? 61  HIS A C   1 
ATOM   398  O O   . HIS A 1 62  ? -7.755  -1.627  -3.789  1.00 25.59  ? 61  HIS A O   1 
ATOM   399  C CB  . HIS A 1 62  ? -8.934  -4.758  -3.389  0.70 30.75  ? 61  HIS A CB  1 
ATOM   400  C CG  . HIS A 1 62  ? -10.077 -3.917  -2.950  0.70 36.55  ? 61  HIS A CG  1 
ATOM   401  N ND1 . HIS A 1 62  ? -10.917 -3.296  -3.853  0.70 40.76  ? 61  HIS A ND1 1 
ATOM   402  C CD2 . HIS A 1 62  ? -10.529 -3.582  -1.719  0.70 40.03  ? 61  HIS A CD2 1 
ATOM   403  C CE1 . HIS A 1 62  ? -11.823 -2.600  -3.194  0.70 38.73  ? 61  HIS A CE1 1 
ATOM   404  N NE2 . HIS A 1 62  ? -11.626 -2.775  -1.899  0.70 39.73  ? 61  HIS A NE2 1 
ATOM   405  N N   . LEU A 1 63  ? -6.535  -3.066  -2.591  1.00 24.09  ? 62  LEU A N   1 
ATOM   406  C CA  . LEU A 1 63  ? -5.882  -1.974  -1.804  1.00 23.59  ? 62  LEU A CA  1 
ATOM   407  C C   . LEU A 1 63  ? -4.985  -1.180  -2.618  1.00 22.09  ? 62  LEU A C   1 
ATOM   408  O O   . LEU A 1 63  ? -5.080  0.052   -2.589  1.00 24.66  ? 62  LEU A O   1 
ATOM   409  C CB  . LEU A 1 63  ? -5.191  -2.538  -0.590  1.00 22.84  ? 62  LEU A CB  1 
ATOM   410  C CG  . LEU A 1 63  ? -6.143  -3.082  0.450   1.00 24.82  ? 62  LEU A CG  1 
ATOM   411  C CD1 . LEU A 1 63  ? -5.309  -3.669  1.568   1.00 25.75  ? 62  LEU A CD1 1 
ATOM   412  C CD2 . LEU A 1 63  ? -7.135  -2.032  0.969   1.00 29.13  ? 62  LEU A CD2 1 
ATOM   413  N N   . LYS A 1 64  ? -4.153  -1.800  -3.421  1.00 21.68  ? 63  LYS A N   1 
ATOM   414  C CA  . LYS A 1 64  ? -3.250  -1.091  -4.244  1.00 26.15  ? 63  LYS A CA  1 
ATOM   415  C C   . LYS A 1 64  ? -4.008  -0.216  -5.312  1.00 29.84  ? 63  LYS A C   1 
ATOM   416  O O   . LYS A 1 64  ? -3.602  0.893   -5.604  1.00 27.33  ? 63  LYS A O   1 
ATOM   417  C CB  . LYS A 1 64  ? -2.212  -1.971  -4.912  1.00 32.24  ? 63  LYS A CB  1 
ATOM   418  C CG  . LYS A 1 64  ? -1.099  -1.095  -5.520  1.00 33.75  ? 63  LYS A CG  1 
ATOM   419  C CD  . LYS A 1 64  ? -0.072  -1.887  -6.277  1.00 43.04  ? 63  LYS A CD  1 
ATOM   420  C CE  . LYS A 1 64  ? 1.118   -1.016  -6.663  1.00 46.04  ? 63  LYS A CE  1 
ATOM   421  N NZ  . LYS A 1 64  ? 0.678   0.055   -7.603  1.00 52.30  ? 63  LYS A NZ  1 
ATOM   422  N N   . GLN A 1 65  ? -5.130  -0.694  -5.819  1.00 35.23  ? 64  GLN A N   1 
ATOM   423  C CA  . GLN A 1 65  ? -5.927  0.123   -6.775  1.00 32.37  ? 64  GLN A CA  1 
ATOM   424  C C   . GLN A 1 65  ? -6.460  1.371   -6.067  1.00 26.94  ? 64  GLN A C   1 
ATOM   425  O O   . GLN A 1 65  ? -6.452  2.445   -6.627  1.00 31.69  ? 64  GLN A O   1 
ATOM   426  C CB  . GLN A 1 65  ? -7.103  -0.730  -7.328  1.00 35.63  ? 64  GLN A CB  1 
ATOM   427  C CG  . GLN A 1 65  ? -8.435  -0.007  -7.368  1.00 47.88  ? 64  GLN A CG  1 
ATOM   428  C CD  . GLN A 1 65  ? -9.549  -0.780  -6.607  1.00 54.66  ? 64  GLN A CD  1 
ATOM   429  O OE1 . GLN A 1 65  ? -9.699  -0.732  -5.339  1.00 42.83  ? 64  GLN A OE1 1 
ATOM   430  N NE2 . GLN A 1 65  ? -10.383 -1.455  -7.402  1.00 54.23  ? 64  GLN A NE2 1 
ATOM   431  N N   . ASP A 1 66  ? -6.938  1.217   -4.837  1.00 25.34  ? 65  ASP A N   1 
ATOM   432  C CA  . ASP A 1 66  ? -7.442  2.304   -4.024  1.00 28.49  ? 65  ASP A CA  1 
ATOM   433  C C   . ASP A 1 66  ? -6.394  3.369   -3.756  1.00 26.48  ? 65  ASP A C   1 
ATOM   434  O O   . ASP A 1 66  ? -6.591  4.621   -3.969  1.00 23.71  ? 65  ASP A O   1 
ATOM   435  C CB  . ASP A 1 66  ? -8.080  1.772   -2.714  1.00 27.92  ? 65  ASP A CB  1 
ATOM   436  C CG  . ASP A 1 66  ? -8.759  2.820   -1.923  1.00 34.79  ? 65  ASP A CG  1 
ATOM   437  O OD1 . ASP A 1 66  ? -9.756  3.354   -2.427  1.00 39.24  ? 65  ASP A OD1 1 
ATOM   438  O OD2 . ASP A 1 66  ? -8.352  3.151   -0.764  1.00 36.44  ? 65  ASP A OD2 1 
ATOM   439  N N   . LEU A 1 67  ? -5.249  2.917   -3.284  1.00 24.27  ? 66  LEU A N   1 
ATOM   440  C CA  . LEU A 1 67  ? -4.135  3.799   -3.136  1.00 23.90  ? 66  LEU A CA  1 
ATOM   441  C C   . LEU A 1 67  ? -3.775  4.519   -4.442  1.00 26.53  ? 66  LEU A C   1 
ATOM   442  O O   . LEU A 1 67  ? -3.551  5.719   -4.472  1.00 32.16  ? 66  LEU A O   1 
ATOM   443  C CB  . LEU A 1 67  ? -2.890  3.006   -2.587  1.00 24.38  ? 66  LEU A CB  1 
ATOM   444  C CG  . LEU A 1 67  ? -1.626  3.742   -2.830  1.00 29.79  ? 66  LEU A CG  1 
ATOM   445  C CD1 . LEU A 1 67  ? -1.674  4.911   -1.832  1.00 31.67  ? 66  LEU A CD1 1 
ATOM   446  C CD2 . LEU A 1 67  ? -0.390  2.895   -2.613  1.00 32.99  ? 66  LEU A CD2 1 
ATOM   447  N N   . CYS A 1 68  ? -3.586  3.795   -5.507  1.00 28.02  ? 67  CYS A N   1 
ATOM   448  C CA  . CYS A 1 68  ? -3.125  4.446   -6.726  1.00 32.48  ? 67  CYS A CA  1 
ATOM   449  C C   . CYS A 1 68  ? -4.219  5.444   -7.254  1.00 30.61  ? 67  CYS A C   1 
ATOM   450  O O   . CYS A 1 68  ? -3.911  6.469   -7.755  1.00 27.43  ? 67  CYS A O   1 
ATOM   451  C CB  . CYS A 1 68  ? -2.688  3.388   -7.776  1.00 40.05  ? 67  CYS A CB  1 
ATOM   452  S SG  . CYS A 1 68  ? -1.078  2.692   -7.217  1.00 49.86  ? 67  CYS A SG  1 
ATOM   453  N N   . GLN A 1 69  ? -5.482  5.155   -7.064  1.00 29.54  ? 68  GLN A N   1 
ATOM   454  C CA  . GLN A 1 69  ? -6.519  6.077   -7.548  1.00 31.84  ? 68  GLN A CA  1 
ATOM   455  C C   . GLN A 1 69  ? -6.447  7.387   -6.799  1.00 32.77  ? 68  GLN A C   1 
ATOM   456  O O   . GLN A 1 69  ? -6.577  8.488   -7.374  1.00 33.15  ? 68  GLN A O   1 
ATOM   457  C CB  . GLN A 1 69  ? -7.883  5.461   -7.432  1.00 31.10  ? 68  GLN A CB  1 
ATOM   458  C CG  . GLN A 1 69  ? -9.032  6.319   -8.022  1.00 36.91  ? 68  GLN A CG  1 
ATOM   459  C CD  . GLN A 1 69  ? -8.915  6.641   -9.541  1.00 38.69  ? 68  GLN A CD  1 
ATOM   460  O OE1 . GLN A 1 69  ? -9.225  7.734   -10.034 1.00 48.75  ? 68  GLN A OE1 1 
ATOM   461  N NE2 . GLN A 1 69  ? -8.525  5.680   -10.267 1.00 39.97  ? 68  GLN A NE2 1 
ATOM   462  N N   . SER A 1 70  ? -6.152  7.297   -5.508  1.00 29.36  ? 69  SER A N   1 
ATOM   463  C CA  . SER A 1 70  ? -5.931  8.471   -4.677  1.00 28.93  ? 69  SER A CA  1 
ATOM   464  C C   . SER A 1 70  ? -4.694  9.294   -5.141  1.00 33.80  ? 69  SER A C   1 
ATOM   465  O O   . SER A 1 70  ? -4.689  10.533  -5.199  1.00 31.60  ? 69  SER A O   1 
ATOM   466  C CB  . SER A 1 70  ? -5.974  7.976   -3.190  1.00 35.33  ? 69  SER A CB  1 
ATOM   467  O OG  . SER A 1 70  ? -5.431  8.880   -2.342  1.00 42.87  ? 69  SER A OG  1 
ATOM   468  N N   . MET A 1 71  ? -3.626  8.628   -5.498  1.00 32.60  ? 70  MET A N   1 
ATOM   469  C CA  . MET A 1 71  ? -2.478  9.312   -6.010  1.00 31.29  ? 70  MET A CA  1 
ATOM   470  C C   . MET A 1 71  ? -2.819  10.051  -7.325  1.00 41.53  ? 70  MET A C   1 
ATOM   471  O O   . MET A 1 71  ? -2.386  11.208  -7.535  1.00 38.58  ? 70  MET A O   1 
ATOM   472  C CB  . MET A 1 71  ? -1.346  8.348   -6.243  1.00 33.06  ? 70  MET A CB  1 
ATOM   473  C CG  . MET A 1 71  ? -0.758  7.781   -4.982  1.00 38.39  ? 70  MET A CG  1 
ATOM   474  S SD  . MET A 1 71  ? 0.573   6.591   -5.321  1.00 43.58  ? 70  MET A SD  1 
ATOM   475  C CE  . MET A 1 71  ? 1.135   6.499   -3.623  1.00 34.06  ? 70  MET A CE  1 
ATOM   476  N N   . ILE A 1 72  ? -3.566  9.375   -8.206  1.00 40.86  ? 71  ILE A N   1 
ATOM   477  C CA  . ILE A 1 72  ? -3.944  9.937   -9.520  1.00 47.60  ? 71  ILE A CA  1 
ATOM   478  C C   . ILE A 1 72  ? -4.651  11.259  -9.333  1.00 39.47  ? 71  ILE A C   1 
ATOM   479  O O   . ILE A 1 72  ? -4.398  12.192  -10.043 1.00 47.34  ? 71  ILE A O   1 
ATOM   480  C CB  . ILE A 1 72  ? -4.867  8.957   -10.319 1.00 48.68  ? 71  ILE A CB  1 
ATOM   481  C CG1 . ILE A 1 72  ? -4.050  7.831   -10.945 1.00 52.48  ? 71  ILE A CG1 1 
ATOM   482  C CG2 . ILE A 1 72  ? -5.684  9.650   -11.409 1.00 58.18  ? 71  ILE A CG2 1 
ATOM   483  C CD1 . ILE A 1 72  ? -2.658  8.228   -11.415 1.00 56.63  ? 71  ILE A CD1 1 
ATOM   484  N N   . MET A 1 73  ? -5.501  11.345  -8.340  1.00 40.18  ? 72  MET A N   1 
ATOM   485  C CA  . MET A 1 73  ? -6.231  12.590  -8.073  1.00 46.30  ? 72  MET A CA  1 
ATOM   486  C C   . MET A 1 73  ? -5.444  13.746  -7.490  1.00 46.20  ? 72  MET A C   1 
ATOM   487  O O   . MET A 1 73  ? -5.818  14.897  -7.675  1.00 41.21  ? 72  MET A O   1 
ATOM   488  C CB  . MET A 1 73  ? -7.415  12.290  -7.205  1.00 45.18  ? 72  MET A CB  1 
ATOM   489  C CG  . MET A 1 73  ? -8.106  11.141  -7.856  1.00 47.30  ? 72  MET A CG  1 
ATOM   490  S SD  . MET A 1 73  ? -9.823  11.187  -7.598  1.00 56.67  ? 72  MET A SD  1 
ATOM   491  C CE  . MET A 1 73  ? -10.330 9.565   -8.127  1.00 58.98  ? 72  MET A CE  1 
ATOM   492  N N   . GLU A 1 74  ? -4.364  13.441  -6.785  1.00 48.14  ? 73  GLU A N   1 
ATOM   493  C CA  . GLU A 1 74  ? -3.556  14.462  -6.132  1.00 45.36  ? 73  GLU A CA  1 
ATOM   494  C C   . GLU A 1 74  ? -2.462  14.985  -7.050  1.00 44.24  ? 73  GLU A C   1 
ATOM   495  O O   . GLU A 1 74  ? -1.986  16.132  -6.864  1.00 42.79  ? 73  GLU A O   1 
ATOM   496  C CB  . GLU A 1 74  ? -2.936  13.872  -4.857  1.00 52.81  ? 73  GLU A CB  1 
ATOM   497  C CG  . GLU A 1 74  ? -3.964  13.565  -3.785  1.00 61.75  ? 73  GLU A CG  1 
ATOM   498  C CD  . GLU A 1 74  ? -4.284  14.769  -2.907  1.00 65.99  ? 73  GLU A CD  1 
ATOM   499  O OE1 . GLU A 1 74  ? -5.152  14.596  -2.022  1.00 85.80  ? 73  GLU A OE1 1 
ATOM   500  O OE2 . GLU A 1 74  ? -3.658  15.856  -3.057  1.00 57.98  ? 73  GLU A OE2 1 
ATOM   501  N N   . LEU A 1 75  ? -2.073  14.126  -8.006  1.00 41.18  ? 74  LEU A N   1 
ATOM   502  C CA  . LEU A 1 75  ? -0.933  14.322  -8.938  1.00 49.83  ? 74  LEU A CA  1 
ATOM   503  C C   . LEU A 1 75  ? -1.136  15.458  -9.933  1.00 51.18  ? 74  LEU A C   1 
ATOM   504  O O   . LEU A 1 75  ? -2.154  15.503  -10.613 1.00 51.75  ? 74  LEU A O   1 
ATOM   505  C CB  . LEU A 1 75  ? -0.654  13.015  -9.731  1.00 63.04  ? 74  LEU A CB  1 
ATOM   506  C CG  . LEU A 1 75  ? 0.095   12.942  -11.102 1.00 73.77  ? 74  LEU A CG  1 
ATOM   507  C CD1 . LEU A 1 75  ? 1.572   12.577  -10.939 1.00 73.51  ? 74  LEU A CD1 1 
ATOM   508  C CD2 . LEU A 1 75  ? -0.551  11.940  -12.070 1.00 81.62  ? 74  LEU A CD2 1 
ATOM   509  N N   . ASP A 1 76  ? -0.134  16.339  -10.008 1.00 52.51  ? 75  ASP A N   1 
ATOM   510  C CA  . ASP A 1 76  ? 0.017   17.386  -11.056 1.00 54.93  ? 75  ASP A CA  1 
ATOM   511  C C   . ASP A 1 76  ? 1.037   16.852  -12.091 1.00 67.66  ? 75  ASP A C   1 
ATOM   512  O O   . ASP A 1 76  ? 2.260   16.861  -11.868 1.00 57.11  ? 75  ASP A O   1 
ATOM   513  C CB  . ASP A 1 76  ? 0.470   18.707  -10.388 1.00 50.01  ? 75  ASP A CB  1 
ATOM   514  C CG  . ASP A 1 76  ? 0.896   19.848  -11.388 1.00 55.36  ? 75  ASP A CG  1 
ATOM   515  O OD1 . ASP A 1 76  ? 0.857   19.684  -12.645 1.00 45.71  ? 75  ASP A OD1 1 
ATOM   516  O OD2 . ASP A 1 76  ? 1.270   20.938  -10.844 1.00 51.22  ? 75  ASP A OD2 1 
ATOM   517  N N   . ARG A 1 77  ? 0.521   16.359  -13.215 1.00 79.30  ? 76  ARG A N   1 
ATOM   518  C CA  . ARG A 1 77  ? 1.353   15.637  -14.179 1.00 81.40  ? 76  ARG A CA  1 
ATOM   519  C C   . ARG A 1 77  ? 2.334   16.575  -14.890 1.00 72.22  ? 76  ARG A C   1 
ATOM   520  O O   . ARG A 1 77  ? 3.242   16.113  -15.556 1.00 74.97  ? 76  ARG A O   1 
ATOM   521  C CB  . ARG A 1 77  ? 0.487   14.865  -15.194 1.00 87.24  ? 76  ARG A CB  1 
ATOM   522  C CG  . ARG A 1 77  ? -0.474  13.847  -14.565 1.00 93.26  ? 76  ARG A CG  1 
ATOM   523  C CD  . ARG A 1 77  ? -1.756  13.551  -15.363 1.00 89.79  ? 76  ARG A CD  1 
ATOM   524  N NE  . ARG A 1 77  ? -2.361  14.743  -15.980 1.00 86.93  ? 76  ARG A NE  1 
ATOM   525  C CZ  . ARG A 1 77  ? -3.537  14.754  -16.602 1.00 78.01  ? 76  ARG A CZ  1 
ATOM   526  N NH1 . ARG A 1 77  ? -4.261  13.649  -16.645 1.00 78.42  ? 76  ARG A NH1 1 
ATOM   527  N NH2 . ARG A 1 77  ? -4.001  15.875  -17.159 1.00 66.12  ? 76  ARG A NH2 1 
ATOM   528  N N   . SER A 1 78  ? 2.176   17.885  -14.741 1.00 74.28  ? 77  SER A N   1 
ATOM   529  C CA  . SER A 1 78  ? 3.173   18.801  -15.277 1.00 70.68  ? 77  SER A CA  1 
ATOM   530  C C   . SER A 1 78  ? 4.558   18.589  -14.635 1.00 72.57  ? 77  SER A C   1 
ATOM   531  O O   . SER A 1 78  ? 5.578   18.779  -15.315 1.00 64.51  ? 77  SER A O   1 
ATOM   532  C CB  . SER A 1 78  ? 2.715   20.278  -15.201 1.00 71.35  ? 77  SER A CB  1 
ATOM   533  O OG  . SER A 1 78  ? 3.040   20.949  -13.992 1.00 69.59  ? 77  SER A OG  1 
ATOM   534  N N   . ILE A 1 79  ? 4.612   18.166  -13.362 1.00 70.36  ? 78  ILE A N   1 
ATOM   535  C CA  . ILE A 1 79  ? 5.907   18.096  -12.651 1.00 62.60  ? 78  ILE A CA  1 
ATOM   536  C C   . ILE A 1 79  ? 6.908   17.168  -13.332 1.00 56.18  ? 78  ILE A C   1 
ATOM   537  O O   . ILE A 1 79  ? 6.628   15.981  -13.585 1.00 57.23  ? 78  ILE A O   1 
ATOM   538  C CB  . ILE A 1 79  ? 5.773   17.707  -11.172 1.00 63.34  ? 78  ILE A CB  1 
ATOM   539  C CG1 . ILE A 1 79  ? 5.044   18.816  -10.414 1.00 64.64  ? 78  ILE A CG1 1 
ATOM   540  C CG2 . ILE A 1 79  ? 7.151   17.513  -10.537 1.00 58.80  ? 78  ILE A CG2 1 
ATOM   541  C CD1 . ILE A 1 79  ? 4.469   18.348  -9.102  1.00 70.27  ? 78  ILE A CD1 1 
ATOM   542  N N   . THR A 1 80  ? 8.085   17.739  -13.578 1.00 60.87  ? 79  THR A N   1 
ATOM   543  C CA  . THR A 1 80  ? 9.179   17.077  -14.295 1.00 68.35  ? 79  THR A CA  1 
ATOM   544  C C   . THR A 1 80  ? 10.300  16.538  -13.388 1.00 62.54  ? 79  THR A C   1 
ATOM   545  O O   . THR A 1 80  ? 10.905  15.518  -13.691 1.00 69.24  ? 79  THR A O   1 
ATOM   546  C CB  . THR A 1 80  ? 9.805   18.061  -15.298 1.00 69.78  ? 79  THR A CB  1 
ATOM   547  O OG1 . THR A 1 80  ? 10.090  19.308  -14.641 1.00 72.52  ? 79  THR A OG1 1 
ATOM   548  C CG2 . THR A 1 80  ? 8.830   18.307  -16.441 1.00 75.05  ? 79  THR A CG2 1 
ATOM   549  N N   . ASP A 1 81  ? 10.586  17.237  -12.302 1.00 53.03  ? 80  ASP A N   1 
ATOM   550  C CA  . ASP A 1 81  ? 11.635  16.847  -11.369 1.00 48.81  ? 80  ASP A CA  1 
ATOM   551  C C   . ASP A 1 81  ? 11.242  15.536  -10.612 1.00 45.65  ? 80  ASP A C   1 
ATOM   552  O O   . ASP A 1 81  ? 10.122  15.440  -10.112 1.00 38.00  ? 80  ASP A O   1 
ATOM   553  C CB  . ASP A 1 81  ? 11.825  18.005  -10.400 1.00 51.48  ? 80  ASP A CB  1 
ATOM   554  C CG  . ASP A 1 81  ? 12.946  17.769  -9.427  1.00 60.48  ? 80  ASP A CG  1 
ATOM   555  O OD1 . ASP A 1 81  ? 14.072  17.527  -9.889  1.00 63.92  ? 80  ASP A OD1 1 
ATOM   556  O OD2 . ASP A 1 81  ? 12.720  17.830  -8.200  1.00 57.41  ? 80  ASP A OD2 1 
ATOM   557  N N   . ALA A 1 82  ? 12.122  14.524  -10.564 1.00 45.84  ? 81  ALA A N   1 
ATOM   558  C CA  . ALA A 1 82  ? 11.769  13.229  -9.926  1.00 50.32  ? 81  ALA A CA  1 
ATOM   559  C C   . ALA A 1 82  ? 11.621  13.309  -8.395  1.00 44.17  ? 81  ALA A C   1 
ATOM   560  O O   . ALA A 1 82  ? 10.832  12.569  -7.826  1.00 45.69  ? 81  ALA A O   1 
ATOM   561  C CB  . ALA A 1 82  ? 12.745  12.112  -10.316 1.00 54.69  ? 81  ALA A CB  1 
ATOM   562  N N   . LYS A 1 83  ? 12.350  14.220  -7.763  1.00 39.20  ? 82  LYS A N   1 
ATOM   563  C CA  . LYS A 1 83  ? 12.356  14.334  -6.349  1.00 41.86  ? 82  LYS A CA  1 
ATOM   564  C C   . LYS A 1 83  ? 11.047  14.948  -5.950  1.00 41.53  ? 82  LYS A C   1 
ATOM   565  O O   . LYS A 1 83  ? 10.452  14.546  -5.000  1.00 28.15  ? 82  LYS A O   1 
ATOM   566  C CB  . LYS A 1 83  ? 13.500  15.196  -5.831  1.00 40.66  ? 82  LYS A CB  1 
ATOM   567  C CG  . LYS A 1 83  ? 13.641  15.106  -4.327  1.00 38.74  ? 82  LYS A CG  1 
ATOM   568  C CD  . LYS A 1 83  ? 14.808  15.872  -3.729  1.00 39.64  ? 82  LYS A CD  1 
ATOM   569  C CE  . LYS A 1 83  ? 14.945  15.441  -2.275  1.00 41.96  ? 82  LYS A CE  1 
ATOM   570  N NZ  . LYS A 1 83  ? 15.844  16.235  -1.410  1.00 37.50  ? 82  LYS A NZ  1 
ATOM   571  N N   . MET A 1 84  ? 10.596  15.922  -6.726  1.00 36.00  ? 83  MET A N   1 
ATOM   572  C CA  . MET A 1 84  ? 9.421   16.658  -6.379  1.00 34.14  ? 83  MET A CA  1 
ATOM   573  C C   . MET A 1 84  ? 8.250   15.746  -6.653  1.00 28.27  ? 83  MET A C   1 
ATOM   574  O O   . MET A 1 84  ? 7.288   15.742  -5.863  1.00 31.34  ? 83  MET A O   1 
ATOM   575  C CB  . MET A 1 84  ? 9.353   18.026  -7.141  1.00 36.15  ? 83  MET A CB  1 
ATOM   576  C CG  . MET A 1 84  ? 8.283   18.983  -6.666  1.00 40.76  ? 83  MET A CG  1 
ATOM   577  S SD  . MET A 1 84  ? 8.056   20.492  -7.714  1.00 59.87  ? 83  MET A SD  1 
ATOM   578  C CE  . MET A 1 84  ? 9.769   21.029  -7.637  1.00 46.79  ? 83  MET A CE  1 
ATOM   579  N N   . MET A 1 85  ? 8.309   14.977  -7.731  1.00 28.31  ? 84  MET A N   1 
ATOM   580  C CA  . MET A 1 85  ? 7.221   14.068  -8.068  0.70 28.47  ? 84  MET A CA  1 
ATOM   581  C C   . MET A 1 85  ? 7.157   12.958  -6.970  1.00 31.71  ? 84  MET A C   1 
ATOM   582  O O   . MET A 1 85  ? 6.098   12.552  -6.565  1.00 27.87  ? 84  MET A O   1 
ATOM   583  C CB  . MET A 1 85  ? 7.495   13.415  -9.382  0.70 30.35  ? 84  MET A CB  1 
ATOM   584  C CG  . MET A 1 85  ? 6.483   12.378  -9.747  0.70 34.47  ? 84  MET A CG  1 
ATOM   585  S SD  . MET A 1 85  ? 4.851   13.121  -9.872  0.70 43.16  ? 84  MET A SD  1 
ATOM   586  C CE  . MET A 1 85  ? 4.889   13.880  -11.502 0.70 40.30  ? 84  MET A CE  1 
ATOM   587  N N   . THR A 1 86  ? 8.318   12.510  -6.525  1.00 30.61  ? 85  THR A N   1 
ATOM   588  C CA  . THR A 1 86  ? 8.414   11.495  -5.454  1.00 30.44  ? 85  THR A CA  1 
ATOM   589  C C   . THR A 1 86  ? 7.882   12.035  -4.140  1.00 24.27  ? 85  THR A C   1 
ATOM   590  O O   . THR A 1 86  ? 7.185   11.283  -3.435  1.00 28.18  ? 85  THR A O   1 
ATOM   591  C CB  . THR A 1 86  ? 9.839   10.969  -5.322  1.00 28.02  ? 85  THR A CB  1 
ATOM   592  O OG1 . THR A 1 86  ? 10.258  10.443  -6.574  1.00 31.93  ? 85  THR A OG1 1 
ATOM   593  C CG2 . THR A 1 86  ? 9.989   9.822   -4.223  1.00 30.33  ? 85  THR A CG2 1 
ATOM   594  N N   . ARG A 1 87  ? 8.127   13.309  -3.821  1.00 24.59  ? 86  ARG A N   1 
ATOM   595  C CA  . ARG A 1 87  ? 7.584   13.924  -2.645  1.00 26.72  ? 86  ARG A CA  1 
ATOM   596  C C   . ARG A 1 87  ? 6.084   13.922  -2.704  1.00 29.35  ? 86  ARG A C   1 
ATOM   597  O O   . ARG A 1 87  ? 5.414   13.637  -1.685  1.00 20.52  ? 86  ARG A O   1 
ATOM   598  C CB  . ARG A 1 87  ? 8.061   15.359  -2.446  1.00 27.12  ? 86  ARG A CB  1 
ATOM   599  C CG  . ARG A 1 87  ? 7.445   16.094  -1.272  1.00 33.01  ? 86  ARG A CG  1 
ATOM   600  C CD  . ARG A 1 87  ? 7.522   15.371  0.069   1.00 36.89  ? 86  ARG A CD  1 
ATOM   601  N NE  . ARG A 1 87  ? 6.727   16.037  1.136   1.00 43.34  ? 86  ARG A NE  1 
ATOM   602  C CZ  . ARG A 1 87  ? 7.095   17.127  1.785   1.00 42.74  ? 86  ARG A CZ  1 
ATOM   603  N NH1 . ARG A 1 87  ? 8.268   17.731  1.540   1.00 51.77  ? 86  ARG A NH1 1 
ATOM   604  N NH2 . ARG A 1 87  ? 6.281   17.641  2.668   1.00 45.45  ? 86  ARG A NH2 1 
ATOM   605  N N   . PHE A 1 88  ? 5.524   14.334  -3.849  1.00 28.75  ? 87  PHE A N   1 
ATOM   606  C CA  . PHE A 1 88  ? 4.056   14.280  -3.971  1.00 32.36  ? 87  PHE A CA  1 
ATOM   607  C C   . PHE A 1 88  ? 3.439   12.886  -3.774  1.00 24.28  ? 87  PHE A C   1 
ATOM   608  O O   . PHE A 1 88  ? 2.413   12.767  -3.138  1.00 28.48  ? 87  PHE A O   1 
ATOM   609  C CB  . PHE A 1 88  ? 3.563   14.999  -5.258  1.00 37.36  ? 87  PHE A CB  1 
ATOM   610  C CG  . PHE A 1 88  ? 3.718   16.485  -5.124  1.00 48.23  ? 87  PHE A CG  1 
ATOM   611  C CD1 . PHE A 1 88  ? 2.954   17.179  -4.162  1.00 58.40  ? 87  PHE A CD1 1 
ATOM   612  C CD2 . PHE A 1 88  ? 4.715   17.173  -5.801  1.00 57.66  ? 87  PHE A CD2 1 
ATOM   613  C CE1 . PHE A 1 88  ? 3.121   18.546  -3.962  1.00 60.90  ? 87  PHE A CE1 1 
ATOM   614  C CE2 . PHE A 1 88  ? 4.893   18.537  -5.591  1.00 65.34  ? 87  PHE A CE2 1 
ATOM   615  C CZ  . PHE A 1 88  ? 4.092   19.216  -4.681  1.00 67.57  ? 87  PHE A CZ  1 
ATOM   616  N N   . ILE A 1 89  ? 4.080   11.888  -4.302  1.00 23.80  ? 88  ILE A N   1 
ATOM   617  C CA  . ILE A 1 89  ? 3.696   10.521  -4.093  1.00 31.01  ? 88  ILE A CA  1 
ATOM   618  C C   . ILE A 1 89  ? 3.768   10.097  -2.627  1.00 27.05  ? 88  ILE A C   1 
ATOM   619  O O   . ILE A 1 89  ? 2.815   9.503   -2.129  1.00 25.29  ? 88  ILE A O   1 
ATOM   620  C CB  . ILE A 1 89  ? 4.541   9.607   -4.995  1.00 33.87  ? 88  ILE A CB  1 
ATOM   621  C CG1 . ILE A 1 89  ? 3.936   9.738   -6.403  1.00 36.53  ? 88  ILE A CG1 1 
ATOM   622  C CG2 . ILE A 1 89  ? 4.476   8.131   -4.610  1.00 35.85  ? 88  ILE A CG2 1 
ATOM   623  C CD1 . ILE A 1 89  ? 4.872   9.296   -7.475  1.00 44.04  ? 88  ILE A CD1 1 
ATOM   624  N N   . TRP A 1 90  ? 4.890   10.377  -1.991  1.00 23.66  ? 89  TRP A N   1 
ATOM   625  C CA  . TRP A 1 90  ? 4.985   10.170  -0.503  1.00 21.51  ? 89  TRP A CA  1 
ATOM   626  C C   . TRP A 1 90  ? 3.895   10.868  0.246   1.00 19.86  ? 89  TRP A C   1 
ATOM   627  O O   . TRP A 1 90  ? 3.152   10.229  1.030   1.00 19.46  ? 89  TRP A O   1 
ATOM   628  C CB  . TRP A 1 90  ? 6.309   10.681  -0.040  1.00 20.53  ? 89  TRP A CB  1 
ATOM   629  C CG  . TRP A 1 90  ? 6.513   10.742  1.489   1.00 20.67  ? 89  TRP A CG  1 
ATOM   630  C CD1 . TRP A 1 90  ? 6.391   11.801  2.296   1.00 17.33  ? 89  TRP A CD1 1 
ATOM   631  C CD2 . TRP A 1 90  ? 6.936   9.664   2.273   1.00 17.57  ? 89  TRP A CD2 1 
ATOM   632  N NE1 . TRP A 1 90  ? 6.701   11.448  3.582   1.00 20.56  ? 89  TRP A NE1 1 
ATOM   633  C CE2 . TRP A 1 90  ? 7.142   10.149  3.559   1.00 17.55  ? 89  TRP A CE2 1 
ATOM   634  C CE3 . TRP A 1 90  ? 7.224   8.346   1.983   1.00 19.78  ? 89  TRP A CE3 1 
ATOM   635  C CZ2 . TRP A 1 90  ? 7.491   9.321   4.620   1.00 20.33  ? 89  TRP A CZ2 1 
ATOM   636  C CZ3 . TRP A 1 90  ? 7.646   7.506   3.016   1.00 18.53  ? 89  TRP A CZ3 1 
ATOM   637  C CH2 . TRP A 1 90  ? 7.791   8.037   4.325   1.00 18.43  ? 89  TRP A CH2 1 
ATOM   638  N N   . ASN A 1 91  ? 3.684   12.175  -0.017  1.00 18.76  ? 90  ASN A N   1 
ATOM   639  C CA  . ASN A 1 91  ? 2.638   12.866  0.658   1.00 22.11  ? 90  ASN A CA  1 
ATOM   640  C C   . ASN A 1 91  ? 1.273   12.203  0.437   1.00 22.21  ? 90  ASN A C   1 
ATOM   641  O O   . ASN A 1 91  ? 0.450   12.215  1.354   1.00 21.99  ? 90  ASN A O   1 
ATOM   642  C CB  . ASN A 1 91  ? 2.490   14.372  0.273   1.00 22.99  ? 90  ASN A CB  1 
ATOM   643  C CG  . ASN A 1 91  ? 3.665   15.194  0.712   1.00 25.85  ? 90  ASN A CG  1 
ATOM   644  O OD1 . ASN A 1 91  ? 4.595   14.675  1.327   1.00 28.47  ? 90  ASN A OD1 1 
ATOM   645  N ND2 . ASN A 1 91  ? 3.737   16.422  0.209   1.00 30.00  ? 90  ASN A ND2 1 
ATOM   646  N N   A SER A 1 92  ? 1.011   11.678  -0.755  0.50 23.24  ? 91  SER A N   1 
ATOM   647  N N   B SER A 1 92  ? 1.016   11.674  -0.744  0.50 23.13  ? 91  SER A N   1 
ATOM   648  C CA  A SER A 1 92  ? -0.340  11.058  -1.000  0.50 24.23  ? 91  SER A CA  1 
ATOM   649  C CA  B SER A 1 92  ? -0.332  11.071  -0.978  0.50 24.06  ? 91  SER A CA  1 
ATOM   650  C C   A SER A 1 92  ? -0.427  9.737   -0.282  0.50 23.40  ? 91  SER A C   1 
ATOM   651  C C   B SER A 1 92  ? -0.418  9.760   -0.249  0.50 23.31  ? 91  SER A C   1 
ATOM   652  O O   A SER A 1 92  ? -1.469  9.386   0.225   0.50 22.55  ? 91  SER A O   1 
ATOM   653  O O   B SER A 1 92  ? -1.448  9.447   0.311   0.50 22.37  ? 91  SER A O   1 
ATOM   654  C CB  A SER A 1 92  ? -0.668  10.860  -2.486  0.50 25.04  ? 91  SER A CB  1 
ATOM   655  C CB  B SER A 1 92  ? -0.605  10.865  -2.456  0.50 24.67  ? 91  SER A CB  1 
ATOM   656  O OG  A SER A 1 92  ? 0.346   10.160  -3.195  0.50 25.15  ? 91  SER A OG  1 
ATOM   657  O OG  B SER A 1 92  ? -0.332  12.069  -3.150  0.50 24.08  ? 91  SER A OG  1 
ATOM   658  N N   . TYR A 1 93  ? 0.684   9.003   -0.206  1.00 23.56  ? 92  TYR A N   1 
ATOM   659  C CA  . TYR A 1 93  ? 0.721   7.760   0.610   1.00 21.21  ? 92  TYR A CA  1 
ATOM   660  C C   . TYR A 1 93  ? 0.408   8.002   2.046   1.00 20.35  ? 92  TYR A C   1 
ATOM   661  O O   . TYR A 1 93  ? -0.496  7.330   2.669   1.00 17.47  ? 92  TYR A O   1 
ATOM   662  C CB  . TYR A 1 93  ? 2.068   6.958   0.421   1.00 21.03  ? 92  TYR A CB  1 
ATOM   663  C CG  . TYR A 1 93  ? 1.892   5.597   1.040   1.00 21.84  ? 92  TYR A CG  1 
ATOM   664  C CD1 . TYR A 1 93  ? 1.044   4.664   0.445   1.00 21.20  ? 92  TYR A CD1 1 
ATOM   665  C CD2 . TYR A 1 93  ? 2.456   5.275   2.260   1.00 23.43  ? 92  TYR A CD2 1 
ATOM   666  C CE1 . TYR A 1 93  ? 0.825   3.431   0.984   1.00 18.99  ? 92  TYR A CE1 1 
ATOM   667  C CE2 . TYR A 1 93  ? 2.156   4.061   2.869   1.00 21.64  ? 92  TYR A CE2 1 
ATOM   668  C CZ  . TYR A 1 93  ? 1.332   3.152   2.219   1.00 22.06  ? 92  TYR A CZ  1 
ATOM   669  O OH  . TYR A 1 93  ? 1.045   1.971   2.819   1.00 21.56  ? 92  TYR A OH  1 
ATOM   670  N N   . ILE A 1 94  ? 1.129   8.955   2.645   1.00 16.50  ? 93  ILE A N   1 
ATOM   671  C CA  . ILE A 1 94  ? 0.965   9.265   4.011   1.00 17.93  ? 93  ILE A CA  1 
ATOM   672  C C   . ILE A 1 94  ? -0.486  9.697   4.316   1.00 20.88  ? 93  ILE A C   1 
ATOM   673  O O   . ILE A 1 94  ? -1.068  9.311   5.269   1.00 16.85  ? 93  ILE A O   1 
ATOM   674  C CB  . ILE A 1 94  ? 1.888   10.387  4.481   1.00 20.69  ? 93  ILE A CB  1 
ATOM   675  C CG1 . ILE A 1 94  ? 3.391   9.989   4.337   1.00 19.61  ? 93  ILE A CG1 1 
ATOM   676  C CG2 . ILE A 1 94  ? 1.559   10.614  5.919   1.00 21.63  ? 93  ILE A CG2 1 
ATOM   677  C CD1 . ILE A 1 94  ? 3.750   8.668   4.937   1.00 20.13  ? 93  ILE A CD1 1 
ATOM   678  N N   . SER A 1 95  ? -1.037  10.520  3.450   1.00 21.49  ? 94  SER A N   1 
ATOM   679  C CA  . SER A 1 95  ? -2.369  10.972  3.684   1.00 23.86  ? 94  SER A CA  1 
ATOM   680  C C   . SER A 1 95  ? -3.447  9.862   3.490   1.00 20.51  ? 94  SER A C   1 
ATOM   681  O O   . SER A 1 95  ? -4.404  9.725   4.298   1.00 20.60  ? 94  SER A O   1 
ATOM   682  C CB  . SER A 1 95  ? -2.530  12.248  2.806   1.00 30.73  ? 94  SER A CB  1 
ATOM   683  O OG  . SER A 1 95  ? -3.805  12.230  2.270   1.00 41.19  ? 94  SER A OG  1 
ATOM   684  N N   . TRP A 1 96  ? -3.239  8.987   2.493   1.00 21.74  ? 95  TRP A N   1 
ATOM   685  C CA  . TRP A 1 96  ? -4.091  7.789   2.347   1.00 19.29  ? 95  TRP A CA  1 
ATOM   686  C C   . TRP A 1 96  ? -4.069  6.906   3.572   1.00 21.06  ? 95  TRP A C   1 
ATOM   687  O O   . TRP A 1 96  ? -5.132  6.439   4.073   1.00 18.38  ? 95  TRP A O   1 
ATOM   688  C CB  . TRP A 1 96  ? -3.618  7.004   1.172   1.00 19.78  ? 95  TRP A CB  1 
ATOM   689  C CG  . TRP A 1 96  ? -4.369  5.664   0.882   1.00 20.66  ? 95  TRP A CG  1 
ATOM   690  C CD1 . TRP A 1 96  ? -5.597  5.530   0.222   1.00 24.98  ? 95  TRP A CD1 1 
ATOM   691  C CD2 . TRP A 1 96  ? -3.942  4.358   1.178   1.00 23.16  ? 95  TRP A CD2 1 
ATOM   692  N NE1 . TRP A 1 96  ? -5.947  4.191   0.151   1.00 22.96  ? 95  TRP A NE1 1 
ATOM   693  C CE2 . TRP A 1 96  ? -4.944  3.449   0.687   1.00 25.60  ? 95  TRP A CE2 1 
ATOM   694  C CE3 . TRP A 1 96  ? -2.811  3.824   1.793   1.00 27.45  ? 95  TRP A CE3 1 
ATOM   695  C CZ2 . TRP A 1 96  ? -4.798  2.088   0.744   1.00 27.13  ? 95  TRP A CZ2 1 
ATOM   696  C CZ3 . TRP A 1 96  ? -2.698  2.429   1.868   1.00 28.18  ? 95  TRP A CZ3 1 
ATOM   697  C CH2 . TRP A 1 96  ? -3.683  1.591   1.348   1.00 29.37  ? 95  TRP A CH2 1 
ATOM   698  N N   . GLY A 1 97  ? -2.858  6.630   4.091   1.00 20.30  ? 96  GLY A N   1 
ATOM   699  C CA  . GLY A 1 97  ? -2.734  5.858   5.339   1.00 17.51  ? 96  GLY A CA  1 
ATOM   700  C C   . GLY A 1 97  ? -3.300  6.501   6.583   1.00 19.23  ? 96  GLY A C   1 
ATOM   701  O O   . GLY A 1 97  ? -3.759  5.779   7.445   1.00 20.46  ? 96  GLY A O   1 
ATOM   702  N N   . LEU A 1 98  ? -3.198  7.825   6.723   1.00 19.93  ? 97  LEU A N   1 
ATOM   703  C CA  . LEU A 1 98  ? -3.800  8.528   7.812   1.00 19.20  ? 97  LEU A CA  1 
ATOM   704  C C   . LEU A 1 98  ? -5.312  8.491   7.648   1.00 22.73  ? 97  LEU A C   1 
ATOM   705  O O   . LEU A 1 98  ? -6.019  8.382   8.614   1.00 18.87  ? 97  LEU A O   1 
ATOM   706  C CB  . LEU A 1 98  ? -3.339  9.975   7.844   1.00 22.64  ? 97  LEU A CB  1 
ATOM   707  C CG  . LEU A 1 98  ? -1.905  10.160  8.449   1.00 21.33  ? 97  LEU A CG  1 
ATOM   708  C CD1 . LEU A 1 98  ? -1.411  11.536  8.159   1.00 25.65  ? 97  LEU A CD1 1 
ATOM   709  C CD2 . LEU A 1 98  ? -1.922  9.904   9.906   1.00 24.25  ? 97  LEU A CD2 1 
ATOM   710  N N   . ASN A 1 99  ? -5.813  8.670   6.429   1.00 24.83  ? 98  ASN A N   1 
ATOM   711  C CA  . ASN A 1 99  ? -7.303  8.563   6.263   1.00 23.82  ? 98  ASN A CA  1 
ATOM   712  C C   . ASN A 1 99  ? -7.834  7.140   6.412   1.00 29.18  ? 98  ASN A C   1 
ATOM   713  O O   . ASN A 1 99  ? -9.031  6.944   6.761   1.00 25.13  ? 98  ASN A O   1 
ATOM   714  C CB  . ASN A 1 99  ? -7.683  9.010   4.890   1.00 25.47  ? 98  ASN A CB  1 
ATOM   715  C CG  . ASN A 1 99  ? -7.437  10.440  4.648   1.00 33.12  ? 98  ASN A CG  1 
ATOM   716  O OD1 . ASN A 1 99  ? -7.640  11.257  5.515   1.00 37.62  ? 98  ASN A OD1 1 
ATOM   717  N ND2 . ASN A 1 99  ? -7.042  10.776  3.417   1.00 42.61  ? 98  ASN A ND2 1 
ATOM   718  N N   . HIS A 1 100 ? -7.009  6.147   6.068   1.00 23.32  ? 99  HIS A N   1 
ATOM   719  C CA  . HIS A 1 100 ? -7.461  4.745   6.039   1.00 24.59  ? 99  HIS A CA  1 
ATOM   720  C C   . HIS A 1 100 ? -6.419  3.810   6.755   1.00 23.87  ? 99  HIS A C   1 
ATOM   721  O O   . HIS A 1 100 ? -5.739  3.035   6.108   1.00 21.21  ? 99  HIS A O   1 
ATOM   722  C CB  . HIS A 1 100 ? -7.664  4.265   4.601   1.00 26.42  ? 99  HIS A CB  1 
ATOM   723  C CG  . HIS A 1 100 ? -8.566  5.132   3.783   1.00 31.41  ? 99  HIS A CG  1 
ATOM   724  N ND1 . HIS A 1 100 ? -9.928  5.148   3.963   1.00 32.49  ? 99  HIS A ND1 1 
ATOM   725  C CD2 . HIS A 1 100 ? -8.311  5.998   2.773   1.00 34.22  ? 99  HIS A CD2 1 
ATOM   726  C CE1 . HIS A 1 100 ? -10.484 5.991   3.109   1.00 30.14  ? 99  HIS A CE1 1 
ATOM   727  N NE2 . HIS A 1 100 ? -9.521  6.521   2.378   1.00 37.35  ? 99  HIS A NE2 1 
ATOM   728  N N   . PRO A 1 101 ? -6.315  3.894   8.079   1.00 25.18  ? 100 PRO A N   1 
ATOM   729  C CA  . PRO A 1 101 ? -5.193  3.223   8.751   1.00 28.01  ? 100 PRO A CA  1 
ATOM   730  C C   . PRO A 1 101 ? -5.192  1.741   8.564   1.00 28.44  ? 100 PRO A C   1 
ATOM   731  O O   . PRO A 1 101 ? -4.157  1.149   8.365   1.00 25.40  ? 100 PRO A O   1 
ATOM   732  C CB  . PRO A 1 101 ? -5.387  3.567   10.237  1.00 28.96  ? 100 PRO A CB  1 
ATOM   733  C CG  . PRO A 1 101 ? -6.335  4.683   10.265  1.00 30.72  ? 100 PRO A CG  1 
ATOM   734  C CD  . PRO A 1 101 ? -7.070  4.777   8.976   1.00 28.56  ? 100 PRO A CD  1 
ATOM   735  N N   . ALA A 1 102 ? -6.358  1.116   8.596   1.00 28.55  ? 101 ALA A N   1 
ATOM   736  C CA  . ALA A 1 102 ? -6.400  -0.300  8.380   1.00 26.51  ? 101 ALA A CA  1 
ATOM   737  C C   . ALA A 1 102 ? -5.979  -0.676  6.954   1.00 26.01  ? 101 ALA A C   1 
ATOM   738  O O   . ALA A 1 102 ? -5.387  -1.711  6.754   1.00 28.45  ? 101 ALA A O   1 
ATOM   739  C CB  . ALA A 1 102 ? -7.811  -0.815  8.695   1.00 30.14  ? 101 ALA A CB  1 
ATOM   740  N N   . ARG A 1 103 ? -6.253  0.160   5.957   1.00 24.35  ? 102 ARG A N   1 
ATOM   741  C CA  . ARG A 1 103 ? -5.848  -0.154  4.607   1.00 22.39  ? 102 ARG A CA  1 
ATOM   742  C C   . ARG A 1 103 ? -4.340  -0.151  4.517   1.00 22.27  ? 102 ARG A C   1 
ATOM   743  O O   . ARG A 1 103 ? -3.708  -1.016  3.888   1.00 19.55  ? 102 ARG A O   1 
ATOM   744  C CB  . ARG A 1 103 ? -6.456  0.812   3.585   1.00 23.60  ? 102 ARG A CB  1 
ATOM   745  C CG  . ARG A 1 103 ? -7.977  0.673   3.479   1.00 28.22  ? 102 ARG A CG  1 
ATOM   746  C CD  . ARG A 1 103 ? -8.557  1.605   2.423   1.00 29.81  ? 102 ARG A CD  1 
ATOM   747  N NE  . ARG A 1 103 ? -9.984  1.813   2.694   1.00 31.99  ? 102 ARG A NE  1 
ATOM   748  C CZ  . ARG A 1 103 ? -10.797 2.598   1.976   1.00 33.62  ? 102 ARG A CZ  1 
ATOM   749  N NH1 . ARG A 1 103 ? -10.393 3.235   0.894   1.00 31.45  ? 102 ARG A NH1 1 
ATOM   750  N NH2 . ARG A 1 103 ? -12.057 2.738   2.360   1.00 40.17  ? 102 ARG A NH2 1 
ATOM   751  N N   . HIS A 1 104 ? -3.747  0.805   5.205   1.00 22.64  ? 103 HIS A N   1 
ATOM   752  C CA  . HIS A 1 104 ? -2.263  0.846   5.204   1.00 22.45  ? 103 HIS A CA  1 
ATOM   753  C C   . HIS A 1 104 ? -1.706  -0.334  5.938   1.00 21.23  ? 103 HIS A C   1 
ATOM   754  O O   . HIS A 1 104 ? -0.737  -0.948  5.494   1.00 23.21  ? 103 HIS A O   1 
ATOM   755  C CB  . HIS A 1 104 ? -1.764  2.085   5.928   1.00 23.93  ? 103 HIS A CB  1 
ATOM   756  C CG  . HIS A 1 104 ? -0.359  1.975   6.353   1.00 25.36  ? 103 HIS A CG  1 
ATOM   757  N ND1 . HIS A 1 104 ? 0.004   1.766   7.681   1.00 28.55  ? 103 HIS A ND1 1 
ATOM   758  C CD2 . HIS A 1 104 ? 0.776   1.967   5.631   1.00 22.26  ? 103 HIS A CD2 1 
ATOM   759  C CE1 . HIS A 1 104 ? 1.320   1.620   7.730   1.00 26.60  ? 103 HIS A CE1 1 
ATOM   760  N NE2 . HIS A 1 104 ? 1.806   1.750   6.503   1.00 28.74  ? 103 HIS A NE2 1 
ATOM   761  N N   . ARG A 1 105 ? -2.251  -0.587  7.124   1.00 23.23  ? 104 ARG A N   1 
ATOM   762  C CA  . ARG A 1 105 ? -1.809  -1.721  7.930   1.00 23.17  ? 104 ARG A CA  1 
ATOM   763  C C   . ARG A 1 105 ? -1.979  -3.040  7.214   1.00 20.89  ? 104 ARG A C   1 
ATOM   764  O O   . ARG A 1 105 ? -1.083  -3.905  7.243   1.00 20.39  ? 104 ARG A O   1 
ATOM   765  C CB  . ARG A 1 105 ? -2.495  -1.745  9.312   1.00 27.55  ? 104 ARG A CB  1 
ATOM   766  C CG  . ARG A 1 105 ? -1.902  -0.642  10.225  1.00 32.76  ? 104 ARG A CG  1 
ATOM   767  C CD  . ARG A 1 105 ? -2.435  -0.653  11.668  1.00 40.85  ? 104 ARG A CD  1 
ATOM   768  N NE  . ARG A 1 105 ? -2.567  0.722   12.146  1.00 49.79  ? 104 ARG A NE  1 
ATOM   769  C CZ  . ARG A 1 105 ? -3.460  1.151   13.038  1.00 63.57  ? 104 ARG A CZ  1 
ATOM   770  N NH1 . ARG A 1 105 ? -3.505  2.439   13.365  1.00 71.96  ? 104 ARG A NH1 1 
ATOM   771  N NH2 . ARG A 1 105 ? -4.312  0.312   13.606  1.00 68.74  ? 104 ARG A NH2 1 
ATOM   772  N N   . ALA A 1 106 ? -3.087  -3.238  6.531   1.00 19.07  ? 105 ALA A N   1 
ATOM   773  C CA  . ALA A 1 106 ? -3.229  -4.470  5.734   1.00 19.36  ? 105 ALA A CA  1 
ATOM   774  C C   . ALA A 1 106 ? -2.259  -4.554  4.562   1.00 21.78  ? 105 ALA A C   1 
ATOM   775  O O   . ALA A 1 106 ? -1.579  -5.590  4.339   1.00 21.09  ? 105 ALA A O   1 
ATOM   776  C CB  . ALA A 1 106 ? -4.650  -4.620  5.259   1.00 19.86  ? 105 ALA A CB  1 
ATOM   777  N N   . ILE A 1 107 ? -2.153  -3.478  3.810   1.00 20.97  ? 106 ILE A N   1 
ATOM   778  C CA  . ILE A 1 107 ? -1.285  -3.573  2.663   1.00 21.18  ? 106 ILE A CA  1 
ATOM   779  C C   . ILE A 1 107 ? 0.160   -3.756  3.040   1.00 20.07  ? 106 ILE A C   1 
ATOM   780  O O   . ILE A 1 107 ? 0.933   -4.440  2.358   1.00 21.10  ? 106 ILE A O   1 
ATOM   781  C CB  . ILE A 1 107 ? -1.485  -2.397  1.677   1.00 22.27  ? 106 ILE A CB  1 
ATOM   782  C CG1 . ILE A 1 107 ? -1.167  -2.855  0.252   1.00 22.92  ? 106 ILE A CG1 1 
ATOM   783  C CG2 . ILE A 1 107 ? -0.705  -1.180  2.078   1.00 26.65  ? 106 ILE A CG2 1 
ATOM   784  C CD1 . ILE A 1 107 ? -1.323  -1.755  -0.813  1.00 25.70  ? 106 ILE A CD1 1 
ATOM   785  N N   . ARG A 1 108 ? 0.559   -3.168  4.136   1.00 23.47  ? 107 ARG A N   1 
ATOM   786  C CA  . ARG A 1 108 ? 1.904   -3.426  4.616   1.00 24.84  ? 107 ARG A CA  1 
ATOM   787  C C   . ARG A 1 108 ? 2.218   -4.908  4.861   1.00 24.54  ? 107 ARG A C   1 
ATOM   788  O O   . ARG A 1 108 ? 3.264   -5.424  4.500   1.00 26.48  ? 107 ARG A O   1 
ATOM   789  C CB  . ARG A 1 108 ? 2.173   -2.502  5.816   1.00 26.71  ? 107 ARG A CB  1 
ATOM   790  C CG  . ARG A 1 108 ? 3.573   -2.718  6.368   1.00 38.65  ? 107 ARG A CG  1 
ATOM   791  C CD  . ARG A 1 108 ? 3.848   -1.983  7.687   1.00 32.99  ? 107 ARG A CD  1 
ATOM   792  N NE  . ARG A 1 108 ? 5.237   -2.158  8.026   1.00 40.70  ? 107 ARG A NE  1 
ATOM   793  C CZ  . ARG A 1 108 ? 5.817   -1.648  9.125   1.00 37.88  ? 107 ARG A CZ  1 
ATOM   794  N NH1 . ARG A 1 108 ? 5.147   -0.933  10.001  1.00 39.42  ? 107 ARG A NH1 1 
ATOM   795  N NH2 . ARG A 1 108 ? 7.052   -1.873  9.335   1.00 37.12  ? 107 ARG A NH2 1 
ATOM   796  N N   . GLN A 1 109 ? 1.276   -5.625  5.426   1.00 24.43  ? 108 GLN A N   1 
ATOM   797  C CA  . GLN A 1 109 ? 1.425   -7.014  5.722   1.00 27.91  ? 108 GLN A CA  1 
ATOM   798  C C   . GLN A 1 109 ? 1.338   -7.832  4.427   1.00 30.60  ? 108 GLN A C   1 
ATOM   799  O O   . GLN A 1 109 ? 2.073   -8.807  4.231   1.00 28.89  ? 108 GLN A O   1 
ATOM   800  C CB  . GLN A 1 109 ? 0.295   -7.464  6.650   1.00 27.96  ? 108 GLN A CB  1 
ATOM   801  C CG  . GLN A 1 109 ? 0.305   -6.756  8.009   1.00 39.63  ? 108 GLN A CG  1 
ATOM   802  C CD  . GLN A 1 109 ? 1.539   -7.092  8.805   1.00 47.02  ? 108 GLN A CD  1 
ATOM   803  O OE1 . GLN A 1 109 ? 1.794   -8.273  9.091   1.00 51.38  ? 108 GLN A OE1 1 
ATOM   804  N NE2 . GLN A 1 109 ? 2.338   -6.069  9.150   1.00 56.48  ? 108 GLN A NE2 1 
ATOM   805  N N   . LEU A 1 110 ? 0.411   -7.454  3.539   1.00 24.26  ? 109 LEU A N   1 
ATOM   806  C CA  . LEU A 1 110 ? 0.318   -8.192  2.313   1.00 26.53  ? 109 LEU A CA  1 
ATOM   807  C C   . LEU A 1 110 ? 1.604   -8.035  1.508   1.00 25.18  ? 109 LEU A C   1 
ATOM   808  O O   . LEU A 1 110 ? 2.066   -8.997  0.876   1.00 29.01  ? 109 LEU A O   1 
ATOM   809  C CB  . LEU A 1 110 ? -0.874  -7.710  1.501   1.00 23.95  ? 109 LEU A CB  1 
ATOM   810  C CG  . LEU A 1 110 ? -2.236  -7.911  2.174   1.00 26.80  ? 109 LEU A CG  1 
ATOM   811  C CD1 . LEU A 1 110 ? -3.316  -7.143  1.408   1.00 27.87  ? 109 LEU A CD1 1 
ATOM   812  C CD2 . LEU A 1 110 ? -2.613  -9.357  2.266   1.00 30.23  ? 109 LEU A CD2 1 
ATOM   813  N N   . ALA A 1 111 ? 2.128   -6.814  1.447   1.00 26.84  ? 110 ALA A N   1 
ATOM   814  C CA  . ALA A 1 111 ? 3.213   -6.475  0.537   1.00 27.92  ? 110 ALA A CA  1 
ATOM   815  C C   . ALA A 1 111 ? 4.489   -7.278  0.810   1.00 33.06  ? 110 ALA A C   1 
ATOM   816  O O   . ALA A 1 111 ? 5.271   -7.506  -0.111  1.00 35.92  ? 110 ALA A O   1 
ATOM   817  C CB  . ALA A 1 111 ? 3.528   -4.995  0.651   1.00 29.76  ? 110 ALA A CB  1 
ATOM   818  N N   . VAL A 1 112 ? 4.692   -7.646  2.064   1.00 34.51  ? 111 VAL A N   1 
ATOM   819  C CA  . VAL A 1 112 ? 5.828   -8.454  2.507   1.00 39.28  ? 111 VAL A CA  1 
ATOM   820  C C   . VAL A 1 112 ? 5.518   -9.943  2.678   1.00 40.57  ? 111 VAL A C   1 
ATOM   821  O O   . VAL A 1 112 ? 6.358   -10.677 3.145   1.00 42.54  ? 111 VAL A O   1 
ATOM   822  C CB  . VAL A 1 112 ? 6.452   -7.920  3.823   1.00 39.20  ? 111 VAL A CB  1 
ATOM   823  C CG1 . VAL A 1 112 ? 6.936   -6.473  3.631   1.00 42.15  ? 111 VAL A CG1 1 
ATOM   824  C CG2 . VAL A 1 112 ? 5.573   -8.023  5.077   1.00 42.19  ? 111 VAL A CG2 1 
ATOM   825  N N   . SER A 1 113 ? 4.339   -10.409 2.262   1.00 36.69  ? 112 SER A N   1 
ATOM   826  C CA  . SER A 1 113 ? 3.882   -11.748 2.681   1.00 39.71  ? 112 SER A CA  1 
ATOM   827  C C   . SER A 1 113 ? 4.519   -13.001 2.062   1.00 42.24  ? 112 SER A C   1 
ATOM   828  O O   . SER A 1 113 ? 4.346   -14.099 2.604   1.00 46.37  ? 112 SER A O   1 
ATOM   829  C CB  . SER A 1 113 ? 2.367   -11.897 2.466   1.00 47.71  ? 112 SER A CB  1 
ATOM   830  O OG  . SER A 1 113 ? 2.066   -12.131 1.104   1.00 45.55  ? 112 SER A OG  1 
ATOM   831  N N   . GLU A 1 114 ? 5.155   -12.865 0.916   1.00 43.35  ? 113 GLU A N   1 
ATOM   832  C CA  . GLU A 1 114 ? 5.675   -14.012 0.137   1.00 45.97  ? 113 GLU A CA  1 
ATOM   833  C C   . GLU A 1 114 ? 4.560   -14.781 -0.532  1.00 41.45  ? 113 GLU A C   1 
ATOM   834  O O   . GLU A 1 114 ? 4.866   -15.754 -1.152  1.00 44.82  ? 113 GLU A O   1 
ATOM   835  C CB  . GLU A 1 114 ? 6.527   -15.068 0.933   1.00 50.45  ? 113 GLU A CB  1 
ATOM   836  C CG  . GLU A 1 114 ? 7.412   -14.537 2.051   1.00 58.18  ? 113 GLU A CG  1 
ATOM   837  C CD  . GLU A 1 114 ? 8.553   -15.485 2.420   1.00 66.73  ? 113 GLU A CD  1 
ATOM   838  O OE1 . GLU A 1 114 ? 8.472   -16.223 3.450   1.00 68.72  ? 113 GLU A OE1 1 
ATOM   839  O OE2 . GLU A 1 114 ? 9.529   -15.484 1.658   1.00 60.99  ? 113 GLU A OE2 1 
ATOM   840  N N   . LYS A 1 115 ? 3.301   -14.370 -0.445  1.00 40.41  ? 114 LYS A N   1 
ATOM   841  C CA  . LYS A 1 115 ? 2.225   -15.130 -1.118  1.00 47.25  ? 114 LYS A CA  1 
ATOM   842  C C   . LYS A 1 115 ? 1.760   -14.399 -2.343  1.00 41.70  ? 114 LYS A C   1 
ATOM   843  O O   . LYS A 1 115 ? 0.895   -14.886 -3.073  1.00 38.50  ? 114 LYS A O   1 
ATOM   844  C CB  . LYS A 1 115 ? 1.031   -15.356 -0.200  1.00 51.64  ? 114 LYS A CB  1 
ATOM   845  C CG  . LYS A 1 115 ? 1.390   -15.994 1.125   1.00 58.85  ? 114 LYS A CG  1 
ATOM   846  C CD  . LYS A 1 115 ? 1.672   -17.460 0.924   1.00 65.70  ? 114 LYS A CD  1 
ATOM   847  C CE  . LYS A 1 115 ? 1.011   -18.310 1.998   1.00 76.42  ? 114 LYS A CE  1 
ATOM   848  N NZ  . LYS A 1 115 ? 1.006   -19.736 1.554   1.00 78.41  ? 114 LYS A NZ  1 
ATOM   849  N N   . LEU A 1 116 ? 2.315   -13.220 -2.575  1.00 34.39  ? 115 LEU A N   1 
ATOM   850  C CA  . LEU A 1 116 ? 1.974   -12.463 -3.780  1.00 38.63  ? 115 LEU A CA  1 
ATOM   851  C C   . LEU A 1 116 ? 2.556   -13.143 -5.032  1.00 44.76  ? 115 LEU A C   1 
ATOM   852  O O   . LEU A 1 116 ? 3.706   -13.522 -5.061  1.00 44.95  ? 115 LEU A O   1 
ATOM   853  C CB  . LEU A 1 116 ? 2.489   -11.015 -3.675  1.00 35.70  ? 115 LEU A CB  1 
ATOM   854  C CG  . LEU A 1 116 ? 1.845   -10.077 -2.654  1.00 38.26  ? 115 LEU A CG  1 
ATOM   855  C CD1 . LEU A 1 116 ? 2.281   -8.656  -2.960  1.00 41.43  ? 115 LEU A CD1 1 
ATOM   856  C CD2 . LEU A 1 116 ? 0.323   -10.163 -2.612  1.00 40.34  ? 115 LEU A CD2 1 
ATOM   857  N N   . THR A 1 117 ? 1.749   -13.304 -6.064  1.00 46.74  ? 116 THR A N   1 
ATOM   858  C CA  . THR A 1 117 ? 2.146   -14.124 -7.196  1.00 48.69  ? 116 THR A CA  1 
ATOM   859  C C   . THR A 1 117 ? 2.705   -13.153 -8.177  1.00 54.06  ? 116 THR A C   1 
ATOM   860  O O   . THR A 1 117 ? 2.411   -11.972 -8.099  1.00 50.31  ? 116 THR A O   1 
ATOM   861  C CB  . THR A 1 117 ? 0.960   -14.813 -7.879  1.00 46.43  ? 116 THR A CB  1 
ATOM   862  O OG1 . THR A 1 117 ? 0.019   -13.825 -8.288  1.00 43.20  ? 116 THR A OG1 1 
ATOM   863  C CG2 . THR A 1 117 ? 0.259   -15.768 -6.942  1.00 47.77  ? 116 THR A CG2 1 
ATOM   864  N N   . LYS A 1 118 ? 3.476   -13.665 -9.130  1.00 58.76  ? 117 LYS A N   1 
ATOM   865  C CA  . LYS A 1 118 ? 4.031   -12.839 -10.180 1.00 61.89  ? 117 LYS A CA  1 
ATOM   866  C C   . LYS A 1 118 ? 2.937   -12.287 -11.098 1.00 53.79  ? 117 LYS A C   1 
ATOM   867  O O   . LYS A 1 118 ? 3.072   -11.215 -11.659 1.00 62.88  ? 117 LYS A O   1 
ATOM   868  C CB  . LYS A 1 118 ? 5.071   -13.643 -10.972 1.00 72.63  ? 117 LYS A CB  1 
ATOM   869  C CG  . LYS A 1 118 ? 5.937   -12.810 -11.906 1.00 81.64  ? 117 LYS A CG  1 
ATOM   870  C CD  . LYS A 1 118 ? 6.402   -11.465 -11.318 1.00 92.23  ? 117 LYS A CD  1 
ATOM   871  C CE  . LYS A 1 118 ? 7.075   -11.543 -9.937  1.00 97.17  ? 117 LYS A CE  1 
ATOM   872  N NZ  . LYS A 1 118 ? 8.280   -12.413 -9.884  1.00 101.01 ? 117 LYS A NZ  1 
ATOM   873  N N   . GLU A 1 119 ? 1.835   -13.005 -11.218 1.00 53.20  ? 118 GLU A N   1 
ATOM   874  C CA  . GLU A 1 119 ? 0.708   -12.533 -12.009 1.00 57.29  ? 118 GLU A CA  1 
ATOM   875  C C   . GLU A 1 119 ? 0.213   -11.293 -11.318 1.00 52.39  ? 118 GLU A C   1 
ATOM   876  O O   . GLU A 1 119 ? -0.050  -10.260 -11.950 1.00 50.30  ? 118 GLU A O   1 
ATOM   877  C CB  . GLU A 1 119 ? -0.406  -13.594 -12.098 1.00 66.44  ? 118 GLU A CB  1 
ATOM   878  C CG  . GLU A 1 119 ? 0.051   -14.949 -12.680 1.00 76.13  ? 118 GLU A CG  1 
ATOM   879  C CD  . GLU A 1 119 ? 0.920   -15.810 -11.727 1.00 81.54  ? 118 GLU A CD  1 
ATOM   880  O OE1 . GLU A 1 119 ? 0.356   -16.528 -10.873 1.00 78.83  ? 118 GLU A OE1 1 
ATOM   881  O OE2 . GLU A 1 119 ? 2.173   -15.791 -11.837 1.00 82.48  ? 118 GLU A OE2 1 
ATOM   882  N N   . THR A 1 120 ? 0.137   -11.378 -9.993  1.00 50.91  ? 119 THR A N   1 
ATOM   883  C CA  . THR A 1 120 ? -0.424  -10.288 -9.201  1.00 47.52  ? 119 THR A CA  1 
ATOM   884  C C   . THR A 1 120 ? 0.451   -9.048  -9.318  1.00 50.92  ? 119 THR A C   1 
ATOM   885  O O   . THR A 1 120 ? -0.047  -7.959  -9.562  1.00 52.27  ? 119 THR A O   1 
ATOM   886  C CB  . THR A 1 120 ? -0.648  -10.717 -7.742  1.00 45.96  ? 119 THR A CB  1 
ATOM   887  O OG1 . THR A 1 120 ? -1.821  -11.565 -7.687  1.00 43.64  ? 119 THR A OG1 1 
ATOM   888  C CG2 . THR A 1 120 ? -0.848  -9.489  -6.821  1.00 46.67  ? 119 THR A CG2 1 
ATOM   889  N N   . GLU A 1 121 ? 1.745   -9.243  -9.165  1.00 51.38  ? 120 GLU A N   1 
ATOM   890  C CA  . GLU A 1 121 ? 2.698   -8.180  -9.385  1.00 62.50  ? 120 GLU A CA  1 
ATOM   891  C C   . GLU A 1 121 ? 2.611   -7.699  -10.831 1.00 67.78  ? 120 GLU A C   1 
ATOM   892  O O   . GLU A 1 121 ? 2.761   -6.516  -11.066 1.00 66.94  ? 120 GLU A O   1 
ATOM   893  C CB  . GLU A 1 121 ? 4.118   -8.599  -8.970  1.00 68.71  ? 120 GLU A CB  1 
ATOM   894  C CG  . GLU A 1 121 ? 4.514   -8.074  -7.580  1.00 74.34  ? 120 GLU A CG  1 
ATOM   895  C CD  . GLU A 1 121 ? 5.425   -8.996  -6.798  1.00 84.12  ? 120 GLU A CD  1 
ATOM   896  O OE1 . GLU A 1 121 ? 5.983   -9.953  -7.392  1.00 86.30  ? 120 GLU A OE1 1 
ATOM   897  O OE2 . GLU A 1 121 ? 5.568   -8.763  -5.569  1.00 95.28  ? 120 GLU A OE2 1 
ATOM   898  N N   . GLN A 1 122 ? 2.300   -8.578  -11.789 1.00 68.15  ? 121 GLN A N   1 
ATOM   899  C CA  . GLN A 1 122 ? 2.011   -8.085  -13.146 1.00 66.98  ? 121 GLN A CA  1 
ATOM   900  C C   . GLN A 1 122 ? 0.758   -7.234  -13.185 1.00 57.85  ? 121 GLN A C   1 
ATOM   901  O O   . GLN A 1 122 ? 0.781   -6.188  -13.789 1.00 59.93  ? 121 GLN A O   1 
ATOM   902  C CB  . GLN A 1 122 ? 1.932   -9.195  -14.212 1.00 72.65  ? 121 GLN A CB  1 
ATOM   903  C CG  . GLN A 1 122 ? 1.633   -8.696  -15.643 1.00 79.50  ? 121 GLN A CG  1 
ATOM   904  C CD  . GLN A 1 122 ? 2.671   -7.713  -16.241 1.00 88.52  ? 121 GLN A CD  1 
ATOM   905  O OE1 . GLN A 1 122 ? 3.435   -8.063  -17.153 1.00 91.02  ? 121 GLN A OE1 1 
ATOM   906  N NE2 . GLN A 1 122 ? 2.668   -6.473  -15.762 1.00 90.21  ? 121 GLN A NE2 1 
ATOM   907  N N   . ARG A 1 123 ? -0.344  -7.670  -12.580 1.00 63.66  ? 122 ARG A N   1 
ATOM   908  C CA  . ARG A 1 123 ? -1.539  -6.826  -12.554 1.00 64.39  ? 122 ARG A CA  1 
ATOM   909  C C   . ARG A 1 123 ? -1.310  -5.550  -11.757 1.00 68.88  ? 122 ARG A C   1 
ATOM   910  O O   . ARG A 1 123 ? -1.970  -4.565  -12.018 1.00 75.64  ? 122 ARG A O   1 
ATOM   911  C CB  . ARG A 1 123 ? -2.740  -7.551  -11.973 1.00 71.52  ? 122 ARG A CB  1 
ATOM   912  C CG  . ARG A 1 123 ? -3.177  -8.775  -12.748 1.00 74.24  ? 122 ARG A CG  1 
ATOM   913  C CD  . ARG A 1 123 ? -4.560  -9.219  -12.299 1.00 84.22  ? 122 ARG A CD  1 
ATOM   914  N NE  . ARG A 1 123 ? -4.769  -10.647 -12.540 1.00 94.24  ? 122 ARG A NE  1 
ATOM   915  C CZ  . ARG A 1 123 ? -4.294  -11.640 -11.778 1.00 104.38 ? 122 ARG A CZ  1 
ATOM   916  N NH1 . ARG A 1 123 ? -3.570  -11.392 -10.689 1.00 107.14 ? 122 ARG A NH1 1 
ATOM   917  N NH2 . ARG A 1 123 ? -4.546  -12.905 -12.108 1.00 111.07 ? 122 ARG A NH2 1 
ATOM   918  N N   . ALA A 1 124 ? -0.394  -5.565  -10.787 1.00 76.11  ? 123 ALA A N   1 
ATOM   919  C CA  . ALA A 1 124 ? 0.007   -4.341  -10.060 1.00 85.44  ? 123 ALA A CA  1 
ATOM   920  C C   . ALA A 1 124 ? 0.632   -3.299  -11.008 1.00 91.15  ? 123 ALA A C   1 
ATOM   921  O O   . ALA A 1 124 ? 0.045   -2.240  -11.235 1.00 91.51  ? 123 ALA A O   1 
ATOM   922  C CB  . ALA A 1 124 ? 0.975   -4.670  -8.914  1.00 86.15  ? 123 ALA A CB  1 
ATOM   923  N N   . ASP A 1 125 ? 1.806   -3.615  -11.562 1.00 90.93  ? 124 ASP A N   1 
ATOM   924  C CA  . ASP A 1 125 ? 2.458   -2.786  -12.589 1.00 87.67  ? 124 ASP A CA  1 
ATOM   925  C C   . ASP A 1 125 ? 1.539   -2.422  -13.755 1.00 87.34  ? 124 ASP A C   1 
ATOM   926  O O   . ASP A 1 125 ? 1.590   -1.306  -14.220 1.00 88.94  ? 124 ASP A O   1 
ATOM   927  C CB  . ASP A 1 125 ? 3.679   -3.497  -13.164 1.00 86.46  ? 124 ASP A CB  1 
ATOM   928  C CG  . ASP A 1 125 ? 4.753   -3.744  -12.131 1.00 91.16  ? 124 ASP A CG  1 
ATOM   929  O OD1 . ASP A 1 125 ? 5.940   -3.747  -12.508 1.00 96.96  ? 124 ASP A OD1 1 
ATOM   930  O OD2 . ASP A 1 125 ? 4.416   -3.939  -10.944 1.00 97.30  ? 124 ASP A OD2 1 
ATOM   931  N N   . ASP A 1 126 ? 0.699   -3.352  -14.220 1.00 96.09  ? 125 ASP A N   1 
ATOM   932  C CA  . ASP A 1 126 ? -0.131  -3.119  -15.417 1.00 92.87  ? 125 ASP A CA  1 
ATOM   933  C C   . ASP A 1 126 ? -1.186  -2.041  -15.286 1.00 98.33  ? 125 ASP A C   1 
ATOM   934  O O   . ASP A 1 126 ? -1.064  -1.004  -15.921 1.00 105.99 ? 125 ASP A O   1 
ATOM   935  C CB  . ASP A 1 126 ? -0.830  -4.395  -15.907 1.00 93.90  ? 125 ASP A CB  1 
ATOM   936  C CG  . ASP A 1 126 ? -0.337  -4.845  -17.259 1.00 94.68  ? 125 ASP A CG  1 
ATOM   937  O OD1 . ASP A 1 126 ? 0.210   -4.005  -18.008 1.00 97.89  ? 125 ASP A OD1 1 
ATOM   938  O OD2 . ASP A 1 126 ? -0.522  -6.038  -17.581 1.00 92.38  ? 125 ASP A OD2 1 
ATOM   939  N N   . MET A 1 127 ? -2.221  -2.286  -14.478 1.00 105.11 ? 126 MET A N   1 
ATOM   940  C CA  . MET A 1 127 ? -3.496  -1.539  -14.605 1.00 103.66 ? 126 MET A CA  1 
ATOM   941  C C   . MET A 1 127 ? -3.507  -0.059  -14.126 1.00 84.17  ? 126 MET A C   1 
ATOM   942  O O   . MET A 1 127 ? -4.564  0.570   -14.152 1.00 78.61  ? 126 MET A O   1 
ATOM   943  C CB  . MET A 1 127 ? -4.669  -2.349  -14.006 1.00 112.42 ? 126 MET A CB  1 
ATOM   944  C CG  . MET A 1 127 ? -5.150  -3.522  -14.881 1.00 125.18 ? 126 MET A CG  1 
ATOM   945  S SD  . MET A 1 127 ? -6.441  -3.173  -16.125 1.00 136.32 ? 126 MET A SD  1 
ATOM   946  C CE  . MET A 1 127 ? -7.841  -4.183  -15.610 1.00 122.32 ? 126 MET A CE  1 
ATOM   947  N N   . PHE A 1 128 ? -2.352  0.496   -13.731 1.00 76.96  ? 127 PHE A N   1 
ATOM   948  C CA  . PHE A 1 128 ? -2.183  1.959   -13.569 1.00 74.22  ? 127 PHE A CA  1 
ATOM   949  C C   . PHE A 1 128 ? -1.071  2.612   -14.411 1.00 74.35  ? 127 PHE A C   1 
ATOM   950  O O   . PHE A 1 128 ? -0.058  3.083   -13.890 1.00 70.99  ? 127 PHE A O   1 
ATOM   951  C CB  . PHE A 1 128 ? -2.006  2.319   -12.099 1.00 82.18  ? 127 PHE A CB  1 
ATOM   952  C CG  . PHE A 1 128 ? -3.302  2.544   -11.394 1.00 79.75  ? 127 PHE A CG  1 
ATOM   953  C CD1 . PHE A 1 128 ? -4.044  3.690   -11.652 1.00 76.55  ? 127 PHE A CD1 1 
ATOM   954  C CD2 . PHE A 1 128 ? -3.809  1.601   -10.512 1.00 86.97  ? 127 PHE A CD2 1 
ATOM   955  C CE1 . PHE A 1 128 ? -5.249  3.911   -11.022 1.00 73.28  ? 127 PHE A CE1 1 
ATOM   956  C CE2 . PHE A 1 128 ? -5.029  1.820   -9.880  1.00 88.47  ? 127 PHE A CE2 1 
ATOM   957  C CZ  . PHE A 1 128 ? -5.749  2.980   -10.136 1.00 77.14  ? 127 PHE A CZ  1 
ATOM   958  N N   . PRO A 1 129 ? -1.283  2.685   -15.732 1.00 75.60  ? 128 PRO A N   1 
ATOM   959  C CA  . PRO A 1 129 ? -0.284  3.243   -16.675 1.00 77.73  ? 128 PRO A CA  1 
ATOM   960  C C   . PRO A 1 129 ? 0.100   4.686   -16.389 1.00 76.37  ? 128 PRO A C   1 
ATOM   961  O O   . PRO A 1 129 ? 1.300   5.048   -16.483 1.00 65.66  ? 128 PRO A O   1 
ATOM   962  C CB  . PRO A 1 129 ? -0.993  3.156   -18.027 1.00 80.79  ? 128 PRO A CB  1 
ATOM   963  C CG  . PRO A 1 129 ? -2.458  3.029   -17.703 1.00 77.73  ? 128 PRO A CG  1 
ATOM   964  C CD  . PRO A 1 129 ? -2.528  2.276   -16.414 1.00 72.53  ? 128 PRO A CD  1 
ATOM   965  N N   . GLU A 1 130 ? -0.923  5.483   -16.053 1.00 77.76  ? 129 GLU A N   1 
ATOM   966  C CA  . GLU A 1 130 ? -0.783  6.871   -15.589 1.00 76.36  ? 129 GLU A CA  1 
ATOM   967  C C   . GLU A 1 130 ? 0.437   7.016   -14.658 1.00 78.21  ? 129 GLU A C   1 
ATOM   968  O O   . GLU A 1 130 ? 1.271   7.915   -14.853 1.00 73.69  ? 129 GLU A O   1 
ATOM   969  C CB  . GLU A 1 130 ? -2.075  7.316   -14.870 1.00 75.06  ? 129 GLU A CB  1 
ATOM   970  C CG  . GLU A 1 130 ? -3.327  7.382   -15.758 1.00 76.82  ? 129 GLU A CG  1 
ATOM   971  C CD  . GLU A 1 130 ? -4.562  6.690   -15.152 1.00 78.36  ? 129 GLU A CD  1 
ATOM   972  O OE1 . GLU A 1 130 ? -5.729  7.166   -15.391 1.00 67.00  ? 129 GLU A OE1 1 
ATOM   973  O OE2 . GLU A 1 130 ? -4.360  5.663   -14.442 1.00 62.80  ? 129 GLU A OE2 1 
ATOM   974  N N   . LEU A 1 131 ? 0.548   6.090   -13.693 1.00 72.13  ? 130 LEU A N   1 
ATOM   975  C CA  . LEU A 1 131 ? 1.649   6.060   -12.708 1.00 80.51  ? 130 LEU A CA  1 
ATOM   976  C C   . LEU A 1 131 ? 3.012   5.544   -13.216 1.00 82.07  ? 130 LEU A C   1 
ATOM   977  O O   . LEU A 1 131 ? 4.036   5.861   -12.624 1.00 73.24  ? 130 LEU A O   1 
ATOM   978  C CB  . LEU A 1 131 ? 1.250   5.231   -11.456 1.00 79.46  ? 130 LEU A CB  1 
ATOM   979  C CG  . LEU A 1 131 ? 0.448   5.845   -10.282 1.00 77.31  ? 130 LEU A CG  1 
ATOM   980  C CD1 . LEU A 1 131 ? 0.665   7.344   -10.132 1.00 77.78  ? 130 LEU A CD1 1 
ATOM   981  C CD2 . LEU A 1 131 ? -1.034  5.541   -10.410 1.00 78.52  ? 130 LEU A CD2 1 
ATOM   982  N N   . ARG A 1 132 ? 3.022   4.728   -14.267 1.00 95.48  ? 131 ARG A N   1 
ATOM   983  C CA  . ARG A 1 132 ? 4.271   4.223   -14.842 1.00 99.96  ? 131 ARG A CA  1 
ATOM   984  C C   . ARG A 1 132 ? 5.105   5.423   -15.279 1.00 105.08 ? 131 ARG A C   1 
ATOM   985  O O   . ARG A 1 132 ? 6.194   5.699   -14.749 1.00 104.90 ? 131 ARG A O   1 
ATOM   986  C CB  . ARG A 1 132 ? 3.975   3.314   -16.055 1.00 103.81 ? 131 ARG A CB  1 
ATOM   987  C CG  . ARG A 1 132 ? 4.888   2.098   -16.215 1.00 108.05 ? 131 ARG A CG  1 
ATOM   988  C CD  . ARG A 1 132 ? 4.286   0.820   -15.616 1.00 109.91 ? 131 ARG A CD  1 
ATOM   989  N NE  . ARG A 1 132 ? 3.606   -0.064  -16.588 1.00 115.46 ? 131 ARG A NE  1 
ATOM   990  C CZ  . ARG A 1 132 ? 2.280   -0.157  -16.800 1.00 114.18 ? 131 ARG A CZ  1 
ATOM   991  N NH1 . ARG A 1 132 ? 1.414   0.590   -16.126 1.00 114.54 ? 131 ARG A NH1 1 
ATOM   992  N NH2 . ARG A 1 132 ? 1.802   -1.016  -17.704 1.00 109.03 ? 131 ARG A NH2 1 
ATOM   993  N N   . ASP A 1 133 ? 4.543   6.171   -16.219 1.00 117.33 ? 132 ASP A N   1 
ATOM   994  C CA  . ASP A 1 133 ? 5.278   7.214   -16.905 1.00 129.71 ? 132 ASP A CA  1 
ATOM   995  C C   . ASP A 1 133 ? 4.404   8.451   -17.208 1.00 132.86 ? 132 ASP A C   1 
ATOM   996  O O   . ASP A 1 133 ? 4.308   8.901   -18.350 1.00 124.28 ? 132 ASP A O   1 
ATOM   997  C CB  . ASP A 1 133 ? 5.913   6.633   -18.179 1.00 128.16 ? 132 ASP A CB  1 
ATOM   998  C CG  . ASP A 1 133 ? 7.062   7.479   -18.719 1.00 123.37 ? 132 ASP A CG  1 
ATOM   999  O OD1 . ASP A 1 133 ? 7.220   8.651   -18.317 1.00 122.70 ? 132 ASP A OD1 1 
ATOM   1000 O OD2 . ASP A 1 133 ? 7.817   6.960   -19.562 1.00 120.73 ? 132 ASP A OD2 1 
ATOM   1001 N N   . LEU A 1 134 ? 3.743   8.968   -16.173 1.00 137.00 ? 133 LEU A N   1 
ATOM   1002 C CA  . LEU A 1 134 ? 3.516   10.413  -16.047 1.00 141.32 ? 133 LEU A CA  1 
ATOM   1003 C C   . LEU A 1 134 ? 4.557   10.902  -15.011 1.00 146.28 ? 133 LEU A C   1 
ATOM   1004 O O   . LEU A 1 134 ? 4.468   12.017  -14.487 1.00 145.83 ? 133 LEU A O   1 
ATOM   1005 C CB  . LEU A 1 134 ? 2.075   10.751  -15.609 1.00 139.59 ? 133 LEU A CB  1 
ATOM   1006 C CG  . LEU A 1 134 ? 0.906   10.602  -16.605 1.00 133.81 ? 133 LEU A CG  1 
ATOM   1007 C CD1 . LEU A 1 134 ? -0.437  10.492  -15.886 1.00 126.13 ? 133 LEU A CD1 1 
ATOM   1008 C CD2 . LEU A 1 134 ? 0.878   11.752  -17.611 1.00 132.27 ? 133 LEU A CD2 1 
ATOM   1009 N N   . CYS A 1 135 ? 5.541   10.038  -14.736 1.00 146.77 ? 134 CYS A N   1 
ATOM   1010 C CA  . CYS A 1 135 ? 6.574   10.257  -13.729 1.00 139.97 ? 134 CYS A CA  1 
ATOM   1011 C C   . CYS A 1 135 ? 7.971   9.961   -14.294 1.00 144.32 ? 134 CYS A C   1 
ATOM   1012 O O   . CYS A 1 135 ? 8.886   9.655   -13.533 1.00 145.27 ? 134 CYS A O   1 
ATOM   1013 C CB  . CYS A 1 135 ? 6.300   9.337   -12.540 1.00 131.58 ? 134 CYS A CB  1 
ATOM   1014 S SG  . CYS A 1 135 ? 4.538   9.068   -12.243 1.00 114.57 ? 134 CYS A SG  1 
ATOM   1015 N N   . HIS A 1 136 ? 8.117   10.053  -15.621 1.00 146.91 ? 135 HIS A N   1 
ATOM   1016 C CA  . HIS A 1 136 ? 9.371   9.758   -16.354 1.00 135.61 ? 135 HIS A CA  1 
ATOM   1017 C C   . HIS A 1 136 ? 9.870   8.321   -16.113 1.00 132.00 ? 135 HIS A C   1 
ATOM   1018 O O   . HIS A 1 136 ? 9.644   7.463   -16.962 1.00 126.25 ? 135 HIS A O   1 
ATOM   1019 C CB  . HIS A 1 136 ? 10.439  10.823  -16.084 1.00 131.31 ? 135 HIS A CB  1 
ATOM   1020 C CG  . HIS A 1 136 ? 9.970   12.221  -16.356 1.00 137.68 ? 135 HIS A CG  1 
ATOM   1021 N ND1 . HIS A 1 136 ? 10.677  13.337  -15.963 1.00 141.52 ? 135 HIS A ND1 1 
ATOM   1022 C CD2 . HIS A 1 136 ? 8.846   12.685  -16.956 1.00 138.52 ? 135 HIS A CD2 1 
ATOM   1023 C CE1 . HIS A 1 136 ? 10.023  14.425  -16.328 1.00 139.05 ? 135 HIS A CE1 1 
ATOM   1024 N NE2 . HIS A 1 136 ? 8.904   14.057  -16.926 1.00 138.26 ? 135 HIS A NE2 1 
ATOM   1025 N N   . ARG A 1 137 ? 10.557  8.077   -14.989 1.00 126.82 ? 136 ARG A N   1 
ATOM   1026 C CA  . ARG A 1 137 ? 10.656  6.729   -14.357 1.00 113.11 ? 136 ARG A CA  1 
ATOM   1027 C C   . ARG A 1 137 ? 11.549  6.661   -13.097 1.00 97.12  ? 136 ARG A C   1 
ATOM   1028 O O   . ARG A 1 137 ? 12.461  7.475   -12.904 1.00 67.70  ? 136 ARG A O   1 
ATOM   1029 C CB  . ARG A 1 137 ? 11.063  5.601   -15.344 1.00 114.89 ? 136 ARG A CB  1 
ATOM   1030 C CG  . ARG A 1 137 ? 9.964   4.552   -15.564 1.00 114.82 ? 136 ARG A CG  1 
ATOM   1031 C CD  . ARG A 1 137 ? 10.256  3.601   -16.721 1.00 114.11 ? 136 ARG A CD  1 
ATOM   1032 N NE  . ARG A 1 137 ? 10.323  4.313   -17.999 1.00 114.35 ? 136 ARG A NE  1 
ATOM   1033 C CZ  . ARG A 1 137 ? 10.468  3.740   -19.192 1.00 108.33 ? 136 ARG A CZ  1 
ATOM   1034 N NH1 . ARG A 1 137 ? 10.550  2.418   -19.307 1.00 106.09 ? 136 ARG A NH1 1 
ATOM   1035 N NH2 . ARG A 1 137 ? 10.525  4.502   -20.280 1.00 101.15 ? 136 ARG A NH2 1 
ATOM   1036 N N   . SER A 1 138 ? 11.203  5.697   -12.240 1.00 94.32  ? 137 SER A N   1 
ATOM   1037 C CA  . SER A 1 138 ? 12.041  5.169   -11.148 1.00 88.33  ? 137 SER A CA  1 
ATOM   1038 C C   . SER A 1 138 ? 12.803  6.158   -10.238 1.00 78.73  ? 137 SER A C   1 
ATOM   1039 O O   . SER A 1 138 ? 12.165  6.959   -9.556  1.00 81.02  ? 137 SER A O   1 
ATOM   1040 C CB  . SER A 1 138 ? 12.980  4.086   -11.707 1.00 87.66  ? 137 SER A CB  1 
ATOM   1041 O OG  . SER A 1 138 ? 14.023  4.643   -12.486 1.00 84.81  ? 137 SER A OG  1 
ATOM   1042 N N   . VAL A 1 139 ? 14.147  6.083   -10.261 1.00 65.72  ? 138 VAL A N   1 
ATOM   1043 C CA  . VAL A 1 139 ? 15.085  6.561   -9.195  1.00 55.14  ? 138 VAL A CA  1 
ATOM   1044 C C   . VAL A 1 139 ? 14.968  5.812   -7.820  1.00 48.65  ? 138 VAL A C   1 
ATOM   1045 O O   . VAL A 1 139 ? 15.958  5.540   -7.156  1.00 43.81  ? 138 VAL A O   1 
ATOM   1046 C CB  . VAL A 1 139 ? 15.101  8.105   -9.000  1.00 54.58  ? 138 VAL A CB  1 
ATOM   1047 C CG1 . VAL A 1 139 ? 13.871  8.645   -8.266  1.00 57.89  ? 138 VAL A CG1 1 
ATOM   1048 C CG2 . VAL A 1 139 ? 16.350  8.521   -8.240  1.00 60.90  ? 138 VAL A CG2 1 
ATOM   1049 N N   . LEU A 1 140 ? 13.743  5.531   -7.410  1.00 41.53  ? 139 LEU A N   1 
ATOM   1050 C CA  . LEU A 1 140 ? 13.445  4.882   -6.151  1.00 43.30  ? 139 LEU A CA  1 
ATOM   1051 C C   . LEU A 1 140 ? 13.816  3.374   -6.208  1.00 41.65  ? 139 LEU A C   1 
ATOM   1052 O O   . LEU A 1 140 ? 13.308  2.616   -7.044  1.00 35.15  ? 139 LEU A O   1 
ATOM   1053 C CB  . LEU A 1 140 ? 11.973  5.140   -5.827  1.00 43.94  ? 139 LEU A CB  1 
ATOM   1054 C CG  . LEU A 1 140 ? 11.569  5.402   -4.383  1.00 44.76  ? 139 LEU A CG  1 
ATOM   1055 C CD1 . LEU A 1 140 ? 12.363  6.530   -3.741  1.00 43.46  ? 139 LEU A CD1 1 
ATOM   1056 C CD2 . LEU A 1 140 ? 10.072  5.701   -4.357  1.00 46.31  ? 139 LEU A CD2 1 
ATOM   1057 N N   . MET A 1 141 ? 14.788  2.982   -5.387  1.00 39.21  ? 140 MET A N   1 
ATOM   1058 C CA  . MET A 1 141 ? 15.143  1.586   -5.206  1.00 43.83  ? 140 MET A CA  1 
ATOM   1059 C C   . MET A 1 141 ? 15.699  0.925   -6.465  1.00 50.71  ? 140 MET A C   1 
ATOM   1060 O O   . MET A 1 141 ? 15.766  -0.312  -6.547  1.00 51.28  ? 140 MET A O   1 
ATOM   1061 C CB  . MET A 1 141 ? 13.927  0.776   -4.698  1.00 47.83  ? 140 MET A CB  1 
ATOM   1062 C CG  . MET A 1 141 ? 13.431  1.214   -3.308  1.00 52.99  ? 140 MET A CG  1 
ATOM   1063 S SD  . MET A 1 141 ? 12.038  0.237   -2.698  1.00 50.06  ? 140 MET A SD  1 
ATOM   1064 C CE  . MET A 1 141 ? 10.616  1.290   -3.029  1.00 49.48  ? 140 MET A CE  1 
ATOM   1065 N N   . VAL A 1 142 ? 16.118  1.733   -7.442  1.00 51.58  ? 141 VAL A N   1 
ATOM   1066 C CA  . VAL A 1 142 ? 16.703  1.173   -8.644  1.00 53.57  ? 141 VAL A CA  1 
ATOM   1067 C C   . VAL A 1 142 ? 18.014  0.468   -8.258  1.00 52.44  ? 141 VAL A C   1 
ATOM   1068 O O   . VAL A 1 142 ? 18.365  -0.543  -8.839  1.00 51.45  ? 141 VAL A O   1 
ATOM   1069 C CB  . VAL A 1 142 ? 16.943  2.243   -9.748  1.00 52.52  ? 141 VAL A CB  1 
ATOM   1070 C CG1 . VAL A 1 142 ? 15.628  2.899   -10.087 1.00 53.93  ? 141 VAL A CG1 1 
ATOM   1071 C CG2 . VAL A 1 142 ? 18.001  3.282   -9.335  1.00 58.17  ? 141 VAL A CG2 1 
ATOM   1072 N N   . PHE A 1 143 ? 18.717  0.976   -7.256  1.00 47.36  ? 142 PHE A N   1 
ATOM   1073 C CA  . PHE A 1 143 ? 20.017  0.414   -6.912  1.00 46.85  ? 142 PHE A CA  1 
ATOM   1074 C C   . PHE A 1 143 ? 19.986  -1.005  -6.295  1.00 48.83  ? 142 PHE A C   1 
ATOM   1075 O O   . PHE A 1 143 ? 21.017  -1.602  -6.113  1.00 50.67  ? 142 PHE A O   1 
ATOM   1076 C CB  . PHE A 1 143 ? 20.741  1.359   -5.943  1.00 50.33  ? 142 PHE A CB  1 
ATOM   1077 C CG  . PHE A 1 143 ? 20.210  1.290   -4.526  1.00 45.00  ? 142 PHE A CG  1 
ATOM   1078 C CD1 . PHE A 1 143 ? 19.114  2.070   -4.135  1.00 45.13  ? 142 PHE A CD1 1 
ATOM   1079 C CD2 . PHE A 1 143 ? 20.791  0.429   -3.587  1.00 45.22  ? 142 PHE A CD2 1 
ATOM   1080 C CE1 . PHE A 1 143 ? 18.601  2.000   -2.835  1.00 41.82  ? 142 PHE A CE1 1 
ATOM   1081 C CE2 . PHE A 1 143 ? 20.292  0.365   -2.261  1.00 50.55  ? 142 PHE A CE2 1 
ATOM   1082 C CZ  . PHE A 1 143 ? 19.191  1.147   -1.885  1.00 41.98  ? 142 PHE A CZ  1 
ATOM   1083 N N   . MET A 1 144 ? 18.840  -1.559  -5.967  1.00 45.29  ? 143 MET A N   1 
ATOM   1084 C CA  . MET A 1 144 ? 18.813  -2.867  -5.272  1.00 45.73  ? 143 MET A CA  1 
ATOM   1085 C C   . MET A 1 144 ? 18.668  -3.984  -6.273  1.00 45.42  ? 143 MET A C   1 
ATOM   1086 O O   . MET A 1 144 ? 17.867  -3.823  -7.197  1.00 38.45  ? 143 MET A O   1 
ATOM   1087 C CB  . MET A 1 144 ? 17.592  -2.943  -4.351  1.00 45.01  ? 143 MET A CB  1 
ATOM   1088 C CG  . MET A 1 144 ? 17.429  -1.681  -3.533  1.00 54.42  ? 143 MET A CG  1 
ATOM   1089 S SD  . MET A 1 144 ? 16.219  -1.797  -2.207  1.00 50.41  ? 143 MET A SD  1 
ATOM   1090 C CE  . MET A 1 144 ? 17.244  -2.456  -0.873  1.00 46.30  ? 143 MET A CE  1 
ATOM   1091 N N   . SER A 1 145 ? 19.346  -5.129  -6.065  1.00 35.77  ? 144 SER A N   1 
ATOM   1092 C CA  . SER A 1 145 ? 19.040  -6.356  -6.828  1.00 35.57  ? 144 SER A CA  1 
ATOM   1093 C C   . SER A 1 145 ? 17.618  -6.795  -6.561  1.00 34.70  ? 144 SER A C   1 
ATOM   1094 O O   . SER A 1 145 ? 17.053  -6.552  -5.488  1.00 33.03  ? 144 SER A O   1 
ATOM   1095 C CB  . SER A 1 145 ? 20.018  -7.527  -6.480  1.00 40.92  ? 144 SER A CB  1 
ATOM   1096 O OG  . SER A 1 145 ? 21.365  -7.251  -6.871  1.00 45.71  ? 144 SER A OG  1 
ATOM   1097 N N   . ASP A 1 146 ? 17.039  -7.429  -7.556  1.00 33.11  ? 145 ASP A N   1 
ATOM   1098 C CA  . ASP A 1 146 ? 15.682  -7.976  -7.537  1.00 36.76  ? 145 ASP A CA  1 
ATOM   1099 C C   . ASP A 1 146 ? 15.232  -8.682  -6.252  1.00 36.95  ? 145 ASP A C   1 
ATOM   1100 O O   . ASP A 1 146 ? 14.125  -8.438  -5.786  1.00 32.87  ? 145 ASP A O   1 
ATOM   1101 C CB  . ASP A 1 146 ? 15.542  -8.952  -8.692  1.00 45.33  ? 145 ASP A CB  1 
ATOM   1102 C CG  . ASP A 1 146 ? 15.260  -8.239  -10.021 1.00 53.64  ? 145 ASP A CG  1 
ATOM   1103 O OD1 . ASP A 1 146 ? 15.154  -6.979  -10.030 1.00 52.85  ? 145 ASP A OD1 1 
ATOM   1104 O OD2 . ASP A 1 146 ? 15.111  -8.947  -11.036 1.00 59.48  ? 145 ASP A OD2 1 
ATOM   1105 N N   . GLU A 1 147 ? 16.114  -9.496  -5.680  1.00 31.19  ? 146 GLU A N   1 
ATOM   1106 C CA  . GLU A 1 147 ? 15.840  -10.241 -4.478  1.00 32.52  ? 146 GLU A CA  1 
ATOM   1107 C C   . GLU A 1 147 ? 15.572  -9.296  -3.297  1.00 29.30  ? 146 GLU A C   1 
ATOM   1108 O O   . GLU A 1 147 ? 14.990  -9.732  -2.325  1.00 30.97  ? 146 GLU A O   1 
ATOM   1109 C CB  . GLU A 1 147 ? 16.999  -11.183 -4.110  1.00 33.28  ? 146 GLU A CB  1 
ATOM   1110 C CG  . GLU A 1 147 ? 17.160  -12.372 -5.084  1.00 36.80  ? 146 GLU A CG  1 
ATOM   1111 C CD  . GLU A 1 147 ? 18.065  -12.047 -6.318  1.00 36.87  ? 146 GLU A CD  1 
ATOM   1112 O OE1 . GLU A 1 147 ? 18.458  -10.829 -6.609  1.00 30.75  ? 146 GLU A OE1 1 
ATOM   1113 O OE2 . GLU A 1 147 ? 18.411  -13.063 -6.958  1.00 33.10  ? 146 GLU A OE2 1 
ATOM   1114 N N   . TYR A 1 148 ? 16.014  -8.048  -3.352  1.00 28.31  ? 147 TYR A N   1 
ATOM   1115 C CA  . TYR A 1 148 ? 15.816  -7.146  -2.201  1.00 27.55  ? 147 TYR A CA  1 
ATOM   1116 C C   . TYR A 1 148 ? 14.703  -6.093  -2.319  1.00 27.17  ? 147 TYR A C   1 
ATOM   1117 O O   . TYR A 1 148 ? 14.578  -5.244  -1.465  1.00 24.78  ? 147 TYR A O   1 
ATOM   1118 C CB  . TYR A 1 148 ? 17.101  -6.423  -1.933  1.00 26.88  ? 147 TYR A CB  1 
ATOM   1119 C CG  . TYR A 1 148 ? 18.245  -7.410  -1.613  1.00 31.15  ? 147 TYR A CG  1 
ATOM   1120 C CD1 . TYR A 1 148 ? 18.160  -8.274  -0.523  1.00 38.13  ? 147 TYR A CD1 1 
ATOM   1121 C CD2 . TYR A 1 148 ? 19.375  -7.464  -2.386  1.00 30.83  ? 147 TYR A CD2 1 
ATOM   1122 C CE1 . TYR A 1 148 ? 19.184  -9.163  -0.224  1.00 33.77  ? 147 TYR A CE1 1 
ATOM   1123 C CE2 . TYR A 1 148 ? 20.402  -8.348  -2.101  1.00 30.86  ? 147 TYR A CE2 1 
ATOM   1124 C CZ  . TYR A 1 148 ? 20.298  -9.182  -1.019  1.00 31.78  ? 147 TYR A CZ  1 
ATOM   1125 O OH  . TYR A 1 148 ? 21.280  -10.072 -0.742  1.00 33.63  ? 147 TYR A OH  1 
ATOM   1126 N N   A ARG A 1 149 ? 13.930  -6.151  -3.384  0.50 29.88  ? 148 ARG A N   1 
ATOM   1127 N N   B ARG A 1 149 ? 13.937  -6.129  -3.418  0.50 28.56  ? 148 ARG A N   1 
ATOM   1128 C CA  A ARG A 1 149 ? 12.916  -5.154  -3.650  0.50 30.40  ? 148 ARG A CA  1 
ATOM   1129 C CA  B ARG A 1 149 ? 12.840  -5.166  -3.669  0.50 28.32  ? 148 ARG A CA  1 
ATOM   1130 C C   A ARG A 1 149 ? 11.808  -5.281  -2.608  0.50 25.38  ? 148 ARG A C   1 
ATOM   1131 C C   B ARG A 1 149 ? 11.827  -5.274  -2.570  0.50 24.33  ? 148 ARG A C   1 
ATOM   1132 O O   A ARG A 1 149 ? 11.253  -4.300  -2.193  0.50 26.73  ? 148 ARG A O   1 
ATOM   1133 O O   B ARG A 1 149 ? 11.312  -4.284  -2.127  0.50 25.99  ? 148 ARG A O   1 
ATOM   1134 C CB  A ARG A 1 149 ? 12.401  -5.371  -5.070  0.50 32.85  ? 148 ARG A CB  1 
ATOM   1135 C CB  B ARG A 1 149 ? 12.053  -5.455  -4.968  0.50 28.65  ? 148 ARG A CB  1 
ATOM   1136 C CG  A ARG A 1 149 ? 13.567  -5.366  -6.072  0.50 36.81  ? 148 ARG A CG  1 
ATOM   1137 C CG  B ARG A 1 149 ? 10.889  -4.459  -5.175  0.50 30.03  ? 148 ARG A CG  1 
ATOM   1138 C CD  A ARG A 1 149 ? 14.236  -4.017  -6.114  0.50 35.73  ? 148 ARG A CD  1 
ATOM   1139 C CD  B ARG A 1 149 ? 11.395  -3.003  -5.264  0.50 33.79  ? 148 ARG A CD  1 
ATOM   1140 N NE  A ARG A 1 149 ? 13.543  -3.178  -7.070  0.50 43.44  ? 148 ARG A NE  1 
ATOM   1141 N NE  B ARG A 1 149 ? 10.335  -1.991  -5.209  0.50 34.41  ? 148 ARG A NE  1 
ATOM   1142 C CZ  A ARG A 1 149 ? 14.166  -2.555  -8.042  0.50 38.78  ? 148 ARG A CZ  1 
ATOM   1143 C CZ  B ARG A 1 149 ? 9.990   -1.196  -6.214  0.50 37.96  ? 148 ARG A CZ  1 
ATOM   1144 N NH1 A ARG A 1 149 ? 15.473  -2.637  -8.092  0.50 38.74  ? 148 ARG A NH1 1 
ATOM   1145 N NH1 B ARG A 1 149 ? 9.006   -0.303  -6.049  0.50 38.26  ? 148 ARG A NH1 1 
ATOM   1146 N NH2 A ARG A 1 149 ? 13.492  -1.823  -8.900  0.50 42.14  ? 148 ARG A NH2 1 
ATOM   1147 N NH2 B ARG A 1 149 ? 10.629  -1.284  -7.385  0.50 38.38  ? 148 ARG A NH2 1 
ATOM   1148 N N   . ALA A 1 150 ? 11.511  -6.491  -2.174  1.00 25.59  ? 149 ALA A N   1 
ATOM   1149 C CA  . ALA A 1 150 ? 10.576  -6.701  -1.095  1.00 24.01  ? 149 ALA A CA  1 
ATOM   1150 C C   . ALA A 1 150 ? 11.093  -6.009  0.191   1.00 24.50  ? 149 ALA A C   1 
ATOM   1151 O O   . ALA A 1 150 ? 10.333  -5.294  0.881   1.00 22.75  ? 149 ALA A O   1 
ATOM   1152 C CB  . ALA A 1 150 ? 10.339  -8.148  -0.900  1.00 28.92  ? 149 ALA A CB  1 
ATOM   1153 N N   . PHE A 1 151 ? 12.395  -6.123  0.431   1.00 22.77  ? 150 PHE A N   1 
ATOM   1154 C CA  . PHE A 1 151 ? 13.010  -5.481  1.580   1.00 23.66  ? 150 PHE A CA  1 
ATOM   1155 C C   . PHE A 1 151 ? 12.966  -3.980  1.468   1.00 21.85  ? 150 PHE A C   1 
ATOM   1156 O O   . PHE A 1 151 ? 12.616  -3.295  2.408   1.00 20.36  ? 150 PHE A O   1 
ATOM   1157 C CB  . PHE A 1 151 ? 14.478  -5.893  1.736   1.00 20.99  ? 150 PHE A CB  1 
ATOM   1158 C CG  . PHE A 1 151 ? 15.136  -5.349  2.972   1.00 21.53  ? 150 PHE A CG  1 
ATOM   1159 C CD1 . PHE A 1 151 ? 14.601  -5.594  4.218   1.00 23.73  ? 150 PHE A CD1 1 
ATOM   1160 C CD2 . PHE A 1 151 ? 16.338  -4.689  2.889   1.00 23.40  ? 150 PHE A CD2 1 
ATOM   1161 C CE1 . PHE A 1 151 ? 15.247  -5.186  5.364   1.00 19.70  ? 150 PHE A CE1 1 
ATOM   1162 C CE2 . PHE A 1 151 ? 16.986  -4.188  4.017   1.00 23.21  ? 150 PHE A CE2 1 
ATOM   1163 C CZ  . PHE A 1 151 ? 16.448  -4.480  5.273   1.00 20.94  ? 150 PHE A CZ  1 
ATOM   1164 N N   . GLY A 1 152 ? 13.262  -3.450  0.284   1.00 22.48  ? 151 GLY A N   1 
ATOM   1165 C CA  . GLY A 1 152 ? 13.228  -2.011  0.096   1.00 23.76  ? 151 GLY A CA  1 
ATOM   1166 C C   . GLY A 1 152 ? 11.762  -1.505  0.224   1.00 22.43  ? 151 GLY A C   1 
ATOM   1167 O O   . GLY A 1 152 ? 11.508  -0.453  0.774   1.00 21.12  ? 151 GLY A O   1 
ATOM   1168 N N   . ASP A 1 153 ? 10.799  -2.293  -0.224  1.00 22.42  ? 152 ASP A N   1 
ATOM   1169 C CA  . ASP A 1 153 ? 9.357   -1.929  0.039   1.00 19.52  ? 152 ASP A CA  1 
ATOM   1170 C C   . ASP A 1 153 ? 9.038   -1.938  1.581   1.00 19.89  ? 152 ASP A C   1 
ATOM   1171 O O   . ASP A 1 153 ? 8.284   -1.117  2.078   1.00 19.19  ? 152 ASP A O   1 
ATOM   1172 C CB  . ASP A 1 153 ? 8.428   -2.912  -0.623  1.00 21.14  ? 152 ASP A CB  1 
ATOM   1173 C CG  . ASP A 1 153 ? 8.416   -2.787  -2.204  1.00 26.15  ? 152 ASP A CG  1 
ATOM   1174 O OD1 . ASP A 1 153 ? 8.912   -1.766  -2.725  1.00 28.61  ? 152 ASP A OD1 1 
ATOM   1175 O OD2 . ASP A 1 153 ? 7.930   -3.723  -2.863  1.00 28.68  ? 152 ASP A OD2 1 
ATOM   1176 N N   . GLY A 1 154 ? 9.569   -2.935  2.291   1.00 20.27  ? 153 GLY A N   1 
ATOM   1177 C CA  . GLY A 1 154 ? 9.440   -2.995  3.732   1.00 18.55  ? 153 GLY A CA  1 
ATOM   1178 C C   . GLY A 1 154 ? 10.027  -1.794  4.414   1.00 15.48  ? 153 GLY A C   1 
ATOM   1179 O O   . GLY A 1 154 ? 9.467   -1.287  5.373   1.00 16.27  ? 153 GLY A O   1 
ATOM   1180 N N   . LEU A 1 155 ? 11.177  -1.295  3.955   1.00 16.01  ? 154 LEU A N   1 
ATOM   1181 C CA  . LEU A 1 155 ? 11.788  -0.097  4.543   1.00 16.17  ? 154 LEU A CA  1 
ATOM   1182 C C   . LEU A 1 155 ? 10.949  1.179   4.275   1.00 16.31  ? 154 LEU A C   1 
ATOM   1183 O O   . LEU A 1 155 ? 10.683  2.024   5.128   1.00 15.36  ? 154 LEU A O   1 
ATOM   1184 C CB  . LEU A 1 155 ? 13.217  0.097   4.027   1.00 19.23  ? 154 LEU A CB  1 
ATOM   1185 C CG  . LEU A 1 155 ? 14.238  -1.027  4.324   1.00 21.34  ? 154 LEU A CG  1 
ATOM   1186 C CD1 . LEU A 1 155 ? 15.577  -0.826  3.594   1.00 23.25  ? 154 LEU A CD1 1 
ATOM   1187 C CD2 . LEU A 1 155 ? 14.349  -1.197  5.824   1.00 22.04  ? 154 LEU A CD2 1 
ATOM   1188 N N   . PHE A 1 156 ? 10.455  1.287   3.042   1.00 15.98  ? 155 PHE A N   1 
ATOM   1189 C CA  . PHE A 1 156 ? 9.609   2.385   2.703   1.00 17.63  ? 155 PHE A CA  1 
ATOM   1190 C C   . PHE A 1 156 ? 8.370   2.391   3.580   1.00 14.32  ? 155 PHE A C   1 
ATOM   1191 O O   . PHE A 1 156 ? 8.033   3.441   4.170   1.00 16.32  ? 155 PHE A O   1 
ATOM   1192 C CB  . PHE A 1 156 ? 9.220   2.312   1.210   1.00 17.37  ? 155 PHE A CB  1 
ATOM   1193 C CG  . PHE A 1 156 ? 8.260   3.394   0.766   1.00 19.83  ? 155 PHE A CG  1 
ATOM   1194 C CD1 . PHE A 1 156 ? 8.710   4.402   -0.077  1.00 20.45  ? 155 PHE A CD1 1 
ATOM   1195 C CD2 . PHE A 1 156 ? 6.915   3.341   1.066   1.00 19.76  ? 155 PHE A CD2 1 
ATOM   1196 C CE1 . PHE A 1 156 ? 7.838   5.340   -0.583  1.00 21.17  ? 155 PHE A CE1 1 
ATOM   1197 C CE2 . PHE A 1 156 ? 6.042   4.347   0.631   1.00 21.25  ? 155 PHE A CE2 1 
ATOM   1198 C CZ  . PHE A 1 156 ? 6.506   5.326   -0.203  1.00 20.00  ? 155 PHE A CZ  1 
ATOM   1199 N N   . LEU A 1 157 ? 7.763   1.252   3.742   1.00 19.30  ? 156 LEU A N   1 
ATOM   1200 C CA  . LEU A 1 157 ? 6.545   1.155   4.559   1.00 21.78  ? 156 LEU A CA  1 
ATOM   1201 C C   . LEU A 1 157 ? 6.794   1.409   6.082   1.00 24.27  ? 156 LEU A C   1 
ATOM   1202 O O   . LEU A 1 157 ? 5.913   1.936   6.738   1.00 21.54  ? 156 LEU A O   1 
ATOM   1203 C CB  . LEU A 1 157 ? 5.852   -0.219  4.391   1.00 22.04  ? 156 LEU A CB  1 
ATOM   1204 C CG  . LEU A 1 157 ? 5.251   -0.389  3.005   1.00 24.28  ? 156 LEU A CG  1 
ATOM   1205 C CD1 . LEU A 1 157 ? 5.098   -1.865  2.669   1.00 23.73  ? 156 LEU A CD1 1 
ATOM   1206 C CD2 . LEU A 1 157 ? 3.949   0.404   2.830   1.00 26.73  ? 156 LEU A CD2 1 
ATOM   1207 N N   . ALA A 1 158 ? 7.981   1.031   6.570   1.00 21.92  ? 157 ALA A N   1 
ATOM   1208 C CA  . ALA A 1 158 ? 8.400   1.237   7.950   1.00 21.92  ? 157 ALA A CA  1 
ATOM   1209 C C   . ALA A 1 158 ? 8.527   2.737   8.182   1.00 19.60  ? 157 ALA A C   1 
ATOM   1210 O O   . ALA A 1 158 ? 8.011   3.239   9.120   1.00 18.96  ? 157 ALA A O   1 
ATOM   1211 C CB  . ALA A 1 158 ? 9.781   0.578   8.192   1.00 23.13  ? 157 ALA A CB  1 
ATOM   1212 N N   . LEU A 1 159 ? 9.195   3.441   7.282   1.00 16.87  ? 158 LEU A N   1 
ATOM   1213 C CA  . LEU A 1 159 ? 9.338   4.846   7.424   1.00 16.06  ? 158 LEU A CA  1 
ATOM   1214 C C   . LEU A 1 159 ? 7.978   5.537   7.330   1.00 17.48  ? 158 LEU A C   1 
ATOM   1215 O O   . LEU A 1 159 ? 7.722   6.494   8.068   1.00 17.54  ? 158 LEU A O   1 
ATOM   1216 C CB  . LEU A 1 159 ? 10.296  5.378   6.332   1.00 14.72  ? 158 LEU A CB  1 
ATOM   1217 C CG  . LEU A 1 159 ? 11.727  4.920   6.498   1.00 16.57  ? 158 LEU A CG  1 
ATOM   1218 C CD1 . LEU A 1 159 ? 12.643  5.392   5.331   1.00 17.77  ? 158 LEU A CD1 1 
ATOM   1219 C CD2 . LEU A 1 159 ? 12.347  5.333   7.827   1.00 17.98  ? 158 LEU A CD2 1 
ATOM   1220 N N   . ALA A 1 160 ? 7.135   5.078   6.400   1.00 19.25  ? 159 ALA A N   1 
ATOM   1221 C CA  . ALA A 1 160 ? 5.828   5.786   6.173   1.00 16.12  ? 159 ALA A CA  1 
ATOM   1222 C C   . ALA A 1 160 ? 4.999   5.554   7.446   1.00 16.87  ? 159 ALA A C   1 
ATOM   1223 O O   . ALA A 1 160 ? 4.327   6.413   7.868   1.00 17.86  ? 159 ALA A O   1 
ATOM   1224 C CB  . ALA A 1 160 ? 5.152   5.146   4.959   1.00 15.93  ? 159 ALA A CB  1 
ATOM   1225 N N   . GLU A 1 161 ? 5.004   4.355   8.031   1.00 17.07  ? 160 GLU A N   1 
ATOM   1226 C CA  . GLU A 1 161 ? 4.147   4.068   9.204   1.00 18.21  ? 160 GLU A CA  1 
ATOM   1227 C C   . GLU A 1 161 ? 4.545   4.941   10.362  1.00 17.65  ? 160 GLU A C   1 
ATOM   1228 O O   . GLU A 1 161 ? 3.721   5.388   11.156  1.00 17.18  ? 160 GLU A O   1 
ATOM   1229 C CB  . GLU A 1 161 ? 4.214   2.592   9.662   1.00 23.85  ? 160 GLU A CB  1 
ATOM   1230 C CG  . GLU A 1 161 ? 3.144   2.327   10.748  1.00 33.11  ? 160 GLU A CG  1 
ATOM   1231 C CD  . GLU A 1 161 ? 2.697   0.863   10.843  1.00 45.48  ? 160 GLU A CD  1 
ATOM   1232 O OE1 . GLU A 1 161 ? 2.792   0.094   9.825   1.00 39.17  ? 160 GLU A OE1 1 
ATOM   1233 O OE2 . GLU A 1 161 ? 2.290   0.452   11.975  1.00 52.09  ? 160 GLU A OE2 1 
ATOM   1234 N N   . THR A 1 162 ? 5.851   5.076   10.562  1.00 17.77  ? 161 THR A N   1 
ATOM   1235 C CA  . THR A 1 162 ? 6.335   5.887   11.620  1.00 17.86  ? 161 THR A CA  1 
ATOM   1236 C C   . THR A 1 162 ? 5.939   7.381   11.456  1.00 16.27  ? 161 THR A C   1 
ATOM   1237 O O   . THR A 1 162 ? 5.512   8.081   12.404  1.00 16.29  ? 161 THR A O   1 
ATOM   1238 C CB  . THR A 1 162 ? 7.885   5.842   11.707  1.00 20.97  ? 161 THR A CB  1 
ATOM   1239 O OG1 . THR A 1 162 ? 8.300   4.477   11.863  1.00 24.11  ? 161 THR A OG1 1 
ATOM   1240 C CG2 . THR A 1 162 ? 8.326   6.636   12.863  1.00 21.84  ? 161 THR A CG2 1 
ATOM   1241 N N   . THR A 1 163 ? 6.130   7.870   10.257  1.00 18.09  ? 162 THR A N   1 
ATOM   1242 C CA  . THR A 1 163 ? 5.676   9.198   9.886   1.00 16.88  ? 162 THR A CA  1 
ATOM   1243 C C   . THR A 1 163 ? 4.167   9.357   10.194  1.00 16.55  ? 162 THR A C   1 
ATOM   1244 O O   . THR A 1 163 ? 3.745   10.332  10.796  1.00 15.86  ? 162 THR A O   1 
ATOM   1245 C CB  . THR A 1 163 ? 5.961   9.412   8.397   1.00 17.92  ? 162 THR A CB  1 
ATOM   1246 O OG1 . THR A 1 163 ? 7.356   9.305   8.138   1.00 18.29  ? 162 THR A OG1 1 
ATOM   1247 C CG2 . THR A 1 163 ? 5.483   10.802  7.881   1.00 20.25  ? 162 THR A CG2 1 
ATOM   1248 N N   . MET A 1 164 ? 3.341   8.416   9.755   1.00 16.31  ? 163 MET A N   1 
ATOM   1249 C CA  . MET A 1 164 ? 1.905   8.525   10.061  1.00 17.55  ? 163 MET A CA  1 
ATOM   1250 C C   . MET A 1 164 ? 1.628   8.520   11.552  1.00 18.61  ? 163 MET A C   1 
ATOM   1251 O O   . MET A 1 164 ? 0.789   9.281   12.038  1.00 19.97  ? 163 MET A O   1 
ATOM   1252 C CB  . MET A 1 164 ? 1.163   7.319   9.445   1.00 17.76  ? 163 MET A CB  1 
ATOM   1253 C CG  . MET A 1 164 ? 1.163   7.215   7.946   1.00 19.60  ? 163 MET A CG  1 
ATOM   1254 S SD  . MET A 1 164 ? 0.497   5.584   7.437   1.00 24.10  ? 163 MET A SD  1 
ATOM   1255 C CE  . MET A 1 164 ? 1.077   5.581   5.787   1.00 25.65  ? 163 MET A CE  1 
ATOM   1256 N N   A ASP A 1 165 ? 2.336   7.668   12.290  0.50 20.62  ? 164 ASP A N   1 
ATOM   1257 N N   B ASP A 1 165 ? 2.355   7.680   12.297  0.50 20.41  ? 164 ASP A N   1 
ATOM   1258 C CA  A ASP A 1 165 ? 2.118   7.614   13.722  0.50 20.08  ? 164 ASP A CA  1 
ATOM   1259 C CA  B ASP A 1 165 ? 2.154   7.581   13.747  0.50 19.87  ? 164 ASP A CA  1 
ATOM   1260 C C   A ASP A 1 165 ? 2.314   8.985   14.352  0.50 20.03  ? 164 ASP A C   1 
ATOM   1261 C C   B ASP A 1 165 ? 2.384   8.912   14.447  0.50 20.09  ? 164 ASP A C   1 
ATOM   1262 O O   A ASP A 1 165 ? 1.485   9.463   15.147  0.50 19.61  ? 164 ASP A O   1 
ATOM   1263 O O   B ASP A 1 165 ? 1.651   9.277   15.393  0.50 18.66  ? 164 ASP A O   1 
ATOM   1264 C CB  A ASP A 1 165 ? 3.083   6.616   14.368  0.50 21.92  ? 164 ASP A CB  1 
ATOM   1265 C CB  B ASP A 1 165 ? 3.076   6.481   14.325  0.50 21.33  ? 164 ASP A CB  1 
ATOM   1266 C CG  A ASP A 1 165 ? 2.701   5.161   14.135  0.50 24.35  ? 164 ASP A CG  1 
ATOM   1267 C CG  B ASP A 1 165 ? 2.983   6.339   15.861  0.50 23.17  ? 164 ASP A CG  1 
ATOM   1268 O OD1 A ASP A 1 165 ? 1.574   4.865   13.662  0.50 28.07  ? 164 ASP A OD1 1 
ATOM   1269 O OD1 B ASP A 1 165 ? 1.878   6.232   16.399  0.50 23.66  ? 164 ASP A OD1 1 
ATOM   1270 O OD2 A ASP A 1 165 ? 3.523   4.309   14.490  0.50 25.88  ? 164 ASP A OD2 1 
ATOM   1271 O OD2 B ASP A 1 165 ? 4.027   6.330   16.540  0.50 27.36  ? 164 ASP A OD2 1 
ATOM   1272 N N   . PHE A 1 166 ? 3.444   9.606   14.052  1.00 20.00  ? 165 PHE A N   1 
ATOM   1273 C CA  . PHE A 1 166 ? 3.791   10.867  14.682  1.00 19.25  ? 165 PHE A CA  1 
ATOM   1274 C C   . PHE A 1 166 ? 2.834   11.940  14.259  1.00 18.90  ? 165 PHE A C   1 
ATOM   1275 O O   . PHE A 1 166 ? 2.420   12.775  15.051  1.00 21.27  ? 165 PHE A O   1 
ATOM   1276 C CB  . PHE A 1 166 ? 5.259   11.220  14.437  1.00 19.30  ? 165 PHE A CB  1 
ATOM   1277 C CG  . PHE A 1 166 ? 6.168   10.577  15.404  1.00 19.19  ? 165 PHE A CG  1 
ATOM   1278 C CD1 . PHE A 1 166 ? 6.685   11.298  16.426  1.00 22.97  ? 165 PHE A CD1 1 
ATOM   1279 C CD2 . PHE A 1 166 ? 6.466   9.255   15.286  1.00 19.25  ? 165 PHE A CD2 1 
ATOM   1280 C CE1 . PHE A 1 166 ? 7.573   10.675  17.340  1.00 23.67  ? 165 PHE A CE1 1 
ATOM   1281 C CE2 . PHE A 1 166 ? 7.295   8.601   16.200  1.00 23.54  ? 165 PHE A CE2 1 
ATOM   1282 C CZ  . PHE A 1 166 ? 7.874   9.354   17.195  1.00 22.12  ? 165 PHE A CZ  1 
ATOM   1283 N N   . ALA A 1 167 ? 2.513   11.934  12.959  1.00 21.18  ? 166 ALA A N   1 
ATOM   1284 C CA  . ALA A 1 167 ? 1.573   12.936  12.440  1.00 18.64  ? 166 ALA A CA  1 
ATOM   1285 C C   . ALA A 1 167 ? 0.123   12.839  12.987  1.00 22.38  ? 166 ALA A C   1 
ATOM   1286 O O   . ALA A 1 167 ? -0.479  13.885  13.134  1.00 22.00  ? 166 ALA A O   1 
ATOM   1287 C CB  . ALA A 1 167 ? 1.588   12.925  10.959  1.00 19.27  ? 166 ALA A CB  1 
ATOM   1288 N N   . ALA A 1 168 ? -0.345  11.612  13.321  1.00 20.31  ? 167 ALA A N   1 
ATOM   1289 C CA  . ALA A 1 168 ? -1.675  11.335  13.897  1.00 25.34  ? 167 ALA A CA  1 
ATOM   1290 C C   . ALA A 1 168 ? -1.646  11.731  15.361  1.00 27.05  ? 167 ALA A C   1 
ATOM   1291 O O   . ALA A 1 168 ? -2.549  12.311  15.812  1.00 23.04  ? 167 ALA A O   1 
ATOM   1292 C CB  . ALA A 1 168 ? -2.055  9.837   13.827  1.00 25.88  ? 167 ALA A CB  1 
ATOM   1293 N N   . ARG A 1 169 ? -0.557  11.465  16.058  1.00 26.17  ? 168 ARG A N   1 
ATOM   1294 C CA  . ARG A 1 169 ? -0.443  11.818  17.440  1.00 29.31  ? 168 ARG A CA  1 
ATOM   1295 C C   . ARG A 1 169 ? -0.121  13.297  17.668  1.00 29.88  ? 168 ARG A C   1 
ATOM   1296 O O   . ARG A 1 169 ? -0.489  13.864  18.667  1.00 28.71  ? 168 ARG A O   1 
ATOM   1297 C CB  . ARG A 1 169 ? 0.568   10.853  18.068  1.00 39.31  ? 168 ARG A CB  1 
ATOM   1298 C CG  . ARG A 1 169 ? 0.726   10.855  19.578  1.00 50.16  ? 168 ARG A CG  1 
ATOM   1299 C CD  . ARG A 1 169 ? 2.172   10.496  20.007  1.00 59.91  ? 168 ARG A CD  1 
ATOM   1300 N NE  . ARG A 1 169 ? 2.814   9.459   19.179  1.00 64.19  ? 168 ARG A NE  1 
ATOM   1301 C CZ  . ARG A 1 169 ? 4.120   9.249   19.126  1.00 62.95  ? 168 ARG A CZ  1 
ATOM   1302 N NH1 . ARG A 1 169 ? 4.939   9.976   19.874  1.00 66.34  ? 168 ARG A NH1 1 
ATOM   1303 N NH2 . ARG A 1 169 ? 4.602   8.295   18.329  1.00 61.57  ? 168 ARG A NH2 1 
ATOM   1304 N N   . ASP A 1 170 ? 0.528   13.964  16.750  1.00 28.39  ? 169 ASP A N   1 
ATOM   1305 C CA  . ASP A 1 170 ? 0.884   15.357  16.973  1.00 27.02  ? 169 ASP A CA  1 
ATOM   1306 C C   . ASP A 1 170 ? 0.497   16.155  15.749  1.00 26.55  ? 169 ASP A C   1 
ATOM   1307 O O   . ASP A 1 170 ? 1.351   16.562  14.990  1.00 26.72  ? 169 ASP A O   1 
ATOM   1308 C CB  . ASP A 1 170 ? 2.418   15.449  17.254  1.00 25.92  ? 169 ASP A CB  1 
ATOM   1309 C CG  . ASP A 1 170 ? 2.905   16.903  17.560  1.00 30.64  ? 169 ASP A CG  1 
ATOM   1310 O OD1 . ASP A 1 170 ? 2.074   17.810  17.769  1.00 34.60  ? 169 ASP A OD1 1 
ATOM   1311 O OD2 . ASP A 1 170 ? 4.110   17.166  17.491  1.00 31.54  ? 169 ASP A OD2 1 
ATOM   1312 N N   . PRO A 1 171 ? -0.827  16.366  15.520  1.00 30.64  ? 170 PRO A N   1 
ATOM   1313 C CA  . PRO A 1 171 ? -1.187  16.893  14.200  1.00 27.45  ? 170 PRO A CA  1 
ATOM   1314 C C   . PRO A 1 171 ? -0.637  18.299  13.920  1.00 24.28  ? 170 PRO A C   1 
ATOM   1315 O O   . PRO A 1 171 ? -0.423  18.673  12.783  1.00 23.22  ? 170 PRO A O   1 
ATOM   1316 C CB  . PRO A 1 171 ? -2.725  16.878  14.185  1.00 29.69  ? 170 PRO A CB  1 
ATOM   1317 C CG  . PRO A 1 171 ? -3.200  16.470  15.540  1.00 33.55  ? 170 PRO A CG  1 
ATOM   1318 C CD  . PRO A 1 171 ? -1.997  15.846  16.263  1.00 32.57  ? 170 PRO A CD  1 
ATOM   1319 N N   . ALA A 1 172 ? -0.374  19.051  14.962  1.00 25.75  ? 171 ALA A N   1 
ATOM   1320 C CA  . ALA A 1 172 ? 0.112   20.472  14.788  1.00 28.87  ? 171 ALA A CA  1 
ATOM   1321 C C   . ALA A 1 172 ? 1.452   20.466  14.125  1.00 28.15  ? 171 ALA A C   1 
ATOM   1322 O O   . ALA A 1 172 ? 1.820   21.417  13.504  1.00 27.28  ? 171 ALA A O   1 
ATOM   1323 C CB  . ALA A 1 172 ? 0.207   21.157  16.146  1.00 32.16  ? 171 ALA A CB  1 
ATOM   1324 N N   . ARG A 1 173 ? 2.169   19.335  14.174  1.00 24.93  ? 172 ARG A N   1 
ATOM   1325 C CA  . ARG A 1 173 ? 3.431   19.256  13.434  1.00 26.48  ? 172 ARG A CA  1 
ATOM   1326 C C   . ARG A 1 173 ? 3.399   18.239  12.282  1.00 23.20  ? 172 ARG A C   1 
ATOM   1327 O O   . ARG A 1 173 ? 4.456   17.782  11.860  1.00 22.42  ? 172 ARG A O   1 
ATOM   1328 C CB  . ARG A 1 173 ? 4.591   18.916  14.383  1.00 26.51  ? 172 ARG A CB  1 
ATOM   1329 C CG  . ARG A 1 173 ? 4.856   19.926  15.490  1.00 32.06  ? 172 ARG A CG  1 
ATOM   1330 C CD  . ARG A 1 173 ? 6.275   19.625  16.082  1.00 32.66  ? 172 ARG A CD  1 
ATOM   1331 N NE  . ARG A 1 173 ? 6.607   20.408  17.272  1.00 33.48  ? 172 ARG A NE  1 
ATOM   1332 C CZ  . ARG A 1 173 ? 6.377   20.073  18.539  1.00 34.37  ? 172 ARG A CZ  1 
ATOM   1333 N NH1 . ARG A 1 173 ? 5.662   19.004  18.876  1.00 34.95  ? 172 ARG A NH1 1 
ATOM   1334 N NH2 . ARG A 1 173 ? 6.760   20.874  19.499  1.00 40.66  ? 172 ARG A NH2 1 
ATOM   1335 N N   . ALA A 1 174 ? 2.199   17.877  11.760  1.00 22.40  ? 173 ALA A N   1 
ATOM   1336 C CA  . ALA A 1 174 ? 2.100   16.796  10.799  1.00 20.20  ? 173 ALA A CA  1 
ATOM   1337 C C   . ALA A 1 174 ? 2.943   17.043  9.588   1.00 20.23  ? 173 ALA A C   1 
ATOM   1338 O O   . ALA A 1 174 ? 3.704   16.189  9.132   1.00 21.11  ? 173 ALA A O   1 
ATOM   1339 C CB  . ALA A 1 174 ? 0.618   16.534  10.366  1.00 22.01  ? 173 ALA A CB  1 
ATOM   1340 N N   . GLY A 1 175 ? 2.893   18.258  9.076   1.00 20.73  ? 174 GLY A N   1 
ATOM   1341 C CA  . GLY A 1 175 ? 3.659   18.605  7.860   1.00 22.05  ? 174 GLY A CA  1 
ATOM   1342 C C   . GLY A 1 175 ? 5.178   18.433  8.053   1.00 21.86  ? 174 GLY A C   1 
ATOM   1343 O O   . GLY A 1 175 ? 5.898   18.052  7.132   1.00 21.68  ? 174 GLY A O   1 
ATOM   1344 N N   . GLU A 1 176 ? 5.646   18.727  9.254   1.00 25.15  ? 175 GLU A N   1 
ATOM   1345 C CA  . GLU A 1 176 ? 7.077   18.673  9.558   1.00 24.06  ? 175 GLU A CA  1 
ATOM   1346 C C   . GLU A 1 176 ? 7.504   17.171  9.583   1.00 20.93  ? 175 GLU A C   1 
ATOM   1347 O O   . GLU A 1 176 ? 8.531   16.819  9.066   1.00 21.38  ? 175 GLU A O   1 
ATOM   1348 C CB  . GLU A 1 176 ? 7.389   19.261  10.933  1.00 28.57  ? 175 GLU A CB  1 
ATOM   1349 C CG  . GLU A 1 176 ? 6.615   20.467  11.352  1.00 39.50  ? 175 GLU A CG  1 
ATOM   1350 C CD  . GLU A 1 176 ? 6.819   21.586  10.442  1.00 47.95  ? 175 GLU A CD  1 
ATOM   1351 O OE1 . GLU A 1 176 ? 7.972   21.700  9.998   1.00 51.81  ? 175 GLU A OE1 1 
ATOM   1352 O OE2 . GLU A 1 176 ? 5.855   22.333  10.179  1.00 59.65  ? 175 GLU A OE2 1 
ATOM   1353 N N   . TYR A 1 177 ? 6.736   16.325  10.275  1.00 17.76  ? 176 TYR A N   1 
ATOM   1354 C CA  . TYR A 1 177 ? 7.036   14.900  10.226  1.00 20.46  ? 176 TYR A CA  1 
ATOM   1355 C C   . TYR A 1 177 ? 6.999   14.325  8.865   1.00 17.88  ? 176 TYR A C   1 
ATOM   1356 O O   . TYR A 1 177 ? 7.860   13.512  8.452   1.00 18.06  ? 176 TYR A O   1 
ATOM   1357 C CB  . TYR A 1 177 ? 6.069   14.107  11.077  1.00 20.25  ? 176 TYR A CB  1 
ATOM   1358 C CG  . TYR A 1 177 ? 6.148   14.451  12.539  1.00 22.35  ? 176 TYR A CG  1 
ATOM   1359 C CD1 . TYR A 1 177 ? 7.357   14.320  13.273  1.00 20.55  ? 176 TYR A CD1 1 
ATOM   1360 C CD2 . TYR A 1 177 ? 5.018   14.987  13.181  1.00 20.69  ? 176 TYR A CD2 1 
ATOM   1361 C CE1 . TYR A 1 177 ? 7.342   14.607  14.634  1.00 22.56  ? 176 TYR A CE1 1 
ATOM   1362 C CE2 . TYR A 1 177 ? 5.006   15.230  14.517  1.00 22.75  ? 176 TYR A CE2 1 
ATOM   1363 C CZ  . TYR A 1 177 ? 6.195   15.069  15.236  1.00 23.99  ? 176 TYR A CZ  1 
ATOM   1364 O OH  . TYR A 1 177 ? 6.136   15.458  16.532  1.00 27.23  ? 176 TYR A OH  1 
ATOM   1365 N N   . ILE A 1 178 ? 6.010   14.759  8.077   1.00 19.22  ? 177 ILE A N   1 
ATOM   1366 C CA  . ILE A 1 178 ? 5.952   14.348  6.674   1.00 16.05  ? 177 ILE A CA  1 
ATOM   1367 C C   . ILE A 1 178 ? 7.157   14.713  5.800   1.00 18.43  ? 177 ILE A C   1 
ATOM   1368 O O   . ILE A 1 178 ? 7.687   13.867  5.085   1.00 18.49  ? 177 ILE A O   1 
ATOM   1369 C CB  . ILE A 1 178 ? 4.571   14.779  6.041   1.00 20.29  ? 177 ILE A CB  1 
ATOM   1370 C CG1 . ILE A 1 178 ? 3.420   14.037  6.762   1.00 20.91  ? 177 ILE A CG1 1 
ATOM   1371 C CG2 . ILE A 1 178 ? 4.586   14.382  4.563   1.00 20.40  ? 177 ILE A CG2 1 
ATOM   1372 C CD1 . ILE A 1 178 ? 1.979   14.554  6.406   1.00 24.39  ? 177 ILE A CD1 1 
ATOM   1373 N N   . ALA A 1 179 ? 7.636   15.931  5.956   1.00 19.41  ? 178 ALA A N   1 
ATOM   1374 C CA  . ALA A 1 179 ? 8.812   16.404  5.194   1.00 22.06  ? 178 ALA A CA  1 
ATOM   1375 C C   . ALA A 1 179 ? 10.075  15.732  5.727   1.00 22.99  ? 178 ALA A C   1 
ATOM   1376 O O   . ALA A 1 179 ? 10.908  15.345  4.934   1.00 20.56  ? 178 ALA A O   1 
ATOM   1377 C CB  . ALA A 1 179 ? 8.993   17.880  5.366   1.00 26.87  ? 178 ALA A CB  1 
ATOM   1378 N N   . LEU A 1 180 ? 10.196  15.567  7.039   1.00 23.48  ? 179 LEU A N   1 
ATOM   1379 C CA  . LEU A 1 180 ? 11.431  14.824  7.568   1.00 25.42  ? 179 LEU A CA  1 
ATOM   1380 C C   . LEU A 1 180 ? 11.450  13.379  7.213   1.00 25.08  ? 179 LEU A C   1 
ATOM   1381 O O   . LEU A 1 180 ? 12.478  12.797  6.877   1.00 21.92  ? 179 LEU A O   1 
ATOM   1382 C CB  . LEU A 1 180 ? 11.508  14.952  9.058   1.00 27.10  ? 179 LEU A CB  1 
ATOM   1383 C CG  . LEU A 1 180 ? 11.843  16.281  9.637   1.00 33.19  ? 179 LEU A CG  1 
ATOM   1384 C CD1 . LEU A 1 180 ? 11.465  16.258  11.110  1.00 33.71  ? 179 LEU A CD1 1 
ATOM   1385 C CD2 . LEU A 1 180 ? 13.340  16.529  9.458   1.00 38.70  ? 179 LEU A CD2 1 
ATOM   1386 N N   . GLY A 1 181 ? 10.275  12.728  7.232   1.00 20.57  ? 180 GLY A N   1 
ATOM   1387 C CA  . GLY A 1 181 ? 10.256  11.352  6.836   1.00 19.29  ? 180 GLY A CA  1 
ATOM   1388 C C   . GLY A 1 181 ? 10.522  11.211  5.387   1.00 20.02  ? 180 GLY A C   1 
ATOM   1389 O O   . GLY A 1 181 ? 11.170  10.248  4.931   1.00 18.33  ? 180 GLY A O   1 
ATOM   1390 N N   . PHE A 1 182 ? 10.007  12.147  4.586   1.00 18.27  ? 181 PHE A N   1 
ATOM   1391 C CA  . PHE A 1 182 ? 10.248  12.015  3.158   1.00 17.03  ? 181 PHE A CA  1 
ATOM   1392 C C   . PHE A 1 182 ? 11.781  11.957  2.816   1.00 17.79  ? 181 PHE A C   1 
ATOM   1393 O O   . PHE A 1 182 ? 12.264  11.105  2.073   1.00 21.26  ? 181 PHE A O   1 
ATOM   1394 C CB  . PHE A 1 182 ? 9.725   13.240  2.386   1.00 18.66  ? 181 PHE A CB  1 
ATOM   1395 C CG  . PHE A 1 182 ? 10.194  13.257  0.960   1.00 21.27  ? 181 PHE A CG  1 
ATOM   1396 C CD1 . PHE A 1 182 ? 9.747   12.349  0.087   1.00 24.07  ? 181 PHE A CD1 1 
ATOM   1397 C CD2 . PHE A 1 182 ? 11.121  14.157  0.532   1.00 26.51  ? 181 PHE A CD2 1 
ATOM   1398 C CE1 . PHE A 1 182 ? 10.135  12.312  -1.214  1.00 24.79  ? 181 PHE A CE1 1 
ATOM   1399 C CE2 . PHE A 1 182 ? 11.572  14.118  -0.797  1.00 25.57  ? 181 PHE A CE2 1 
ATOM   1400 C CZ  . PHE A 1 182 ? 11.075  13.205  -1.675  1.00 27.82  ? 181 PHE A CZ  1 
ATOM   1401 N N   . GLU A 1 183 ? 12.467  12.918  3.354   1.00 22.13  ? 182 GLU A N   1 
ATOM   1402 C CA  . GLU A 1 183 ? 13.924  13.106  3.211   1.00 28.24  ? 182 GLU A CA  1 
ATOM   1403 C C   . GLU A 1 183 ? 14.690  11.869  3.655   1.00 24.72  ? 182 GLU A C   1 
ATOM   1404 O O   . GLU A 1 183 ? 15.635  11.443  3.018   1.00 25.57  ? 182 GLU A O   1 
ATOM   1405 C CB  . GLU A 1 183 ? 14.325  14.242  4.132   1.00 33.27  ? 182 GLU A CB  1 
ATOM   1406 C CG  . GLU A 1 183 ? 14.684  15.541  3.442   1.00 48.74  ? 182 GLU A CG  1 
ATOM   1407 C CD  . GLU A 1 183 ? 15.618  15.373  2.233   1.00 47.95  ? 182 GLU A CD  1 
ATOM   1408 O OE1 . GLU A 1 183 ? 16.790  14.957  2.351   1.00 53.26  ? 182 GLU A OE1 1 
ATOM   1409 O OE2 . GLU A 1 183 ? 15.120  15.660  1.145   1.00 49.04  ? 182 GLU A OE2 1 
ATOM   1410 N N   . ALA A 1 184 ? 14.226  11.263  4.730   1.00 25.84  ? 183 ALA A N   1 
ATOM   1411 C CA  . ALA A 1 184 ? 14.807  10.029  5.178   1.00 24.13  ? 183 ALA A CA  1 
ATOM   1412 C C   . ALA A 1 184 ? 14.578  8.903   4.222   1.00 24.35  ? 183 ALA A C   1 
ATOM   1413 O O   . ALA A 1 184 ? 15.442  8.043   3.927   1.00 22.72  ? 183 ALA A O   1 
ATOM   1414 C CB  . ALA A 1 184 ? 14.220  9.720   6.558   1.00 25.30  ? 183 ALA A CB  1 
ATOM   1415 N N   . MET A 1 185 ? 13.355  8.839   3.725   1.00 19.43  ? 184 MET A N   1 
ATOM   1416 C CA  . MET A 1 185 ? 13.050  7.858   2.778   1.00 21.09  ? 184 MET A CA  1 
ATOM   1417 C C   . MET A 1 185 ? 13.887  8.081   1.496   1.00 20.35  ? 184 MET A C   1 
ATOM   1418 O O   . MET A 1 185 ? 14.425  7.141   0.910   1.00 18.96  ? 184 MET A O   1 
ATOM   1419 C CB  . MET A 1 185 ? 11.512  7.858   2.451   1.00 21.42  ? 184 MET A CB  1 
ATOM   1420 C CG  . MET A 1 185 ? 11.090  6.781   1.552   1.00 24.63  ? 184 MET A CG  1 
ATOM   1421 S SD  . MET A 1 185 ? 11.369  7.203   -0.245  1.00 27.22  ? 184 MET A SD  1 
ATOM   1422 C CE  . MET A 1 185 ? 10.249  8.624   -0.262  1.00 27.81  ? 184 MET A CE  1 
ATOM   1423 N N   . TRP A 1 186 ? 13.900  9.288   1.034   1.00 24.94  ? 185 TRP A N   1 
ATOM   1424 C CA  . TRP A 1 186 ? 14.596  9.641   -0.246  1.00 25.25  ? 185 TRP A CA  1 
ATOM   1425 C C   . TRP A 1 186 ? 16.094  9.307   -0.085  1.00 21.56  ? 185 TRP A C   1 
ATOM   1426 O O   . TRP A 1 186 ? 16.685  8.565   -0.877  1.00 24.24  ? 185 TRP A O   1 
ATOM   1427 C CB  . TRP A 1 186 ? 14.447  11.119  -0.425  1.00 25.82  ? 185 TRP A CB  1 
ATOM   1428 C CG  . TRP A 1 186 ? 15.195  11.606  -1.659  1.00 31.88  ? 185 TRP A CG  1 
ATOM   1429 C CD1 . TRP A 1 186 ? 16.369  12.303  -1.689  1.00 35.60  ? 185 TRP A CD1 1 
ATOM   1430 C CD2 . TRP A 1 186 ? 14.764  11.473  -3.029  1.00 33.82  ? 185 TRP A CD2 1 
ATOM   1431 N NE1 . TRP A 1 186 ? 16.720  12.583  -3.006  1.00 36.73  ? 185 TRP A NE1 1 
ATOM   1432 C CE2 . TRP A 1 186 ? 15.767  12.057  -3.842  1.00 36.91  ? 185 TRP A CE2 1 
ATOM   1433 C CE3 . TRP A 1 186 ? 13.659  10.885  -3.635  1.00 32.82  ? 185 TRP A CE3 1 
ATOM   1434 C CZ2 . TRP A 1 186 ? 15.674  12.093  -5.248  1.00 35.52  ? 185 TRP A CZ2 1 
ATOM   1435 C CZ3 . TRP A 1 186 ? 13.582  10.882  -5.042  1.00 40.88  ? 185 TRP A CZ3 1 
ATOM   1436 C CH2 . TRP A 1 186 ? 14.595  11.499  -5.823  1.00 37.33  ? 185 TRP A CH2 1 
ATOM   1437 N N   . ARG A 1 187 ? 16.668  9.766   0.987   1.00 24.70  ? 186 ARG A N   1 
ATOM   1438 C CA  . ARG A 1 187 ? 18.108  9.395   1.196   1.00 26.28  ? 186 ARG A CA  1 
ATOM   1439 C C   . ARG A 1 187 ? 18.382  7.881   1.308   1.00 28.16  ? 186 ARG A C   1 
ATOM   1440 O O   . ARG A 1 187 ? 19.318  7.308   0.698   1.00 24.99  ? 186 ARG A O   1 
ATOM   1441 C CB  . ARG A 1 187 ? 18.559  10.132  2.377   1.00 30.37  ? 186 ARG A CB  1 
ATOM   1442 C CG  . ARG A 1 187 ? 18.738  11.617  2.120   1.00 29.53  ? 186 ARG A CG  1 
ATOM   1443 C CD  . ARG A 1 187 ? 19.114  12.270  3.437   1.00 32.60  ? 186 ARG A CD  1 
ATOM   1444 N NE  . ARG A 1 187 ? 19.071  13.722  3.287   1.00 43.87  ? 186 ARG A NE  1 
ATOM   1445 C CZ  . ARG A 1 187 ? 20.100  14.469  2.900   1.00 46.88  ? 186 ARG A CZ  1 
ATOM   1446 N NH1 . ARG A 1 187 ? 21.277  13.899  2.672   1.00 45.87  ? 186 ARG A NH1 1 
ATOM   1447 N NH2 . ARG A 1 187 ? 19.972  15.793  2.790   1.00 50.20  ? 186 ARG A NH2 1 
ATOM   1448 N N   . ALA A 1 188 ? 17.511  7.163   2.020   1.00 27.54  ? 187 ALA A N   1 
ATOM   1449 C CA  . ALA A 1 188 ? 17.661  5.712   2.155   1.00 24.96  ? 187 ALA A CA  1 
ATOM   1450 C C   . ALA A 1 188 ? 17.540  4.968   0.871   1.00 28.52  ? 187 ALA A C   1 
ATOM   1451 O O   . ALA A 1 188 ? 18.219  3.961   0.624   1.00 24.29  ? 187 ALA A O   1 
ATOM   1452 C CB  . ALA A 1 188 ? 16.636  5.175   3.143   1.00 26.09  ? 187 ALA A CB  1 
ATOM   1453 N N   . LEU A 1 189 ? 16.574  5.365   0.062   1.00 24.15  ? 188 LEU A N   1 
ATOM   1454 C CA  . LEU A 1 189 ? 16.163  4.470   -0.960  1.00 23.81  ? 188 LEU A CA  1 
ATOM   1455 C C   . LEU A 1 189 ? 16.495  4.942   -2.403  1.00 28.89  ? 188 LEU A C   1 
ATOM   1456 O O   . LEU A 1 189 ? 16.077  4.310   -3.349  1.00 30.36  ? 188 LEU A O   1 
ATOM   1457 C CB  . LEU A 1 189 ? 14.679  4.171   -0.810  1.00 28.70  ? 188 LEU A CB  1 
ATOM   1458 C CG  . LEU A 1 189 ? 14.269  3.462   0.466   1.00 30.06  ? 188 LEU A CG  1 
ATOM   1459 C CD1 . LEU A 1 189 ? 12.749  3.371   0.407   1.00 30.04  ? 188 LEU A CD1 1 
ATOM   1460 C CD2 . LEU A 1 189 ? 14.890  2.078   0.584   1.00 29.30  ? 188 LEU A CD2 1 
ATOM   1461 N N   . THR A 1 190 ? 17.239  6.043   -2.543  1.00 32.18  ? 189 THR A N   1 
ATOM   1462 C CA  . THR A 1 190 ? 17.769  6.466   -3.860  1.00 36.26  ? 189 THR A CA  1 
ATOM   1463 C C   . THR A 1 190 ? 19.286  6.575   -3.805  1.00 44.59  ? 189 THR A C   1 
ATOM   1464 O O   . THR A 1 190 ? 19.880  6.459   -2.723  1.00 40.09  ? 189 THR A O   1 
ATOM   1465 C CB  . THR A 1 190 ? 17.292  7.858   -4.280  1.00 36.26  ? 189 THR A CB  1 
ATOM   1466 O OG1 . THR A 1 190 ? 17.726  8.849   -3.326  1.00 35.12  ? 189 THR A OG1 1 
ATOM   1467 C CG2 . THR A 1 190 ? 15.844  7.901   -4.412  1.00 29.84  ? 189 THR A CG2 1 
ATOM   1468 N N   . ARG A 1 191 ? 19.874  6.784   -5.001  1.00 54.12  ? 190 ARG A N   1 
ATOM   1469 C CA  . ARG A 1 191 ? 21.331  6.955   -5.216  1.00 57.98  ? 190 ARG A CA  1 
ATOM   1470 C C   . ARG A 1 191 ? 21.707  7.988   -6.265  1.00 62.94  ? 190 ARG A C   1 
ATOM   1471 O O   . ARG A 1 191 ? 20.855  8.474   -7.051  1.00 56.08  ? 190 ARG A O   1 
ATOM   1472 C CB  . ARG A 1 191 ? 21.996  5.652   -5.654  1.00 55.10  ? 190 ARG A CB  1 
ATOM   1473 C CG  . ARG A 1 191 ? 22.065  4.566   -4.619  1.00 51.25  ? 190 ARG A CG  1 
ATOM   1474 C CD  . ARG A 1 191 ? 22.737  5.000   -3.363  1.00 48.22  ? 190 ARG A CD  1 
ATOM   1475 N NE  . ARG A 1 191 ? 22.779  3.896   -2.430  1.00 43.84  ? 190 ARG A NE  1 
ATOM   1476 C CZ  . ARG A 1 191 ? 21.909  3.688   -1.443  1.00 48.79  ? 190 ARG A CZ  1 
ATOM   1477 N NH1 . ARG A 1 191 ? 22.059  2.640   -0.624  1.00 45.44  ? 190 ARG A NH1 1 
ATOM   1478 N NH2 . ARG A 1 191 ? 20.874  4.517   -1.282  1.00 46.27  ? 190 ARG A NH2 1 
ATOM   1479 N N   . GLU A 1 192 ? 23.017  8.287   -6.261  1.00 73.49  ? 191 GLU A N   1 
ATOM   1480 C CA  . GLU A 1 192 ? 23.681  9.215   -7.204  1.00 79.90  ? 191 GLU A CA  1 
ATOM   1481 C C   . GLU A 1 192 ? 23.489  8.750   -8.652  1.00 78.04  ? 191 GLU A C   1 
ATOM   1482 O O   . GLU A 1 192 ? 22.724  9.345   -9.420  1.00 82.15  ? 191 GLU A O   1 
ATOM   1483 C CB  . GLU A 1 192 ? 25.196  9.313   -6.876  1.00 84.92  ? 191 GLU A CB  1 
ATOM   1484 C CG  . GLU A 1 192 ? 25.841  10.681  -7.126  1.00 89.94  ? 191 GLU A CG  1 
ATOM   1485 C CD  . GLU A 1 192 ? 25.765  11.139  -8.583  1.00 89.70  ? 191 GLU A CD  1 
ATOM   1486 O OE1 . GLU A 1 192 ? 26.299  10.434  -9.465  1.00 90.26  ? 191 GLU A OE1 1 
ATOM   1487 O OE2 . GLU A 1 192 ? 25.178  12.212  -8.851  1.00 84.51  ? 191 GLU A OE2 1 
HETATM 1488 S S   . SO4 B 2 .   ? -9.900  2.383   7.557   1.00 48.29  ? 200 SO4 A S   1 
HETATM 1489 O O1  . SO4 B 2 .   ? -10.580 3.631   7.146   1.00 49.95  ? 200 SO4 A O1  1 
HETATM 1490 O O2  . SO4 B 2 .   ? -10.940 1.338   7.579   1.00 50.78  ? 200 SO4 A O2  1 
HETATM 1491 O O3  . SO4 B 2 .   ? -8.865  2.052   6.570   1.00 37.63  ? 200 SO4 A O3  1 
HETATM 1492 O O4  . SO4 B 2 .   ? -9.318  2.301   8.952   1.00 41.47  ? 200 SO4 A O4  1 
HETATM 1493 C C1  . CHD C 3 .   ? 2.354   -0.111  -1.865  1.00 29.36  ? 201 CHD A C1  1 
HETATM 1494 C C2  . CHD C 3 .   ? 2.472   -1.396  -2.633  1.00 25.94  ? 201 CHD A C2  1 
HETATM 1495 C C3  . CHD C 3 .   ? 3.371   -2.346  -1.911  1.00 27.97  ? 201 CHD A C3  1 
HETATM 1496 O O3  . CHD C 3 .   ? 3.468   -3.449  -2.753  1.00 27.91  ? 201 CHD A O3  1 
HETATM 1497 C C4  . CHD C 3 .   ? 4.759   -1.707  -1.848  1.00 24.28  ? 201 CHD A C4  1 
HETATM 1498 C C5  . CHD C 3 .   ? 4.690   -0.373  -1.103  1.00 23.98  ? 201 CHD A C5  1 
HETATM 1499 C C6  . CHD C 3 .   ? 6.068   0.386   -1.064  1.00 21.48  ? 201 CHD A C6  1 
HETATM 1500 C C7  . CHD C 3 .   ? 6.568   1.005   -2.359  1.00 27.26  ? 201 CHD A C7  1 
HETATM 1501 O O7  . CHD C 3 .   ? 6.927   0.009   -3.352  1.00 25.46  ? 201 CHD A O7  1 
HETATM 1502 C C8  . CHD C 3 .   ? 5.487   1.932   -2.973  1.00 29.71  ? 201 CHD A C8  1 
HETATM 1503 C C9  . CHD C 3 .   ? 4.177   1.204   -3.100  1.00 26.66  ? 201 CHD A C9  1 
HETATM 1504 C C10 . CHD C 3 .   ? 3.676   0.618   -1.737  1.00 27.67  ? 201 CHD A C10 1 
HETATM 1505 C C11 . CHD C 3 .   ? 3.174   2.080   -3.930  1.00 31.48  ? 201 CHD A C11 1 
HETATM 1506 C C12 . CHD C 3 .   ? 3.737   2.698   -5.223  1.00 36.34  ? 201 CHD A C12 1 
HETATM 1507 O O12 . CHD C 3 .   ? 3.874   1.702   -6.256  1.00 36.36  ? 201 CHD A O12 1 
HETATM 1508 C C13 . CHD C 3 .   ? 5.074   3.404   -5.015  1.00 35.64  ? 201 CHD A C13 1 
HETATM 1509 C C14 . CHD C 3 .   ? 5.994   2.391   -4.345  1.00 32.09  ? 201 CHD A C14 1 
HETATM 1510 C C15 . CHD C 3 .   ? 7.354   3.065   -4.370  1.00 36.17  ? 201 CHD A C15 1 
HETATM 1511 C C16 . CHD C 3 .   ? 7.397   3.688   -5.775  1.00 37.54  ? 201 CHD A C16 1 
HETATM 1512 C C17 . CHD C 3 .   ? 5.933   3.754   -6.253  1.00 42.31  ? 201 CHD A C17 1 
HETATM 1513 C C18 . CHD C 3 .   ? 4.826   4.576   -4.057  1.00 33.46  ? 201 CHD A C18 1 
HETATM 1514 C C19 . CHD C 3 .   ? 3.398   1.761   -0.730  1.00 29.15  ? 201 CHD A C19 1 
HETATM 1515 C C20 . CHD C 3 .   ? 5.713   5.058   -7.047  1.00 49.22  ? 201 CHD A C20 1 
HETATM 1516 C C21 . CHD C 3 .   ? 4.260   5.087   -7.536  1.00 47.35  ? 201 CHD A C21 1 
HETATM 1517 C C22 . CHD C 3 .   ? 6.782   5.247   -8.205  1.00 56.26  ? 201 CHD A C22 1 
HETATM 1518 C C23 . CHD C 3 .   ? 7.105   6.740   -8.572  1.00 70.09  ? 201 CHD A C23 1 
HETATM 1519 O O25 . CHD C 3 .   ? 9.453   7.171   -7.848  1.00 67.01  ? 201 CHD A O25 1 
HETATM 1520 C C24 . CHD C 3 .   ? 8.536   7.362   -8.694  1.00 76.27  ? 201 CHD A C24 1 
HETATM 1521 O O26 . CHD C 3 .   ? 8.754   8.156   -9.656  1.00 75.35  ? 201 CHD A O26 1 
HETATM 1522 O O   . HOH D 4 .   ? 5.359   18.249  4.506   1.00 39.73  ? 301 HOH A O   1 
HETATM 1523 O O   . HOH D 4 .   ? -11.833 -18.175 -5.935  1.00 44.60  ? 302 HOH A O   1 
HETATM 1524 O O   . HOH D 4 .   ? -11.535 -4.570  -5.915  1.00 54.58  ? 303 HOH A O   1 
HETATM 1525 O O   . HOH D 4 .   ? 20.487  2.903   1.359   1.00 36.84  ? 304 HOH A O   1 
HETATM 1526 O O   . HOH D 4 .   ? 7.026   -3.087  -5.189  1.00 49.92  ? 305 HOH A O   1 
HETATM 1527 O O   . HOH D 4 .   ? -11.584 4.897   -1.466  1.00 50.19  ? 306 HOH A O   1 
HETATM 1528 O O   . HOH D 4 .   ? -0.485  18.403  17.846  1.00 35.73  ? 307 HOH A O   1 
HETATM 1529 O O   . HOH D 4 .   ? 21.262  8.603   -0.521  1.00 36.34  ? 308 HOH A O   1 
HETATM 1530 O O   . HOH D 4 .   ? -4.793  12.725  14.385  1.00 38.45  ? 309 HOH A O   1 
HETATM 1531 O O   A HOH D 4 .   ? 7.478   14.216  18.510  0.50 20.08  ? 310 HOH A O   1 
HETATM 1532 O O   B HOH D 4 .   ? 9.544   13.973  17.917  0.50 15.05  ? 310 HOH A O   1 
HETATM 1533 O O   . HOH D 4 .   ? 3.180   -10.420 6.088   1.00 39.33  ? 311 HOH A O   1 
HETATM 1534 O O   . HOH D 4 .   ? 7.642   -2.833  6.755   1.00 35.15  ? 312 HOH A O   1 
HETATM 1535 O O   . HOH D 4 .   ? -2.732  14.287  11.509  1.00 46.04  ? 313 HOH A O   1 
HETATM 1536 O O   . HOH D 4 .   ? 20.166  -10.398 -8.798  1.00 25.72  ? 314 HOH A O   1 
HETATM 1537 O O   . HOH D 4 .   ? -23.539 -24.069 -1.995  1.00 57.70  ? 315 HOH A O   1 
HETATM 1538 O O   . HOH D 4 .   ? 10.133  17.573  -0.571  1.00 39.41  ? 316 HOH A O   1 
HETATM 1539 O O   . HOH D 4 .   ? -8.598  5.945   -1.213  1.00 50.16  ? 317 HOH A O   1 
HETATM 1540 O O   . HOH D 4 .   ? 11.860  -9.055  -3.471  1.00 32.24  ? 318 HOH A O   1 
HETATM 1541 O O   . HOH D 4 .   ? -2.239  5.309   9.935   1.00 32.80  ? 319 HOH A O   1 
HETATM 1542 O O   . HOH D 4 .   ? 21.542  -4.908  -4.043  1.00 41.49  ? 320 HOH A O   1 
HETATM 1543 O O   . HOH D 4 .   ? -6.821  9.344   0.795   1.00 40.22  ? 321 HOH A O   1 
HETATM 1544 O O   . HOH D 4 .   ? 2.547   21.155  9.878   1.00 37.82  ? 322 HOH A O   1 
HETATM 1545 O O   . HOH D 4 .   ? 23.137  -0.240  0.084   1.00 38.72  ? 323 HOH A O   1 
# 
loop_
_pdbx_poly_seq_scheme.asym_id 
_pdbx_poly_seq_scheme.entity_id 
_pdbx_poly_seq_scheme.seq_id 
_pdbx_poly_seq_scheme.mon_id 
_pdbx_poly_seq_scheme.ndb_seq_num 
_pdbx_poly_seq_scheme.pdb_seq_num 
_pdbx_poly_seq_scheme.auth_seq_num 
_pdbx_poly_seq_scheme.pdb_mon_id 
_pdbx_poly_seq_scheme.auth_mon_id 
_pdbx_poly_seq_scheme.pdb_strand_id 
_pdbx_poly_seq_scheme.pdb_ins_code 
_pdbx_poly_seq_scheme.hetero 
A 1 1   MET 1   0   ?   ?   ?   A . n 
A 1 2   VAL 2   1   ?   ?   ?   A . n 
A 1 3   ALA 3   2   ?   ?   ?   A . n 
A 1 4   ARG 4   3   ?   ?   ?   A . n 
A 1 5   PRO 5   4   ?   ?   ?   A . n 
A 1 6   LYS 6   5   ?   ?   ?   A . n 
A 1 7   SER 7   6   ?   ?   ?   A . n 
A 1 8   GLU 8   7   ?   ?   ?   A . n 
A 1 9   ASP 9   8   8   ASP ASP A . n 
A 1 10  LYS 10  9   9   LYS LYS A . n 
A 1 11  LYS 11  10  10  LYS LYS A . n 
A 1 12  GLN 12  11  11  GLN GLN A . n 
A 1 13  ALA 13  12  12  ALA ALA A . n 
A 1 14  LEU 14  13  13  LEU LEU A . n 
A 1 15  LEU 15  14  14  LEU LEU A . n 
A 1 16  GLU 16  15  15  GLU GLU A . n 
A 1 17  ALA 17  16  16  ALA ALA A . n 
A 1 18  ALA 18  17  17  ALA ALA A . n 
A 1 19  THR 19  18  18  THR THR A . n 
A 1 20  GLN 20  19  19  GLN GLN A . n 
A 1 21  ALA 21  20  20  ALA ALA A . n 
A 1 22  ILE 22  21  21  ILE ILE A . n 
A 1 23  ALA 23  22  22  ALA ALA A . n 
A 1 24  GLN 24  23  23  GLN GLN A . n 
A 1 25  SER 25  24  24  SER SER A . n 
A 1 26  GLY 26  25  25  GLY GLY A . n 
A 1 27  ILE 27  26  26  ILE ILE A . n 
A 1 28  ALA 28  27  27  ALA ALA A . n 
A 1 29  ALA 29  28  28  ALA ALA A . n 
A 1 30  SER 30  29  29  SER SER A . n 
A 1 31  THR 31  30  30  THR THR A . n 
A 1 32  ALA 32  31  31  ALA ALA A . n 
A 1 33  VAL 33  32  32  VAL VAL A . n 
A 1 34  ILE 34  33  33  ILE ILE A . n 
A 1 35  ALA 35  34  34  ALA ALA A . n 
A 1 36  ARG 36  35  35  ARG ARG A . n 
A 1 37  ASN 37  36  36  ASN ASN A . n 
A 1 38  ALA 38  37  37  ALA ALA A . n 
A 1 39  GLY 39  38  38  GLY GLY A . n 
A 1 40  VAL 40  39  39  VAL VAL A . n 
A 1 41  ALA 41  40  40  ALA ALA A . n 
A 1 42  GLU 42  41  41  GLU GLU A . n 
A 1 43  GLY 43  42  42  GLY GLY A . n 
A 1 44  THR 44  43  43  THR THR A . n 
A 1 45  LEU 45  44  44  LEU LEU A . n 
A 1 46  PHE 46  45  45  PHE PHE A . n 
A 1 47  ARG 47  46  46  ARG ARG A . n 
A 1 48  TYR 48  47  47  TYR TYR A . n 
A 1 49  PHE 49  48  48  PHE PHE A . n 
A 1 50  ALA 50  49  49  ALA ALA A . n 
A 1 51  THR 51  50  50  THR THR A . n 
A 1 52  LYS 52  51  51  LYS LYS A . n 
A 1 53  ASP 53  52  52  ASP ASP A . n 
A 1 54  GLU 54  53  53  GLU GLU A . n 
A 1 55  LEU 55  54  54  LEU LEU A . n 
A 1 56  ILE 56  55  55  ILE ILE A . n 
A 1 57  ASN 57  56  56  ASN ASN A . n 
A 1 58  THR 58  57  57  THR THR A . n 
A 1 59  LEU 59  58  58  LEU LEU A . n 
A 1 60  TYR 60  59  59  TYR TYR A . n 
A 1 61  LEU 61  60  60  LEU LEU A . n 
A 1 62  HIS 62  61  61  HIS HIS A . n 
A 1 63  LEU 63  62  62  LEU LEU A . n 
A 1 64  LYS 64  63  63  LYS LYS A . n 
A 1 65  GLN 65  64  64  GLN GLN A . n 
A 1 66  ASP 66  65  65  ASP ASP A . n 
A 1 67  LEU 67  66  66  LEU LEU A . n 
A 1 68  CYS 68  67  67  CYS CYS A . n 
A 1 69  GLN 69  68  68  GLN GLN A . n 
A 1 70  SER 70  69  69  SER SER A . n 
A 1 71  MET 71  70  70  MET MET A . n 
A 1 72  ILE 72  71  71  ILE ILE A . n 
A 1 73  MET 73  72  72  MET MET A . n 
A 1 74  GLU 74  73  73  GLU GLU A . n 
A 1 75  LEU 75  74  74  LEU LEU A . n 
A 1 76  ASP 76  75  75  ASP ASP A . n 
A 1 77  ARG 77  76  76  ARG ARG A . n 
A 1 78  SER 78  77  77  SER SER A . n 
A 1 79  ILE 79  78  78  ILE ILE A . n 
A 1 80  THR 80  79  79  THR THR A . n 
A 1 81  ASP 81  80  80  ASP ASP A . n 
A 1 82  ALA 82  81  81  ALA ALA A . n 
A 1 83  LYS 83  82  82  LYS LYS A . n 
A 1 84  MET 84  83  83  MET MET A . n 
A 1 85  MET 85  84  84  MET MET A . n 
A 1 86  THR 86  85  85  THR THR A . n 
A 1 87  ARG 87  86  86  ARG ARG A . n 
A 1 88  PHE 88  87  87  PHE PHE A . n 
A 1 89  ILE 89  88  88  ILE ILE A . n 
A 1 90  TRP 90  89  89  TRP TRP A . n 
A 1 91  ASN 91  90  90  ASN ASN A . n 
A 1 92  SER 92  91  91  SER SER A . n 
A 1 93  TYR 93  92  92  TYR TYR A . n 
A 1 94  ILE 94  93  93  ILE ILE A . n 
A 1 95  SER 95  94  94  SER SER A . n 
A 1 96  TRP 96  95  95  TRP TRP A . n 
A 1 97  GLY 97  96  96  GLY GLY A . n 
A 1 98  LEU 98  97  97  LEU LEU A . n 
A 1 99  ASN 99  98  98  ASN ASN A . n 
A 1 100 HIS 100 99  99  HIS HIS A . n 
A 1 101 PRO 101 100 100 PRO PRO A . n 
A 1 102 ALA 102 101 101 ALA ALA A . n 
A 1 103 ARG 103 102 102 ARG ARG A . n 
A 1 104 HIS 104 103 103 HIS HIS A . n 
A 1 105 ARG 105 104 104 ARG ARG A . n 
A 1 106 ALA 106 105 105 ALA ALA A . n 
A 1 107 ILE 107 106 106 ILE ILE A . n 
A 1 108 ARG 108 107 107 ARG ARG A . n 
A 1 109 GLN 109 108 108 GLN GLN A . n 
A 1 110 LEU 110 109 109 LEU LEU A . n 
A 1 111 ALA 111 110 110 ALA ALA A . n 
A 1 112 VAL 112 111 111 VAL VAL A . n 
A 1 113 SER 113 112 112 SER SER A . n 
A 1 114 GLU 114 113 113 GLU GLU A . n 
A 1 115 LYS 115 114 114 LYS LYS A . n 
A 1 116 LEU 116 115 115 LEU LEU A . n 
A 1 117 THR 117 116 116 THR THR A . n 
A 1 118 LYS 118 117 117 LYS LYS A . n 
A 1 119 GLU 119 118 118 GLU GLU A . n 
A 1 120 THR 120 119 119 THR THR A . n 
A 1 121 GLU 121 120 120 GLU GLU A . n 
A 1 122 GLN 122 121 121 GLN GLN A . n 
A 1 123 ARG 123 122 122 ARG ARG A . n 
A 1 124 ALA 124 123 123 ALA ALA A . n 
A 1 125 ASP 125 124 124 ASP ASP A . n 
A 1 126 ASP 126 125 125 ASP ASP A . n 
A 1 127 MET 127 126 126 MET MET A . n 
A 1 128 PHE 128 127 127 PHE PHE A . n 
A 1 129 PRO 129 128 128 PRO PRO A . n 
A 1 130 GLU 130 129 129 GLU GLU A . n 
A 1 131 LEU 131 130 130 LEU LEU A . n 
A 1 132 ARG 132 131 131 ARG ARG A . n 
A 1 133 ASP 133 132 132 ASP ASP A . n 
A 1 134 LEU 134 133 133 LEU LEU A . n 
A 1 135 CYS 135 134 134 CYS CYS A . n 
A 1 136 HIS 136 135 135 HIS HIS A . n 
A 1 137 ARG 137 136 136 ARG ARG A . n 
A 1 138 SER 138 137 137 SER SER A . n 
A 1 139 VAL 139 138 138 VAL VAL A . n 
A 1 140 LEU 140 139 139 LEU LEU A . n 
A 1 141 MET 141 140 140 MET MET A . n 
A 1 142 VAL 142 141 141 VAL VAL A . n 
A 1 143 PHE 143 142 142 PHE PHE A . n 
A 1 144 MET 144 143 143 MET MET A . n 
A 1 145 SER 145 144 144 SER SER A . n 
A 1 146 ASP 146 145 145 ASP ASP A . n 
A 1 147 GLU 147 146 146 GLU GLU A . n 
A 1 148 TYR 148 147 147 TYR TYR A . n 
A 1 149 ARG 149 148 148 ARG ARG A . n 
A 1 150 ALA 150 149 149 ALA ALA A . n 
A 1 151 PHE 151 150 150 PHE PHE A . n 
A 1 152 GLY 152 151 151 GLY GLY A . n 
A 1 153 ASP 153 152 152 ASP ASP A . n 
A 1 154 GLY 154 153 153 GLY GLY A . n 
A 1 155 LEU 155 154 154 LEU LEU A . n 
A 1 156 PHE 156 155 155 PHE PHE A . n 
A 1 157 LEU 157 156 156 LEU LEU A . n 
A 1 158 ALA 158 157 157 ALA ALA A . n 
A 1 159 LEU 159 158 158 LEU LEU A . n 
A 1 160 ALA 160 159 159 ALA ALA A . n 
A 1 161 GLU 161 160 160 GLU GLU A . n 
A 1 162 THR 162 161 161 THR THR A . n 
A 1 163 THR 163 162 162 THR THR A . n 
A 1 164 MET 164 163 163 MET MET A . n 
A 1 165 ASP 165 164 164 ASP ASP A . n 
A 1 166 PHE 166 165 165 PHE PHE A . n 
A 1 167 ALA 167 166 166 ALA ALA A . n 
A 1 168 ALA 168 167 167 ALA ALA A . n 
A 1 169 ARG 169 168 168 ARG ARG A . n 
A 1 170 ASP 170 169 169 ASP ASP A . n 
A 1 171 PRO 171 170 170 PRO PRO A . n 
A 1 172 ALA 172 171 171 ALA ALA A . n 
A 1 173 ARG 173 172 172 ARG ARG A . n 
A 1 174 ALA 174 173 173 ALA ALA A . n 
A 1 175 GLY 175 174 174 GLY GLY A . n 
A 1 176 GLU 176 175 175 GLU GLU A . n 
A 1 177 TYR 177 176 176 TYR TYR A . n 
A 1 178 ILE 178 177 177 ILE ILE A . n 
A 1 179 ALA 179 178 178 ALA ALA A . n 
A 1 180 LEU 180 179 179 LEU LEU A . n 
A 1 181 GLY 181 180 180 GLY GLY A . n 
A 1 182 PHE 182 181 181 PHE PHE A . n 
A 1 183 GLU 183 182 182 GLU GLU A . n 
A 1 184 ALA 184 183 183 ALA ALA A . n 
A 1 185 MET 185 184 184 MET MET A . n 
A 1 186 TRP 186 185 185 TRP TRP A . n 
A 1 187 ARG 187 186 186 ARG ARG A . n 
A 1 188 ALA 188 187 187 ALA ALA A . n 
A 1 189 LEU 189 188 188 LEU LEU A . n 
A 1 190 THR 190 189 189 THR THR A . n 
A 1 191 ARG 191 190 190 ARG ARG A . n 
A 1 192 GLU 192 191 191 GLU GLU A . n 
A 1 193 GLU 193 192 ?   ?   ?   A . n 
A 1 194 GLN 194 193 ?   ?   ?   A . n 
# 
loop_
_pdbx_nonpoly_scheme.asym_id 
_pdbx_nonpoly_scheme.entity_id 
_pdbx_nonpoly_scheme.mon_id 
_pdbx_nonpoly_scheme.ndb_seq_num 
_pdbx_nonpoly_scheme.pdb_seq_num 
_pdbx_nonpoly_scheme.auth_seq_num 
_pdbx_nonpoly_scheme.pdb_mon_id 
_pdbx_nonpoly_scheme.auth_mon_id 
_pdbx_nonpoly_scheme.pdb_strand_id 
_pdbx_nonpoly_scheme.pdb_ins_code 
B 2 SO4 1  200 200 SO4 SO4 A . 
C 3 CHD 1  201 201 CHD CHD A . 
D 4 HOH 1  301 218 HOH HOH A . 
D 4 HOH 2  302 210 HOH HOH A . 
D 4 HOH 3  303 216 HOH HOH A . 
D 4 HOH 4  304 204 HOH HOH A . 
D 4 HOH 5  305 202 HOH HOH A . 
D 4 HOH 6  306 217 HOH HOH A . 
D 4 HOH 7  307 209 HOH HOH A . 
D 4 HOH 8  308 224 HOH HOH A . 
D 4 HOH 9  309 208 HOH HOH A . 
D 4 HOH 10 310 223 HOH HOH A . 
D 4 HOH 11 311 220 HOH HOH A . 
D 4 HOH 12 312 214 HOH HOH A . 
D 4 HOH 13 313 207 HOH HOH A . 
D 4 HOH 14 314 213 HOH HOH A . 
D 4 HOH 15 315 221 HOH HOH A . 
D 4 HOH 16 316 222 HOH HOH A . 
D 4 HOH 17 317 212 HOH HOH A . 
D 4 HOH 18 318 215 HOH HOH A . 
D 4 HOH 19 319 206 HOH HOH A . 
D 4 HOH 20 320 203 HOH HOH A . 
D 4 HOH 21 321 211 HOH HOH A . 
D 4 HOH 22 322 219 HOH HOH A . 
D 4 HOH 23 323 205 HOH HOH A . 
# 
_pdbx_struct_assembly.id                   1 
_pdbx_struct_assembly.details              author_and_software_defined_assembly 
_pdbx_struct_assembly.method_details       PISA 
_pdbx_struct_assembly.oligomeric_details   dimeric 
_pdbx_struct_assembly.oligomeric_count     2 
# 
_pdbx_struct_assembly_gen.assembly_id       1 
_pdbx_struct_assembly_gen.oper_expression   1,2 
_pdbx_struct_assembly_gen.asym_id_list      A,B,C,D 
# 
loop_
_pdbx_struct_assembly_prop.biol_id 
_pdbx_struct_assembly_prop.type 
_pdbx_struct_assembly_prop.value 
_pdbx_struct_assembly_prop.details 
1 'ABSA (A^2)' 4510  ? 
1 MORE         -43   ? 
1 'SSA (A^2)'  18150 ? 
# 
loop_
_pdbx_struct_oper_list.id 
_pdbx_struct_oper_list.type 
_pdbx_struct_oper_list.name 
_pdbx_struct_oper_list.symmetry_operation 
_pdbx_struct_oper_list.matrix[1][1] 
_pdbx_struct_oper_list.matrix[1][2] 
_pdbx_struct_oper_list.matrix[1][3] 
_pdbx_struct_oper_list.vector[1] 
_pdbx_struct_oper_list.matrix[2][1] 
_pdbx_struct_oper_list.matrix[2][2] 
_pdbx_struct_oper_list.matrix[2][3] 
_pdbx_struct_oper_list.vector[2] 
_pdbx_struct_oper_list.matrix[3][1] 
_pdbx_struct_oper_list.matrix[3][2] 
_pdbx_struct_oper_list.matrix[3][3] 
_pdbx_struct_oper_list.vector[3] 
1 'identity operation'         1_555 x,y,z     1.0000000000  0.0000000000 0.0000000000  0.0000000000  0.0000000000 1.0000000000  0.0000000000  0.0000000000  0.0000000000  0.0000000000  1.0000000000  0.0000000000  
2 'crystal symmetry operation' 2_556 -x,y,-z+1 -0.0116437197 0.7213820431 -0.6924394354 16.0959531225 0.7213820431 -0.4734772647 -0.5053980883 -0.2284186237 -0.6924394354 -0.5053980883 -0.5148790156 22.7366589178 
# 
loop_
_pdbx_audit_revision_history.ordinal 
_pdbx_audit_revision_history.data_content_type 
_pdbx_audit_revision_history.major_revision 
_pdbx_audit_revision_history.minor_revision 
_pdbx_audit_revision_history.revision_date 
1 'Structure model' 1 0 2019-02-13 
2 'Structure model' 1 1 2023-11-22 
# 
_pdbx_audit_revision_details.ordinal             1 
_pdbx_audit_revision_details.revision_ordinal    1 
_pdbx_audit_revision_details.data_content_type   'Structure model' 
_pdbx_audit_revision_details.provider            repository 
_pdbx_audit_revision_details.type                'Initial release' 
_pdbx_audit_revision_details.description         ? 
_pdbx_audit_revision_details.details             ? 
# 
loop_
_pdbx_audit_revision_group.ordinal 
_pdbx_audit_revision_group.revision_ordinal 
_pdbx_audit_revision_group.data_content_type 
_pdbx_audit_revision_group.group 
1 2 'Structure model' 'Data collection'        
2 2 'Structure model' 'Database references'    
3 2 'Structure model' 'Refinement description' 
# 
loop_
_pdbx_audit_revision_category.ordinal 
_pdbx_audit_revision_category.revision_ordinal 
_pdbx_audit_revision_category.data_content_type 
_pdbx_audit_revision_category.category 
1 2 'Structure model' chem_comp_atom                
2 2 'Structure model' chem_comp_bond                
3 2 'Structure model' database_2                    
4 2 'Structure model' pdbx_initial_refinement_model 
# 
loop_
_pdbx_audit_revision_item.ordinal 
_pdbx_audit_revision_item.revision_ordinal 
_pdbx_audit_revision_item.data_content_type 
_pdbx_audit_revision_item.item 
1 2 'Structure model' '_database_2.pdbx_DOI'                
2 2 'Structure model' '_database_2.pdbx_database_accession' 
# 
_pdbx_phasing_MR.entry_id                     6IE8 
_pdbx_phasing_MR.method_rotation              ? 
_pdbx_phasing_MR.method_translation           ? 
_pdbx_phasing_MR.model_details                ? 
_pdbx_phasing_MR.R_factor                     ? 
_pdbx_phasing_MR.R_rigid_body                 ? 
_pdbx_phasing_MR.correlation_coeff_Fo_to_Fc   ? 
_pdbx_phasing_MR.correlation_coeff_Io_to_Ic   ? 
_pdbx_phasing_MR.d_res_high_rotation          2.180 
_pdbx_phasing_MR.d_res_low_rotation           43.870 
_pdbx_phasing_MR.d_res_high_translation       2.180 
_pdbx_phasing_MR.d_res_low_translation        43.870 
_pdbx_phasing_MR.packing                      ? 
_pdbx_phasing_MR.reflns_percent_rotation      ? 
_pdbx_phasing_MR.reflns_percent_translation   ? 
_pdbx_phasing_MR.sigma_F_rotation             ? 
_pdbx_phasing_MR.sigma_F_translation          ? 
_pdbx_phasing_MR.sigma_I_rotation             ? 
_pdbx_phasing_MR.sigma_I_translation          ? 
# 
_phasing.method   MR 
# 
loop_
_software.citation_id 
_software.classification 
_software.compiler_name 
_software.compiler_version 
_software.contact_author 
_software.contact_author_email 
_software.date 
_software.description 
_software.dependencies 
_software.hardware 
_software.language 
_software.location 
_software.mods 
_software.name 
_software.os 
_software.os_version 
_software.type 
_software.version 
_software.pdbx_ordinal 
? 'data reduction'  ? ? ? ? ? ? ? ? ? ? ? HKL-2000    ? ? ? .        1 
? 'data scaling'    ? ? ? ? ? ? ? ? ? ? ? HKL-2000    ? ? ? .        2 
? phasing           ? ? ? ? ? ? ? ? ? ? ? MOLREP      ? ? ? 10.2.35  3 
? refinement        ? ? ? ? ? ? ? ? ? ? ? REFMAC      ? ? ? 5.7.0029 4 
? 'data extraction' ? ? ? ? ? ? ? ? ? ? ? PDB_EXTRACT ? ? ? 3.15     5 
# 
_pdbx_validate_close_contact.id               1 
_pdbx_validate_close_contact.PDB_model_num    1 
_pdbx_validate_close_contact.auth_atom_id_1   NH2 
_pdbx_validate_close_contact.auth_asym_id_1   A 
_pdbx_validate_close_contact.auth_comp_id_1   ARG 
_pdbx_validate_close_contact.auth_seq_id_1    86 
_pdbx_validate_close_contact.PDB_ins_code_1   ? 
_pdbx_validate_close_contact.label_alt_id_1   ? 
_pdbx_validate_close_contact.auth_atom_id_2   O 
_pdbx_validate_close_contact.auth_asym_id_2   A 
_pdbx_validate_close_contact.auth_comp_id_2   HOH 
_pdbx_validate_close_contact.auth_seq_id_2    301 
_pdbx_validate_close_contact.PDB_ins_code_2   ? 
_pdbx_validate_close_contact.label_alt_id_2   ? 
_pdbx_validate_close_contact.dist             2.14 
# 
loop_
_pdbx_validate_torsion.id 
_pdbx_validate_torsion.PDB_model_num 
_pdbx_validate_torsion.auth_comp_id 
_pdbx_validate_torsion.auth_asym_id 
_pdbx_validate_torsion.auth_seq_id 
_pdbx_validate_torsion.PDB_ins_code 
_pdbx_validate_torsion.label_alt_id 
_pdbx_validate_torsion.phi 
_pdbx_validate_torsion.psi 
1 1 ALA A 28  ? ? -35.28  137.90  
2 1 ASP A 132 ? ? -143.24 52.31   
3 1 HIS A 135 ? ? 58.11   -81.30  
4 1 ARG A 136 ? ? 177.51  152.54  
5 1 SER A 137 ? ? 45.29   -117.20 
6 1 VAL A 138 ? ? 64.27   -40.74  
# 
_pdbx_validate_peptide_omega.id               1 
_pdbx_validate_peptide_omega.PDB_model_num    1 
_pdbx_validate_peptide_omega.auth_comp_id_1   ASP 
_pdbx_validate_peptide_omega.auth_asym_id_1   A 
_pdbx_validate_peptide_omega.auth_seq_id_1    132 
_pdbx_validate_peptide_omega.PDB_ins_code_1   ? 
_pdbx_validate_peptide_omega.label_alt_id_1   ? 
_pdbx_validate_peptide_omega.auth_comp_id_2   LEU 
_pdbx_validate_peptide_omega.auth_asym_id_2   A 
_pdbx_validate_peptide_omega.auth_seq_id_2    133 
_pdbx_validate_peptide_omega.PDB_ins_code_2   ? 
_pdbx_validate_peptide_omega.label_alt_id_2   ? 
_pdbx_validate_peptide_omega.omega            145.22 
# 
loop_
_pdbx_unobs_or_zero_occ_residues.id 
_pdbx_unobs_or_zero_occ_residues.PDB_model_num 
_pdbx_unobs_or_zero_occ_residues.polymer_flag 
_pdbx_unobs_or_zero_occ_residues.occupancy_flag 
_pdbx_unobs_or_zero_occ_residues.auth_asym_id 
_pdbx_unobs_or_zero_occ_residues.auth_comp_id 
_pdbx_unobs_or_zero_occ_residues.auth_seq_id 
_pdbx_unobs_or_zero_occ_residues.PDB_ins_code 
_pdbx_unobs_or_zero_occ_residues.label_asym_id 
_pdbx_unobs_or_zero_occ_residues.label_comp_id 
_pdbx_unobs_or_zero_occ_residues.label_seq_id 
1  1 Y 1 A MET 0   ? A MET 1   
2  1 Y 1 A VAL 1   ? A VAL 2   
3  1 Y 1 A ALA 2   ? A ALA 3   
4  1 Y 1 A ARG 3   ? A ARG 4   
5  1 Y 1 A PRO 4   ? A PRO 5   
6  1 Y 1 A LYS 5   ? A LYS 6   
7  1 Y 1 A SER 6   ? A SER 7   
8  1 Y 1 A GLU 7   ? A GLU 8   
9  1 Y 1 A GLU 192 ? A GLU 193 
10 1 Y 1 A GLN 193 ? A GLN 194 
# 
loop_
_chem_comp_atom.comp_id 
_chem_comp_atom.atom_id 
_chem_comp_atom.type_symbol 
_chem_comp_atom.pdbx_aromatic_flag 
_chem_comp_atom.pdbx_stereo_config 
_chem_comp_atom.pdbx_ordinal 
ALA N    N N N 1   
ALA CA   C N S 2   
ALA C    C N N 3   
ALA O    O N N 4   
ALA CB   C N N 5   
ALA OXT  O N N 6   
ALA H    H N N 7   
ALA H2   H N N 8   
ALA HA   H N N 9   
ALA HB1  H N N 10  
ALA HB2  H N N 11  
ALA HB3  H N N 12  
ALA HXT  H N N 13  
ARG N    N N N 14  
ARG CA   C N S 15  
ARG C    C N N 16  
ARG O    O N N 17  
ARG CB   C N N 18  
ARG CG   C N N 19  
ARG CD   C N N 20  
ARG NE   N N N 21  
ARG CZ   C N N 22  
ARG NH1  N N N 23  
ARG NH2  N N N 24  
ARG OXT  O N N 25  
ARG H    H N N 26  
ARG H2   H N N 27  
ARG HA   H N N 28  
ARG HB2  H N N 29  
ARG HB3  H N N 30  
ARG HG2  H N N 31  
ARG HG3  H N N 32  
ARG HD2  H N N 33  
ARG HD3  H N N 34  
ARG HE   H N N 35  
ARG HH11 H N N 36  
ARG HH12 H N N 37  
ARG HH21 H N N 38  
ARG HH22 H N N 39  
ARG HXT  H N N 40  
ASN N    N N N 41  
ASN CA   C N S 42  
ASN C    C N N 43  
ASN O    O N N 44  
ASN CB   C N N 45  
ASN CG   C N N 46  
ASN OD1  O N N 47  
ASN ND2  N N N 48  
ASN OXT  O N N 49  
ASN H    H N N 50  
ASN H2   H N N 51  
ASN HA   H N N 52  
ASN HB2  H N N 53  
ASN HB3  H N N 54  
ASN HD21 H N N 55  
ASN HD22 H N N 56  
ASN HXT  H N N 57  
ASP N    N N N 58  
ASP CA   C N S 59  
ASP C    C N N 60  
ASP O    O N N 61  
ASP CB   C N N 62  
ASP CG   C N N 63  
ASP OD1  O N N 64  
ASP OD2  O N N 65  
ASP OXT  O N N 66  
ASP H    H N N 67  
ASP H2   H N N 68  
ASP HA   H N N 69  
ASP HB2  H N N 70  
ASP HB3  H N N 71  
ASP HD2  H N N 72  
ASP HXT  H N N 73  
CHD C1   C N N 74  
CHD C2   C N N 75  
CHD C3   C N R 76  
CHD O3   O N N 77  
CHD C4   C N N 78  
CHD C5   C N S 79  
CHD C6   C N N 80  
CHD C7   C N R 81  
CHD O7   O N N 82  
CHD C8   C N R 83  
CHD C9   C N S 84  
CHD C10  C N S 85  
CHD C11  C N N 86  
CHD C12  C N S 87  
CHD O12  O N N 88  
CHD C13  C N R 89  
CHD C14  C N S 90  
CHD C15  C N N 91  
CHD C16  C N N 92  
CHD C17  C N R 93  
CHD C18  C N N 94  
CHD C19  C N N 95  
CHD C20  C N R 96  
CHD C21  C N N 97  
CHD C22  C N N 98  
CHD C23  C N N 99  
CHD O25  O N N 100 
CHD C24  C N N 101 
CHD O26  O N N 102 
CHD H11  H N N 103 
CHD H12A H N N 104 
CHD H21  H N N 105 
CHD H22  H N N 106 
CHD H3   H N N 107 
CHD HO3  H N N 108 
CHD H41  H N N 109 
CHD H42  H N N 110 
CHD H5   H N N 111 
CHD H61  H N N 112 
CHD H62  H N N 113 
CHD H7   H N N 114 
CHD HO7  H N N 115 
CHD H8   H N N 116 
CHD H9   H N N 117 
CHD H111 H N N 118 
CHD H112 H N N 119 
CHD H12  H N N 120 
CHD HO12 H N N 121 
CHD H14  H N N 122 
CHD H151 H N N 123 
CHD H152 H N N 124 
CHD H161 H N N 125 
CHD H162 H N N 126 
CHD H17  H N N 127 
CHD H181 H N N 128 
CHD H182 H N N 129 
CHD H183 H N N 130 
CHD H191 H N N 131 
CHD H192 H N N 132 
CHD H193 H N N 133 
CHD H20  H N N 134 
CHD H211 H N N 135 
CHD H212 H N N 136 
CHD H213 H N N 137 
CHD H221 H N N 138 
CHD H222 H N N 139 
CHD H231 H N N 140 
CHD H232 H N N 141 
CHD H26  H N N 142 
CYS N    N N N 143 
CYS CA   C N R 144 
CYS C    C N N 145 
CYS O    O N N 146 
CYS CB   C N N 147 
CYS SG   S N N 148 
CYS OXT  O N N 149 
CYS H    H N N 150 
CYS H2   H N N 151 
CYS HA   H N N 152 
CYS HB2  H N N 153 
CYS HB3  H N N 154 
CYS HG   H N N 155 
CYS HXT  H N N 156 
GLN N    N N N 157 
GLN CA   C N S 158 
GLN C    C N N 159 
GLN O    O N N 160 
GLN CB   C N N 161 
GLN CG   C N N 162 
GLN CD   C N N 163 
GLN OE1  O N N 164 
GLN NE2  N N N 165 
GLN OXT  O N N 166 
GLN H    H N N 167 
GLN H2   H N N 168 
GLN HA   H N N 169 
GLN HB2  H N N 170 
GLN HB3  H N N 171 
GLN HG2  H N N 172 
GLN HG3  H N N 173 
GLN HE21 H N N 174 
GLN HE22 H N N 175 
GLN HXT  H N N 176 
GLU N    N N N 177 
GLU CA   C N S 178 
GLU C    C N N 179 
GLU O    O N N 180 
GLU CB   C N N 181 
GLU CG   C N N 182 
GLU CD   C N N 183 
GLU OE1  O N N 184 
GLU OE2  O N N 185 
GLU OXT  O N N 186 
GLU H    H N N 187 
GLU H2   H N N 188 
GLU HA   H N N 189 
GLU HB2  H N N 190 
GLU HB3  H N N 191 
GLU HG2  H N N 192 
GLU HG3  H N N 193 
GLU HE2  H N N 194 
GLU HXT  H N N 195 
GLY N    N N N 196 
GLY CA   C N N 197 
GLY C    C N N 198 
GLY O    O N N 199 
GLY OXT  O N N 200 
GLY H    H N N 201 
GLY H2   H N N 202 
GLY HA2  H N N 203 
GLY HA3  H N N 204 
GLY HXT  H N N 205 
HIS N    N N N 206 
HIS CA   C N S 207 
HIS C    C N N 208 
HIS O    O N N 209 
HIS CB   C N N 210 
HIS CG   C Y N 211 
HIS ND1  N Y N 212 
HIS CD2  C Y N 213 
HIS CE1  C Y N 214 
HIS NE2  N Y N 215 
HIS OXT  O N N 216 
HIS H    H N N 217 
HIS H2   H N N 218 
HIS HA   H N N 219 
HIS HB2  H N N 220 
HIS HB3  H N N 221 
HIS HD1  H N N 222 
HIS HD2  H N N 223 
HIS HE1  H N N 224 
HIS HE2  H N N 225 
HIS HXT  H N N 226 
HOH O    O N N 227 
HOH H1   H N N 228 
HOH H2   H N N 229 
ILE N    N N N 230 
ILE CA   C N S 231 
ILE C    C N N 232 
ILE O    O N N 233 
ILE CB   C N S 234 
ILE CG1  C N N 235 
ILE CG2  C N N 236 
ILE CD1  C N N 237 
ILE OXT  O N N 238 
ILE H    H N N 239 
ILE H2   H N N 240 
ILE HA   H N N 241 
ILE HB   H N N 242 
ILE HG12 H N N 243 
ILE HG13 H N N 244 
ILE HG21 H N N 245 
ILE HG22 H N N 246 
ILE HG23 H N N 247 
ILE HD11 H N N 248 
ILE HD12 H N N 249 
ILE HD13 H N N 250 
ILE HXT  H N N 251 
LEU N    N N N 252 
LEU CA   C N S 253 
LEU C    C N N 254 
LEU O    O N N 255 
LEU CB   C N N 256 
LEU CG   C N N 257 
LEU CD1  C N N 258 
LEU CD2  C N N 259 
LEU OXT  O N N 260 
LEU H    H N N 261 
LEU H2   H N N 262 
LEU HA   H N N 263 
LEU HB2  H N N 264 
LEU HB3  H N N 265 
LEU HG   H N N 266 
LEU HD11 H N N 267 
LEU HD12 H N N 268 
LEU HD13 H N N 269 
LEU HD21 H N N 270 
LEU HD22 H N N 271 
LEU HD23 H N N 272 
LEU HXT  H N N 273 
LYS N    N N N 274 
LYS CA   C N S 275 
LYS C    C N N 276 
LYS O    O N N 277 
LYS CB   C N N 278 
LYS CG   C N N 279 
LYS CD   C N N 280 
LYS CE   C N N 281 
LYS NZ   N N N 282 
LYS OXT  O N N 283 
LYS H    H N N 284 
LYS H2   H N N 285 
LYS HA   H N N 286 
LYS HB2  H N N 287 
LYS HB3  H N N 288 
LYS HG2  H N N 289 
LYS HG3  H N N 290 
LYS HD2  H N N 291 
LYS HD3  H N N 292 
LYS HE2  H N N 293 
LYS HE3  H N N 294 
LYS HZ1  H N N 295 
LYS HZ2  H N N 296 
LYS HZ3  H N N 297 
LYS HXT  H N N 298 
MET N    N N N 299 
MET CA   C N S 300 
MET C    C N N 301 
MET O    O N N 302 
MET CB   C N N 303 
MET CG   C N N 304 
MET SD   S N N 305 
MET CE   C N N 306 
MET OXT  O N N 307 
MET H    H N N 308 
MET H2   H N N 309 
MET HA   H N N 310 
MET HB2  H N N 311 
MET HB3  H N N 312 
MET HG2  H N N 313 
MET HG3  H N N 314 
MET HE1  H N N 315 
MET HE2  H N N 316 
MET HE3  H N N 317 
MET HXT  H N N 318 
PHE N    N N N 319 
PHE CA   C N S 320 
PHE C    C N N 321 
PHE O    O N N 322 
PHE CB   C N N 323 
PHE CG   C Y N 324 
PHE CD1  C Y N 325 
PHE CD2  C Y N 326 
PHE CE1  C Y N 327 
PHE CE2  C Y N 328 
PHE CZ   C Y N 329 
PHE OXT  O N N 330 
PHE H    H N N 331 
PHE H2   H N N 332 
PHE HA   H N N 333 
PHE HB2  H N N 334 
PHE HB3  H N N 335 
PHE HD1  H N N 336 
PHE HD2  H N N 337 
PHE HE1  H N N 338 
PHE HE2  H N N 339 
PHE HZ   H N N 340 
PHE HXT  H N N 341 
PRO N    N N N 342 
PRO CA   C N S 343 
PRO C    C N N 344 
PRO O    O N N 345 
PRO CB   C N N 346 
PRO CG   C N N 347 
PRO CD   C N N 348 
PRO OXT  O N N 349 
PRO H    H N N 350 
PRO HA   H N N 351 
PRO HB2  H N N 352 
PRO HB3  H N N 353 
PRO HG2  H N N 354 
PRO HG3  H N N 355 
PRO HD2  H N N 356 
PRO HD3  H N N 357 
PRO HXT  H N N 358 
SER N    N N N 359 
SER CA   C N S 360 
SER C    C N N 361 
SER O    O N N 362 
SER CB   C N N 363 
SER OG   O N N 364 
SER OXT  O N N 365 
SER H    H N N 366 
SER H2   H N N 367 
SER HA   H N N 368 
SER HB2  H N N 369 
SER HB3  H N N 370 
SER HG   H N N 371 
SER HXT  H N N 372 
SO4 S    S N N 373 
SO4 O1   O N N 374 
SO4 O2   O N N 375 
SO4 O3   O N N 376 
SO4 O4   O N N 377 
THR N    N N N 378 
THR CA   C N S 379 
THR C    C N N 380 
THR O    O N N 381 
THR CB   C N R 382 
THR OG1  O N N 383 
THR CG2  C N N 384 
THR OXT  O N N 385 
THR H    H N N 386 
THR H2   H N N 387 
THR HA   H N N 388 
THR HB   H N N 389 
THR HG1  H N N 390 
THR HG21 H N N 391 
THR HG22 H N N 392 
THR HG23 H N N 393 
THR HXT  H N N 394 
TRP N    N N N 395 
TRP CA   C N S 396 
TRP C    C N N 397 
TRP O    O N N 398 
TRP CB   C N N 399 
TRP CG   C Y N 400 
TRP CD1  C Y N 401 
TRP CD2  C Y N 402 
TRP NE1  N Y N 403 
TRP CE2  C Y N 404 
TRP CE3  C Y N 405 
TRP CZ2  C Y N 406 
TRP CZ3  C Y N 407 
TRP CH2  C Y N 408 
TRP OXT  O N N 409 
TRP H    H N N 410 
TRP H2   H N N 411 
TRP HA   H N N 412 
TRP HB2  H N N 413 
TRP HB3  H N N 414 
TRP HD1  H N N 415 
TRP HE1  H N N 416 
TRP HE3  H N N 417 
TRP HZ2  H N N 418 
TRP HZ3  H N N 419 
TRP HH2  H N N 420 
TRP HXT  H N N 421 
TYR N    N N N 422 
TYR CA   C N S 423 
TYR C    C N N 424 
TYR O    O N N 425 
TYR CB   C N N 426 
TYR CG   C Y N 427 
TYR CD1  C Y N 428 
TYR CD2  C Y N 429 
TYR CE1  C Y N 430 
TYR CE2  C Y N 431 
TYR CZ   C Y N 432 
TYR OH   O N N 433 
TYR OXT  O N N 434 
TYR H    H N N 435 
TYR H2   H N N 436 
TYR HA   H N N 437 
TYR HB2  H N N 438 
TYR HB3  H N N 439 
TYR HD1  H N N 440 
TYR HD2  H N N 441 
TYR HE1  H N N 442 
TYR HE2  H N N 443 
TYR HH   H N N 444 
TYR HXT  H N N 445 
VAL N    N N N 446 
VAL CA   C N S 447 
VAL C    C N N 448 
VAL O    O N N 449 
VAL CB   C N N 450 
VAL CG1  C N N 451 
VAL CG2  C N N 452 
VAL OXT  O N N 453 
VAL H    H N N 454 
VAL H2   H N N 455 
VAL HA   H N N 456 
VAL HB   H N N 457 
VAL HG11 H N N 458 
VAL HG12 H N N 459 
VAL HG13 H N N 460 
VAL HG21 H N N 461 
VAL HG22 H N N 462 
VAL HG23 H N N 463 
VAL HXT  H N N 464 
# 
loop_
_chem_comp_bond.comp_id 
_chem_comp_bond.atom_id_1 
_chem_comp_bond.atom_id_2 
_chem_comp_bond.value_order 
_chem_comp_bond.pdbx_aromatic_flag 
_chem_comp_bond.pdbx_stereo_config 
_chem_comp_bond.pdbx_ordinal 
ALA N   CA   sing N N 1   
ALA N   H    sing N N 2   
ALA N   H2   sing N N 3   
ALA CA  C    sing N N 4   
ALA CA  CB   sing N N 5   
ALA CA  HA   sing N N 6   
ALA C   O    doub N N 7   
ALA C   OXT  sing N N 8   
ALA CB  HB1  sing N N 9   
ALA CB  HB2  sing N N 10  
ALA CB  HB3  sing N N 11  
ALA OXT HXT  sing N N 12  
ARG N   CA   sing N N 13  
ARG N   H    sing N N 14  
ARG N   H2   sing N N 15  
ARG CA  C    sing N N 16  
ARG CA  CB   sing N N 17  
ARG CA  HA   sing N N 18  
ARG C   O    doub N N 19  
ARG C   OXT  sing N N 20  
ARG CB  CG   sing N N 21  
ARG CB  HB2  sing N N 22  
ARG CB  HB3  sing N N 23  
ARG CG  CD   sing N N 24  
ARG CG  HG2  sing N N 25  
ARG CG  HG3  sing N N 26  
ARG CD  NE   sing N N 27  
ARG CD  HD2  sing N N 28  
ARG CD  HD3  sing N N 29  
ARG NE  CZ   sing N N 30  
ARG NE  HE   sing N N 31  
ARG CZ  NH1  sing N N 32  
ARG CZ  NH2  doub N N 33  
ARG NH1 HH11 sing N N 34  
ARG NH1 HH12 sing N N 35  
ARG NH2 HH21 sing N N 36  
ARG NH2 HH22 sing N N 37  
ARG OXT HXT  sing N N 38  
ASN N   CA   sing N N 39  
ASN N   H    sing N N 40  
ASN N   H2   sing N N 41  
ASN CA  C    sing N N 42  
ASN CA  CB   sing N N 43  
ASN CA  HA   sing N N 44  
ASN C   O    doub N N 45  
ASN C   OXT  sing N N 46  
ASN CB  CG   sing N N 47  
ASN CB  HB2  sing N N 48  
ASN CB  HB3  sing N N 49  
ASN CG  OD1  doub N N 50  
ASN CG  ND2  sing N N 51  
ASN ND2 HD21 sing N N 52  
ASN ND2 HD22 sing N N 53  
ASN OXT HXT  sing N N 54  
ASP N   CA   sing N N 55  
ASP N   H    sing N N 56  
ASP N   H2   sing N N 57  
ASP CA  C    sing N N 58  
ASP CA  CB   sing N N 59  
ASP CA  HA   sing N N 60  
ASP C   O    doub N N 61  
ASP C   OXT  sing N N 62  
ASP CB  CG   sing N N 63  
ASP CB  HB2  sing N N 64  
ASP CB  HB3  sing N N 65  
ASP CG  OD1  doub N N 66  
ASP CG  OD2  sing N N 67  
ASP OD2 HD2  sing N N 68  
ASP OXT HXT  sing N N 69  
CHD C1  C2   sing N N 70  
CHD C1  C10  sing N N 71  
CHD C1  H11  sing N N 72  
CHD C1  H12A sing N N 73  
CHD C2  C3   sing N N 74  
CHD C2  H21  sing N N 75  
CHD C2  H22  sing N N 76  
CHD C3  O3   sing N N 77  
CHD C3  C4   sing N N 78  
CHD C3  H3   sing N N 79  
CHD O3  HO3  sing N N 80  
CHD C4  C5   sing N N 81  
CHD C4  H41  sing N N 82  
CHD C4  H42  sing N N 83  
CHD C5  C6   sing N N 84  
CHD C5  C10  sing N N 85  
CHD C5  H5   sing N N 86  
CHD C6  C7   sing N N 87  
CHD C6  H61  sing N N 88  
CHD C6  H62  sing N N 89  
CHD C7  O7   sing N N 90  
CHD C7  C8   sing N N 91  
CHD C7  H7   sing N N 92  
CHD O7  HO7  sing N N 93  
CHD C8  C9   sing N N 94  
CHD C8  C14  sing N N 95  
CHD C8  H8   sing N N 96  
CHD C9  C10  sing N N 97  
CHD C9  C11  sing N N 98  
CHD C9  H9   sing N N 99  
CHD C10 C19  sing N N 100 
CHD C11 C12  sing N N 101 
CHD C11 H111 sing N N 102 
CHD C11 H112 sing N N 103 
CHD C12 O12  sing N N 104 
CHD C12 C13  sing N N 105 
CHD C12 H12  sing N N 106 
CHD O12 HO12 sing N N 107 
CHD C13 C14  sing N N 108 
CHD C13 C17  sing N N 109 
CHD C13 C18  sing N N 110 
CHD C14 C15  sing N N 111 
CHD C14 H14  sing N N 112 
CHD C15 C16  sing N N 113 
CHD C15 H151 sing N N 114 
CHD C15 H152 sing N N 115 
CHD C16 C17  sing N N 116 
CHD C16 H161 sing N N 117 
CHD C16 H162 sing N N 118 
CHD C17 C20  sing N N 119 
CHD C17 H17  sing N N 120 
CHD C18 H181 sing N N 121 
CHD C18 H182 sing N N 122 
CHD C18 H183 sing N N 123 
CHD C19 H191 sing N N 124 
CHD C19 H192 sing N N 125 
CHD C19 H193 sing N N 126 
CHD C20 C21  sing N N 127 
CHD C20 C22  sing N N 128 
CHD C20 H20  sing N N 129 
CHD C21 H211 sing N N 130 
CHD C21 H212 sing N N 131 
CHD C21 H213 sing N N 132 
CHD C22 C23  sing N N 133 
CHD C22 H221 sing N N 134 
CHD C22 H222 sing N N 135 
CHD C23 C24  sing N N 136 
CHD C23 H231 sing N N 137 
CHD C23 H232 sing N N 138 
CHD O25 C24  doub N N 139 
CHD C24 O26  sing N N 140 
CHD O26 H26  sing N N 141 
CYS N   CA   sing N N 142 
CYS N   H    sing N N 143 
CYS N   H2   sing N N 144 
CYS CA  C    sing N N 145 
CYS CA  CB   sing N N 146 
CYS CA  HA   sing N N 147 
CYS C   O    doub N N 148 
CYS C   OXT  sing N N 149 
CYS CB  SG   sing N N 150 
CYS CB  HB2  sing N N 151 
CYS CB  HB3  sing N N 152 
CYS SG  HG   sing N N 153 
CYS OXT HXT  sing N N 154 
GLN N   CA   sing N N 155 
GLN N   H    sing N N 156 
GLN N   H2   sing N N 157 
GLN CA  C    sing N N 158 
GLN CA  CB   sing N N 159 
GLN CA  HA   sing N N 160 
GLN C   O    doub N N 161 
GLN C   OXT  sing N N 162 
GLN CB  CG   sing N N 163 
GLN CB  HB2  sing N N 164 
GLN CB  HB3  sing N N 165 
GLN CG  CD   sing N N 166 
GLN CG  HG2  sing N N 167 
GLN CG  HG3  sing N N 168 
GLN CD  OE1  doub N N 169 
GLN CD  NE2  sing N N 170 
GLN NE2 HE21 sing N N 171 
GLN NE2 HE22 sing N N 172 
GLN OXT HXT  sing N N 173 
GLU N   CA   sing N N 174 
GLU N   H    sing N N 175 
GLU N   H2   sing N N 176 
GLU CA  C    sing N N 177 
GLU CA  CB   sing N N 178 
GLU CA  HA   sing N N 179 
GLU C   O    doub N N 180 
GLU C   OXT  sing N N 181 
GLU CB  CG   sing N N 182 
GLU CB  HB2  sing N N 183 
GLU CB  HB3  sing N N 184 
GLU CG  CD   sing N N 185 
GLU CG  HG2  sing N N 186 
GLU CG  HG3  sing N N 187 
GLU CD  OE1  doub N N 188 
GLU CD  OE2  sing N N 189 
GLU OE2 HE2  sing N N 190 
GLU OXT HXT  sing N N 191 
GLY N   CA   sing N N 192 
GLY N   H    sing N N 193 
GLY N   H2   sing N N 194 
GLY CA  C    sing N N 195 
GLY CA  HA2  sing N N 196 
GLY CA  HA3  sing N N 197 
GLY C   O    doub N N 198 
GLY C   OXT  sing N N 199 
GLY OXT HXT  sing N N 200 
HIS N   CA   sing N N 201 
HIS N   H    sing N N 202 
HIS N   H2   sing N N 203 
HIS CA  C    sing N N 204 
HIS CA  CB   sing N N 205 
HIS CA  HA   sing N N 206 
HIS C   O    doub N N 207 
HIS C   OXT  sing N N 208 
HIS CB  CG   sing N N 209 
HIS CB  HB2  sing N N 210 
HIS CB  HB3  sing N N 211 
HIS CG  ND1  sing Y N 212 
HIS CG  CD2  doub Y N 213 
HIS ND1 CE1  doub Y N 214 
HIS ND1 HD1  sing N N 215 
HIS CD2 NE2  sing Y N 216 
HIS CD2 HD2  sing N N 217 
HIS CE1 NE2  sing Y N 218 
HIS CE1 HE1  sing N N 219 
HIS NE2 HE2  sing N N 220 
HIS OXT HXT  sing N N 221 
HOH O   H1   sing N N 222 
HOH O   H2   sing N N 223 
ILE N   CA   sing N N 224 
ILE N   H    sing N N 225 
ILE N   H2   sing N N 226 
ILE CA  C    sing N N 227 
ILE CA  CB   sing N N 228 
ILE CA  HA   sing N N 229 
ILE C   O    doub N N 230 
ILE C   OXT  sing N N 231 
ILE CB  CG1  sing N N 232 
ILE CB  CG2  sing N N 233 
ILE CB  HB   sing N N 234 
ILE CG1 CD1  sing N N 235 
ILE CG1 HG12 sing N N 236 
ILE CG1 HG13 sing N N 237 
ILE CG2 HG21 sing N N 238 
ILE CG2 HG22 sing N N 239 
ILE CG2 HG23 sing N N 240 
ILE CD1 HD11 sing N N 241 
ILE CD1 HD12 sing N N 242 
ILE CD1 HD13 sing N N 243 
ILE OXT HXT  sing N N 244 
LEU N   CA   sing N N 245 
LEU N   H    sing N N 246 
LEU N   H2   sing N N 247 
LEU CA  C    sing N N 248 
LEU CA  CB   sing N N 249 
LEU CA  HA   sing N N 250 
LEU C   O    doub N N 251 
LEU C   OXT  sing N N 252 
LEU CB  CG   sing N N 253 
LEU CB  HB2  sing N N 254 
LEU CB  HB3  sing N N 255 
LEU CG  CD1  sing N N 256 
LEU CG  CD2  sing N N 257 
LEU CG  HG   sing N N 258 
LEU CD1 HD11 sing N N 259 
LEU CD1 HD12 sing N N 260 
LEU CD1 HD13 sing N N 261 
LEU CD2 HD21 sing N N 262 
LEU CD2 HD22 sing N N 263 
LEU CD2 HD23 sing N N 264 
LEU OXT HXT  sing N N 265 
LYS N   CA   sing N N 266 
LYS N   H    sing N N 267 
LYS N   H2   sing N N 268 
LYS CA  C    sing N N 269 
LYS CA  CB   sing N N 270 
LYS CA  HA   sing N N 271 
LYS C   O    doub N N 272 
LYS C   OXT  sing N N 273 
LYS CB  CG   sing N N 274 
LYS CB  HB2  sing N N 275 
LYS CB  HB3  sing N N 276 
LYS CG  CD   sing N N 277 
LYS CG  HG2  sing N N 278 
LYS CG  HG3  sing N N 279 
LYS CD  CE   sing N N 280 
LYS CD  HD2  sing N N 281 
LYS CD  HD3  sing N N 282 
LYS CE  NZ   sing N N 283 
LYS CE  HE2  sing N N 284 
LYS CE  HE3  sing N N 285 
LYS NZ  HZ1  sing N N 286 
LYS NZ  HZ2  sing N N 287 
LYS NZ  HZ3  sing N N 288 
LYS OXT HXT  sing N N 289 
MET N   CA   sing N N 290 
MET N   H    sing N N 291 
MET N   H2   sing N N 292 
MET CA  C    sing N N 293 
MET CA  CB   sing N N 294 
MET CA  HA   sing N N 295 
MET C   O    doub N N 296 
MET C   OXT  sing N N 297 
MET CB  CG   sing N N 298 
MET CB  HB2  sing N N 299 
MET CB  HB3  sing N N 300 
MET CG  SD   sing N N 301 
MET CG  HG2  sing N N 302 
MET CG  HG3  sing N N 303 
MET SD  CE   sing N N 304 
MET CE  HE1  sing N N 305 
MET CE  HE2  sing N N 306 
MET CE  HE3  sing N N 307 
MET OXT HXT  sing N N 308 
PHE N   CA   sing N N 309 
PHE N   H    sing N N 310 
PHE N   H2   sing N N 311 
PHE CA  C    sing N N 312 
PHE CA  CB   sing N N 313 
PHE CA  HA   sing N N 314 
PHE C   O    doub N N 315 
PHE C   OXT  sing N N 316 
PHE CB  CG   sing N N 317 
PHE CB  HB2  sing N N 318 
PHE CB  HB3  sing N N 319 
PHE CG  CD1  doub Y N 320 
PHE CG  CD2  sing Y N 321 
PHE CD1 CE1  sing Y N 322 
PHE CD1 HD1  sing N N 323 
PHE CD2 CE2  doub Y N 324 
PHE CD2 HD2  sing N N 325 
PHE CE1 CZ   doub Y N 326 
PHE CE1 HE1  sing N N 327 
PHE CE2 CZ   sing Y N 328 
PHE CE2 HE2  sing N N 329 
PHE CZ  HZ   sing N N 330 
PHE OXT HXT  sing N N 331 
PRO N   CA   sing N N 332 
PRO N   CD   sing N N 333 
PRO N   H    sing N N 334 
PRO CA  C    sing N N 335 
PRO CA  CB   sing N N 336 
PRO CA  HA   sing N N 337 
PRO C   O    doub N N 338 
PRO C   OXT  sing N N 339 
PRO CB  CG   sing N N 340 
PRO CB  HB2  sing N N 341 
PRO CB  HB3  sing N N 342 
PRO CG  CD   sing N N 343 
PRO CG  HG2  sing N N 344 
PRO CG  HG3  sing N N 345 
PRO CD  HD2  sing N N 346 
PRO CD  HD3  sing N N 347 
PRO OXT HXT  sing N N 348 
SER N   CA   sing N N 349 
SER N   H    sing N N 350 
SER N   H2   sing N N 351 
SER CA  C    sing N N 352 
SER CA  CB   sing N N 353 
SER CA  HA   sing N N 354 
SER C   O    doub N N 355 
SER C   OXT  sing N N 356 
SER CB  OG   sing N N 357 
SER CB  HB2  sing N N 358 
SER CB  HB3  sing N N 359 
SER OG  HG   sing N N 360 
SER OXT HXT  sing N N 361 
SO4 S   O1   doub N N 362 
SO4 S   O2   doub N N 363 
SO4 S   O3   sing N N 364 
SO4 S   O4   sing N N 365 
THR N   CA   sing N N 366 
THR N   H    sing N N 367 
THR N   H2   sing N N 368 
THR CA  C    sing N N 369 
THR CA  CB   sing N N 370 
THR CA  HA   sing N N 371 
THR C   O    doub N N 372 
THR C   OXT  sing N N 373 
THR CB  OG1  sing N N 374 
THR CB  CG2  sing N N 375 
THR CB  HB   sing N N 376 
THR OG1 HG1  sing N N 377 
THR CG2 HG21 sing N N 378 
THR CG2 HG22 sing N N 379 
THR CG2 HG23 sing N N 380 
THR OXT HXT  sing N N 381 
TRP N   CA   sing N N 382 
TRP N   H    sing N N 383 
TRP N   H2   sing N N 384 
TRP CA  C    sing N N 385 
TRP CA  CB   sing N N 386 
TRP CA  HA   sing N N 387 
TRP C   O    doub N N 388 
TRP C   OXT  sing N N 389 
TRP CB  CG   sing N N 390 
TRP CB  HB2  sing N N 391 
TRP CB  HB3  sing N N 392 
TRP CG  CD1  doub Y N 393 
TRP CG  CD2  sing Y N 394 
TRP CD1 NE1  sing Y N 395 
TRP CD1 HD1  sing N N 396 
TRP CD2 CE2  doub Y N 397 
TRP CD2 CE3  sing Y N 398 
TRP NE1 CE2  sing Y N 399 
TRP NE1 HE1  sing N N 400 
TRP CE2 CZ2  sing Y N 401 
TRP CE3 CZ3  doub Y N 402 
TRP CE3 HE3  sing N N 403 
TRP CZ2 CH2  doub Y N 404 
TRP CZ2 HZ2  sing N N 405 
TRP CZ3 CH2  sing Y N 406 
TRP CZ3 HZ3  sing N N 407 
TRP CH2 HH2  sing N N 408 
TRP OXT HXT  sing N N 409 
TYR N   CA   sing N N 410 
TYR N   H    sing N N 411 
TYR N   H2   sing N N 412 
TYR CA  C    sing N N 413 
TYR CA  CB   sing N N 414 
TYR CA  HA   sing N N 415 
TYR C   O    doub N N 416 
TYR C   OXT  sing N N 417 
TYR CB  CG   sing N N 418 
TYR CB  HB2  sing N N 419 
TYR CB  HB3  sing N N 420 
TYR CG  CD1  doub Y N 421 
TYR CG  CD2  sing Y N 422 
TYR CD1 CE1  sing Y N 423 
TYR CD1 HD1  sing N N 424 
TYR CD2 CE2  doub Y N 425 
TYR CD2 HD2  sing N N 426 
TYR CE1 CZ   doub Y N 427 
TYR CE1 HE1  sing N N 428 
TYR CE2 CZ   sing Y N 429 
TYR CE2 HE2  sing N N 430 
TYR CZ  OH   sing N N 431 
TYR OH  HH   sing N N 432 
TYR OXT HXT  sing N N 433 
VAL N   CA   sing N N 434 
VAL N   H    sing N N 435 
VAL N   H2   sing N N 436 
VAL CA  C    sing N N 437 
VAL CA  CB   sing N N 438 
VAL CA  HA   sing N N 439 
VAL C   O    doub N N 440 
VAL C   OXT  sing N N 441 
VAL CB  CG1  sing N N 442 
VAL CB  CG2  sing N N 443 
VAL CB  HB   sing N N 444 
VAL CG1 HG11 sing N N 445 
VAL CG1 HG12 sing N N 446 
VAL CG1 HG13 sing N N 447 
VAL CG2 HG21 sing N N 448 
VAL CG2 HG22 sing N N 449 
VAL CG2 HG23 sing N N 450 
VAL OXT HXT  sing N N 451 
# 
_pdbx_entity_instance_feature.ordinal        1 
_pdbx_entity_instance_feature.comp_id        CHD 
_pdbx_entity_instance_feature.asym_id        ? 
_pdbx_entity_instance_feature.seq_num        ? 
_pdbx_entity_instance_feature.auth_comp_id   CHD 
_pdbx_entity_instance_feature.auth_asym_id   ? 
_pdbx_entity_instance_feature.auth_seq_num   ? 
_pdbx_entity_instance_feature.feature_type   'SUBJECT OF INVESTIGATION' 
_pdbx_entity_instance_feature.details        ? 
# 
loop_
_pdbx_entity_nonpoly.entity_id 
_pdbx_entity_nonpoly.name 
_pdbx_entity_nonpoly.comp_id 
2 'SULFATE ION' SO4 
3 'CHOLIC ACID' CHD 
4 water         HOH 
# 
_pdbx_initial_refinement_model.id               1 
_pdbx_initial_refinement_model.entity_id_list   ? 
_pdbx_initial_refinement_model.type             'experimental model' 
_pdbx_initial_refinement_model.source_name      PDB 
_pdbx_initial_refinement_model.accession_code   3VVX 
_pdbx_initial_refinement_model.details          ? 
# 
_pdbx_struct_assembly_auth_evidence.id                     1 
_pdbx_struct_assembly_auth_evidence.assembly_id            1 
_pdbx_struct_assembly_auth_evidence.experimental_support   'gel filtration' 
_pdbx_struct_assembly_auth_evidence.details                ? 
# 
